data_4FF3
#
_entry.id   4FF3
#
_cell.length_a   82.019
_cell.length_b   111.652
_cell.length_c   276.145
_cell.angle_alpha   90.00
_cell.angle_beta   90.00
_cell.angle_gamma   90.00
#
_symmetry.space_group_name_H-M   'P 21 21 21'
#
loop_
_entity.id
_entity.type
_entity.pdbx_description
1 polymer 'Virion RNA polymerase'
2 polymer 'Bacteriophage N4 P2 promoter'
3 non-polymer "ADENOSINE-5'-TRIPHOSPHATE"
4 non-polymer 'MANGANESE (II) ION'
5 non-polymer 'PHOSPHATE ION'
6 non-polymer "GUANOSINE-5'-MONOPHOSPHATE"
7 water water
#
loop_
_entity_poly.entity_id
_entity_poly.type
_entity_poly.pdbx_seq_one_letter_code
_entity_poly.pdbx_strand_id
1 'polypeptide(L)'
;MGGSHHHHHHRSESTVTEELKEGIDAVYPSLVGTADSKAEGIKNYFKLSFTLPEEQKSRTVGSEAPLKDVAQALSSRARY
ELFTEKETANPAFNGEVIKRYKELMEHGEGIADILRSRLAKFLNTKDVGKRFAQGTEANRWVGGKLLNIVEQDGDTFKYN
EQLLQTAVLAGLQWRLTATSNTAIKDAKDVAAITGIDQALLPEGLVEQFDTGMTLTEAVSSLAQKIESYWGLSRNPNAPL
GYTKGIPTAMAAEILAAFVESTDVVENIVDMSEIDPDNKKTIGLYTITELDSFDPINSFPTAIEEAVLVNPTEKMFFGDD
IPPVANTQLRNPAVRNTPEQKAALKAEQATEFYVHTPMVQFYETLGKDRILELMGAGTLNKELLNDNHAKSLEGKNRSVE
DSYNQLFSVIEQVRAQSEDISTVPIHYAYNMTRVGRMQMLGKYNPQSAKLVREAILPTKATLDLSNQNNEDFSAFQLGLA
QALDIKVHTMTREVMSDELTKLLEGNLKPAIDMMVEFNTTGSLPENAVDVLNTALGDRKSFVALMALMEYSRYLVAEDKS
AFVTPLYVEADGVTNGPINAMMLMTGGLFTPDWIRNIAKGGLFIGSPNKTMNEHRSTADNNDLYQASTNALMESLGKLRS
NYASNMPIQSQIDSLLSLMDLFLPDINLGENGALELKRGIAKNPLTITIYGSGARGIAGKLVSSVTDAIYERMSDVLKAR
AKDPNISAAMAMFGKQAASEAHAEELLARFLKDMETLTSTVPVKRKGVLELQSTGTGAKGKINPKTYTIKGEQLKALQEN
MLHFFVEPLRNGITQTVGESLVYSTEQLQKATQIQSVVLEDMFKQRVQEKLAEKAKDPTWKKGDFLTQKELNDIQASLNN
LAPMIETGSQTFYIAGSENAEVANQVLATNLDDRMRVPMSIYAPAQAGVAGIPFMTIGTGDGMMMQTLSTMKGAPKNTLK
IFDGMNIGLNDITDASRKANEAVYTSWQGNPIKNVYESYAKFMKNVDFSKLSPEALEAIGKSALEYDQRENATVDDIANA
ASLIERNLRNIALGVDIRHKVLDKVNLSIDQMAAVGAPYQNNGKIDLSNMTPEQQADELNKLFREELEARKQKVAKAR
;
A,B
2 'polydeoxyribonucleotide'
;(DT)(DG)(DC)(DC)(DT)(DC)(DC)(DC)(DA)(DG)(DG)(DC)(DA)(DT)(DT)(DC)(DA)(DA)(DA)(DA)
(DG)(DA)(DA)(DG)(DC)(DG)(DG)(DA)(DG)(DC)(DT)(DT)(DC)(DT)(DT)(DC)
;
C,D
#
# COMPACT_ATOMS: atom_id res chain seq x y z
N GLU A 18 33.02 -40.85 -15.53
CA GLU A 18 32.40 -40.55 -14.25
C GLU A 18 33.39 -39.82 -13.33
N GLU A 19 33.93 -38.71 -13.82
CA GLU A 19 34.73 -37.83 -12.98
C GLU A 19 33.83 -36.74 -12.43
N LEU A 20 32.52 -36.99 -12.53
CA LEU A 20 31.50 -36.08 -12.03
C LEU A 20 31.74 -35.79 -10.55
N LYS A 21 32.15 -36.81 -9.83
CA LYS A 21 32.46 -36.71 -8.41
C LYS A 21 33.53 -35.66 -8.14
N GLU A 22 34.60 -35.68 -8.93
CA GLU A 22 35.69 -34.72 -8.77
C GLU A 22 35.28 -33.34 -9.26
N GLY A 23 34.34 -33.30 -10.20
CA GLY A 23 33.84 -32.06 -10.75
C GLY A 23 33.01 -31.28 -9.73
N ILE A 24 32.06 -31.97 -9.10
CA ILE A 24 31.21 -31.33 -8.10
C ILE A 24 32.03 -30.97 -6.86
N ASP A 25 33.07 -31.75 -6.59
CA ASP A 25 33.94 -31.50 -5.45
C ASP A 25 34.83 -30.29 -5.68
N ALA A 26 35.22 -30.07 -6.94
CA ALA A 26 35.98 -28.90 -7.32
C ALA A 26 35.20 -27.63 -7.03
N VAL A 27 33.88 -27.70 -7.15
CA VAL A 27 33.02 -26.54 -6.98
C VAL A 27 32.65 -26.29 -5.52
N TYR A 28 32.51 -27.37 -4.74
CA TYR A 28 32.20 -27.24 -3.31
C TYR A 28 33.14 -28.11 -2.48
N PRO A 29 34.43 -27.74 -2.45
CA PRO A 29 35.43 -28.59 -1.82
C PRO A 29 35.37 -28.59 -0.29
N SER A 30 34.65 -27.66 0.30
CA SER A 30 34.68 -27.51 1.75
C SER A 30 33.42 -27.92 2.48
N LEU A 31 32.43 -28.44 1.75
CA LEU A 31 31.25 -29.01 2.39
C LEU A 31 31.72 -30.14 3.30
N VAL A 32 31.05 -30.30 4.44
CA VAL A 32 31.49 -31.27 5.43
C VAL A 32 31.11 -32.71 5.06
N GLY A 33 32.06 -33.63 5.19
CA GLY A 33 31.80 -35.03 4.91
C GLY A 33 32.45 -35.50 3.62
N THR A 34 32.43 -36.80 3.38
CA THR A 34 33.05 -37.35 2.19
C THR A 34 31.98 -37.79 1.21
N ALA A 35 32.19 -37.50 -0.06
CA ALA A 35 31.24 -37.88 -1.10
C ALA A 35 31.42 -39.34 -1.50
N ASP A 36 31.09 -40.23 -0.57
CA ASP A 36 31.08 -41.67 -0.85
C ASP A 36 30.06 -42.33 0.07
N SER A 37 29.04 -42.94 -0.54
CA SER A 37 27.94 -43.53 0.22
C SER A 37 28.39 -44.70 1.10
N LYS A 38 29.56 -45.24 0.81
CA LYS A 38 30.10 -46.37 1.56
C LYS A 38 31.09 -45.94 2.64
N ALA A 39 31.34 -44.63 2.72
CA ALA A 39 32.30 -44.10 3.69
C ALA A 39 31.86 -44.37 5.13
N GLU A 40 32.81 -44.28 6.05
CA GLU A 40 32.56 -44.63 7.45
C GLU A 40 31.89 -43.51 8.24
N GLY A 41 32.54 -42.36 8.30
CA GLY A 41 32.03 -41.24 9.08
C GLY A 41 30.90 -40.48 8.40
N ILE A 42 30.92 -39.16 8.56
CA ILE A 42 29.93 -38.29 7.93
C ILE A 42 30.06 -38.32 6.42
N LYS A 43 28.94 -38.53 5.74
CA LYS A 43 28.92 -38.54 4.28
C LYS A 43 28.19 -37.31 3.78
N ASN A 44 28.68 -36.70 2.71
CA ASN A 44 28.00 -35.51 2.17
C ASN A 44 27.01 -35.86 1.08
N TYR A 45 25.72 -35.77 1.40
CA TYR A 45 24.68 -36.20 0.48
C TYR A 45 24.27 -35.15 -0.54
N PHE A 46 24.85 -33.96 -0.45
CA PHE A 46 24.66 -32.96 -1.49
C PHE A 46 25.52 -33.34 -2.72
N LYS A 47 26.77 -33.69 -2.47
CA LYS A 47 27.68 -34.08 -3.56
C LYS A 47 27.32 -35.46 -4.13
N LEU A 48 26.71 -36.30 -3.31
CA LEU A 48 26.25 -37.60 -3.76
C LEU A 48 24.99 -37.48 -4.61
N SER A 49 24.19 -36.44 -4.34
CA SER A 49 22.88 -36.30 -4.98
C SER A 49 22.90 -35.48 -6.27
N PHE A 50 23.83 -34.55 -6.38
CA PHE A 50 23.83 -33.64 -7.52
C PHE A 50 25.14 -33.65 -8.31
N THR A 51 25.02 -33.42 -9.61
CA THR A 51 26.18 -33.33 -10.49
C THR A 51 26.13 -32.05 -11.31
N LEU A 52 27.28 -31.62 -11.82
CA LEU A 52 27.35 -30.46 -12.70
C LEU A 52 26.74 -30.80 -14.06
N PRO A 53 25.88 -29.92 -14.58
CA PRO A 53 25.32 -30.19 -15.90
C PRO A 53 26.38 -29.95 -16.96
N GLU A 54 26.28 -30.67 -18.07
CA GLU A 54 27.21 -30.49 -19.18
C GLU A 54 27.00 -29.13 -19.83
N GLU A 55 25.77 -28.63 -19.71
CA GLU A 55 25.41 -27.32 -20.24
C GLU A 55 24.91 -26.44 -19.10
N GLN A 56 25.52 -25.27 -18.95
CA GLN A 56 25.18 -24.35 -17.87
C GLN A 56 23.69 -24.05 -17.83
N LYS A 57 23.12 -24.07 -16.62
CA LYS A 57 21.71 -23.77 -16.44
C LYS A 57 21.53 -22.52 -15.59
N SER A 58 22.47 -22.29 -14.69
CA SER A 58 22.44 -21.15 -13.79
C SER A 58 23.74 -20.37 -13.81
N ARG A 59 23.64 -19.04 -13.77
CA ARG A 59 24.82 -18.18 -13.82
C ARG A 59 25.46 -17.93 -12.45
N THR A 60 24.88 -18.52 -11.41
CA THR A 60 25.42 -18.35 -10.06
C THR A 60 26.34 -19.51 -9.66
N VAL A 61 26.34 -20.57 -10.46
CA VAL A 61 27.22 -21.71 -10.21
C VAL A 61 28.67 -21.26 -10.33
N GLY A 62 29.44 -21.42 -9.27
CA GLY A 62 30.84 -21.02 -9.27
C GLY A 62 31.07 -19.66 -8.63
N SER A 63 30.00 -18.91 -8.44
CA SER A 63 30.07 -17.59 -7.83
C SER A 63 30.27 -17.73 -6.32
N GLU A 64 31.28 -17.05 -5.78
CA GLU A 64 31.50 -17.13 -4.34
C GLU A 64 30.50 -16.28 -3.54
N ALA A 65 29.88 -15.31 -4.20
CA ALA A 65 28.87 -14.48 -3.53
C ALA A 65 27.74 -14.07 -4.47
N PRO A 66 26.81 -15.00 -4.76
CA PRO A 66 25.69 -14.80 -5.69
C PRO A 66 24.89 -13.51 -5.43
N LEU A 67 24.54 -13.23 -4.17
CA LEU A 67 23.76 -12.04 -3.85
C LEU A 67 24.50 -10.78 -4.25
N LYS A 68 25.79 -10.73 -3.92
CA LYS A 68 26.64 -9.62 -4.31
C LYS A 68 26.74 -9.53 -5.84
N ASP A 69 27.01 -10.67 -6.48
CA ASP A 69 27.18 -10.70 -7.94
C ASP A 69 25.92 -10.34 -8.71
N VAL A 70 24.78 -10.90 -8.30
CA VAL A 70 23.53 -10.62 -8.99
C VAL A 70 23.06 -9.19 -8.72
N ALA A 71 23.24 -8.71 -7.49
CA ALA A 71 22.92 -7.32 -7.19
C ALA A 71 23.72 -6.38 -8.08
N GLN A 72 24.98 -6.73 -8.31
CA GLN A 72 25.85 -5.95 -9.19
C GLN A 72 25.32 -5.97 -10.63
N ALA A 73 24.90 -7.14 -11.09
CA ALA A 73 24.30 -7.28 -12.40
C ALA A 73 23.06 -6.38 -12.54
N LEU A 74 22.25 -6.35 -11.49
CA LEU A 74 21.02 -5.58 -11.49
C LEU A 74 21.25 -4.08 -11.26
N SER A 75 22.49 -3.68 -11.03
CA SER A 75 22.74 -2.29 -10.65
C SER A 75 22.69 -1.30 -11.82
N SER A 76 22.76 -1.81 -13.05
CA SER A 76 22.62 -0.97 -14.23
C SER A 76 22.31 -1.82 -15.46
N ARG A 77 21.76 -1.19 -16.48
CA ARG A 77 21.44 -1.90 -17.73
C ARG A 77 22.70 -2.47 -18.37
N ALA A 78 23.79 -1.72 -18.32
CA ALA A 78 25.04 -2.14 -18.95
C ALA A 78 25.59 -3.38 -18.26
N ARG A 79 25.53 -3.40 -16.93
CA ARG A 79 26.01 -4.55 -16.16
C ARG A 79 25.10 -5.76 -16.33
N TYR A 80 23.80 -5.53 -16.41
CA TYR A 80 22.83 -6.61 -16.60
C TYR A 80 23.05 -7.28 -17.95
N GLU A 81 23.24 -6.45 -18.97
CA GLU A 81 23.47 -6.93 -20.32
C GLU A 81 24.76 -7.75 -20.39
N LEU A 82 25.79 -7.28 -19.68
CA LEU A 82 27.08 -7.96 -19.66
C LEU A 82 27.00 -9.28 -18.89
N PHE A 83 26.27 -9.27 -17.79
CA PHE A 83 26.08 -10.47 -16.97
C PHE A 83 25.31 -11.54 -17.72
N THR A 84 24.22 -11.14 -18.36
CA THR A 84 23.38 -12.08 -19.09
C THR A 84 23.97 -12.38 -20.47
N GLU A 85 25.07 -11.73 -20.79
CA GLU A 85 25.74 -11.89 -22.08
C GLU A 85 24.79 -11.62 -23.24
N LYS A 86 23.96 -10.59 -23.09
CA LYS A 86 22.99 -10.23 -24.12
C LYS A 86 23.12 -8.74 -24.48
N GLU A 87 22.95 -8.43 -25.76
CA GLU A 87 23.14 -7.06 -26.25
C GLU A 87 22.17 -6.04 -25.66
N THR A 88 20.89 -6.40 -25.59
CA THR A 88 19.90 -5.48 -25.04
C THR A 88 19.13 -6.14 -23.89
N ALA A 89 18.75 -5.34 -22.91
CA ALA A 89 17.91 -5.81 -21.82
C ALA A 89 16.48 -5.32 -22.02
N ASN A 90 15.53 -6.00 -21.37
CA ASN A 90 14.13 -5.59 -21.37
C ASN A 90 14.04 -4.09 -21.03
N PRO A 91 13.44 -3.31 -21.93
CA PRO A 91 13.28 -1.86 -21.74
C PRO A 91 12.60 -1.49 -20.42
N ALA A 92 11.77 -2.38 -19.89
CA ALA A 92 11.12 -2.13 -18.60
C ALA A 92 12.13 -2.05 -17.45
N PHE A 93 13.34 -2.55 -17.69
CA PHE A 93 14.40 -2.48 -16.68
C PHE A 93 15.04 -1.10 -16.72
N ASN A 94 14.33 -0.11 -16.20
CA ASN A 94 14.76 1.27 -16.23
C ASN A 94 15.19 1.76 -14.86
N GLY A 95 15.32 3.08 -14.73
CA GLY A 95 15.81 3.72 -13.52
C GLY A 95 15.05 3.41 -12.24
N GLU A 96 13.74 3.62 -12.25
CA GLU A 96 12.93 3.34 -11.06
C GLU A 96 12.95 1.85 -10.69
N VAL A 97 12.92 1.00 -11.70
CA VAL A 97 12.92 -0.44 -11.45
C VAL A 97 14.23 -0.88 -10.86
N ILE A 98 15.32 -0.30 -11.38
CA ILE A 98 16.66 -0.60 -10.89
C ILE A 98 16.82 -0.23 -9.42
N LYS A 99 16.26 0.91 -9.03
CA LYS A 99 16.30 1.35 -7.64
C LYS A 99 15.52 0.39 -6.75
N ARG A 100 14.40 -0.12 -7.24
CA ARG A 100 13.62 -1.06 -6.46
C ARG A 100 14.36 -2.39 -6.26
N TYR A 101 15.02 -2.88 -7.31
CA TYR A 101 15.81 -4.09 -7.18
C TYR A 101 17.01 -3.90 -6.25
N LYS A 102 17.55 -2.69 -6.22
CA LYS A 102 18.63 -2.40 -5.28
C LYS A 102 18.14 -2.64 -3.85
N GLU A 103 16.94 -2.15 -3.57
CA GLU A 103 16.32 -2.32 -2.27
C GLU A 103 15.97 -3.78 -1.96
N LEU A 104 15.54 -4.52 -2.99
CA LEU A 104 15.18 -5.93 -2.80
C LEU A 104 16.42 -6.79 -2.56
N MET A 105 17.53 -6.43 -3.20
CA MET A 105 18.79 -7.13 -2.97
C MET A 105 19.25 -6.91 -1.53
N GLU A 106 19.03 -5.70 -1.02
CA GLU A 106 19.32 -5.38 0.38
C GLU A 106 18.50 -6.28 1.30
N HIS A 107 17.23 -6.49 0.94
CA HIS A 107 16.35 -7.38 1.68
C HIS A 107 16.85 -8.83 1.61
N GLY A 108 17.43 -9.19 0.47
CA GLY A 108 18.01 -10.51 0.31
C GLY A 108 19.08 -10.76 1.35
N GLU A 109 19.86 -9.73 1.66
CA GLU A 109 20.88 -9.84 2.69
C GLU A 109 20.24 -10.07 4.07
N GLY A 110 19.10 -9.44 4.29
CA GLY A 110 18.34 -9.66 5.51
C GLY A 110 17.84 -11.09 5.64
N ILE A 111 17.37 -11.67 4.55
CA ILE A 111 16.88 -13.04 4.58
C ILE A 111 18.04 -14.00 4.83
N ALA A 112 19.17 -13.72 4.19
CA ALA A 112 20.38 -14.52 4.38
C ALA A 112 20.83 -14.46 5.83
N ASP A 113 20.76 -13.27 6.43
CA ASP A 113 21.17 -13.09 7.82
C ASP A 113 20.28 -13.84 8.79
N ILE A 114 18.97 -13.86 8.52
CA ILE A 114 18.05 -14.61 9.36
C ILE A 114 18.36 -16.10 9.29
N LEU A 115 18.57 -16.59 8.08
CA LEU A 115 18.91 -18.00 7.86
C LEU A 115 20.17 -18.41 8.60
N ARG A 116 21.20 -17.57 8.56
CA ARG A 116 22.44 -17.90 9.27
C ARG A 116 22.21 -18.02 10.78
N SER A 117 21.40 -17.12 11.35
CA SER A 117 21.10 -17.16 12.78
C SER A 117 20.28 -18.37 13.17
N ARG A 118 19.33 -18.75 12.31
CA ARG A 118 18.52 -19.93 12.54
C ARG A 118 19.40 -21.17 12.59
N LEU A 119 20.37 -21.26 11.68
CA LEU A 119 21.32 -22.37 11.66
C LEU A 119 22.12 -22.42 12.97
N ALA A 120 22.65 -21.26 13.37
CA ALA A 120 23.41 -21.16 14.61
C ALA A 120 22.59 -21.66 15.80
N LYS A 121 21.31 -21.31 15.82
CA LYS A 121 20.42 -21.74 16.89
C LYS A 121 20.25 -23.25 16.87
N PHE A 122 20.03 -23.80 15.68
CA PHE A 122 19.85 -25.23 15.50
C PHE A 122 21.06 -26.03 15.99
N LEU A 123 22.25 -25.54 15.64
CA LEU A 123 23.49 -26.22 16.01
C LEU A 123 23.71 -26.21 17.52
N ASN A 124 23.32 -25.12 18.18
CA ASN A 124 23.51 -24.98 19.61
C ASN A 124 22.52 -25.81 20.42
N THR A 125 21.27 -25.82 19.99
CA THR A 125 20.21 -26.53 20.70
C THR A 125 20.41 -28.05 20.70
N LYS A 126 20.36 -28.64 21.89
CA LYS A 126 20.58 -30.07 22.10
C LYS A 126 21.95 -30.53 21.61
N ASP A 127 22.90 -29.59 21.63
CA ASP A 127 24.29 -29.84 21.22
C ASP A 127 24.44 -30.56 19.87
N VAL A 128 23.52 -30.29 18.96
CA VAL A 128 23.53 -30.97 17.67
C VAL A 128 24.83 -30.74 16.89
N GLY A 129 25.31 -29.50 16.87
CA GLY A 129 26.55 -29.18 16.18
C GLY A 129 27.74 -29.91 16.76
N LYS A 130 27.79 -29.99 18.09
CA LYS A 130 28.87 -30.66 18.78
C LYS A 130 28.81 -32.16 18.49
N ARG A 131 27.61 -32.71 18.48
CA ARG A 131 27.42 -34.13 18.22
C ARG A 131 27.72 -34.49 16.77
N PHE A 132 27.30 -33.61 15.87
CA PHE A 132 27.56 -33.76 14.44
C PHE A 132 29.06 -33.82 14.21
N ALA A 133 29.79 -32.91 14.87
CA ALA A 133 31.24 -32.87 14.76
C ALA A 133 31.88 -34.15 15.29
N GLN A 134 31.22 -34.80 16.23
CA GLN A 134 31.73 -36.03 16.83
C GLN A 134 31.33 -37.26 16.03
N GLY A 135 30.53 -37.05 14.99
CA GLY A 135 30.24 -38.11 14.06
C GLY A 135 28.82 -38.66 14.01
N THR A 136 27.92 -38.14 14.83
CA THR A 136 26.53 -38.56 14.71
C THR A 136 25.96 -37.97 13.41
N GLU A 137 25.30 -38.82 12.63
CA GLU A 137 24.88 -38.43 11.29
C GLU A 137 23.60 -37.61 11.30
N ALA A 138 23.68 -36.42 11.89
CA ALA A 138 22.54 -35.52 11.99
C ALA A 138 22.12 -35.01 10.61
N ASN A 139 23.05 -35.04 9.66
CA ASN A 139 22.79 -34.61 8.29
C ASN A 139 21.87 -35.57 7.54
N ARG A 140 21.42 -36.62 8.21
CA ARG A 140 20.49 -37.57 7.60
C ARG A 140 19.14 -37.56 8.30
N TRP A 141 19.01 -36.73 9.34
CA TRP A 141 17.73 -36.54 10.01
C TRP A 141 16.79 -35.73 9.13
N VAL A 142 15.48 -35.86 9.37
CA VAL A 142 14.50 -35.09 8.59
C VAL A 142 14.69 -33.59 8.76
N GLY A 143 15.22 -33.18 9.91
CA GLY A 143 15.45 -31.77 10.16
C GLY A 143 16.89 -31.30 9.97
N GLY A 144 17.78 -32.21 9.56
CA GLY A 144 19.19 -31.88 9.48
C GLY A 144 19.83 -31.96 8.11
N LYS A 145 19.01 -32.16 7.08
CA LYS A 145 19.54 -32.32 5.72
C LYS A 145 20.29 -31.09 5.21
N LEU A 146 19.99 -29.92 5.78
CA LEU A 146 20.76 -28.73 5.45
C LEU A 146 22.21 -28.82 5.91
N LEU A 147 22.51 -29.73 6.84
CA LEU A 147 23.89 -29.95 7.27
C LEU A 147 24.76 -30.50 6.16
N ASN A 148 24.14 -30.90 5.06
CA ASN A 148 24.88 -31.32 3.88
C ASN A 148 25.40 -30.15 3.07
N ILE A 149 24.95 -28.95 3.38
CA ILE A 149 25.47 -27.77 2.68
C ILE A 149 26.18 -26.78 3.61
N VAL A 150 26.64 -27.26 4.75
CA VAL A 150 27.44 -26.43 5.65
C VAL A 150 28.93 -26.78 5.57
N GLU A 151 29.75 -25.92 6.15
CA GLU A 151 31.18 -26.10 6.15
C GLU A 151 31.68 -25.89 7.57
N GLN A 152 32.76 -26.57 7.91
CA GLN A 152 33.36 -26.42 9.23
C GLN A 152 33.83 -24.98 9.40
N ASP A 153 33.62 -24.44 10.59
CA ASP A 153 34.07 -23.08 10.89
C ASP A 153 34.51 -23.02 12.34
N GLY A 154 35.77 -23.32 12.59
CA GLY A 154 36.29 -23.40 13.94
C GLY A 154 35.59 -24.51 14.70
N ASP A 155 35.07 -24.17 15.88
CA ASP A 155 34.38 -25.17 16.70
C ASP A 155 32.94 -25.41 16.27
N THR A 156 32.53 -24.81 15.15
CA THR A 156 31.14 -24.93 14.70
C THR A 156 31.03 -25.06 13.18
N PHE A 157 29.84 -24.76 12.65
CA PHE A 157 29.60 -24.88 11.22
C PHE A 157 28.91 -23.64 10.66
N LYS A 158 29.07 -23.43 9.35
CA LYS A 158 28.45 -22.31 8.66
C LYS A 158 27.96 -22.76 7.29
N TYR A 159 26.91 -22.11 6.80
CA TYR A 159 26.41 -22.35 5.45
C TYR A 159 27.50 -22.12 4.42
N ASN A 160 27.52 -22.95 3.38
CA ASN A 160 28.25 -22.61 2.18
C ASN A 160 27.57 -21.38 1.57
N GLU A 161 28.31 -20.27 1.43
CA GLU A 161 27.69 -19.02 0.98
C GLU A 161 27.12 -19.06 -0.44
N GLN A 162 27.76 -19.81 -1.34
CA GLN A 162 27.25 -19.90 -2.71
C GLN A 162 25.86 -20.53 -2.76
N LEU A 163 25.68 -21.64 -2.03
CA LEU A 163 24.42 -22.36 -2.07
C LEU A 163 23.34 -21.59 -1.31
N LEU A 164 23.74 -20.99 -0.18
CA LEU A 164 22.82 -20.19 0.62
C LEU A 164 22.28 -18.98 -0.14
N GLN A 165 23.18 -18.18 -0.68
CA GLN A 165 22.77 -16.94 -1.34
C GLN A 165 22.01 -17.20 -2.64
N THR A 166 22.32 -18.30 -3.31
CA THR A 166 21.60 -18.66 -4.52
C THR A 166 20.17 -19.05 -4.16
N ALA A 167 20.01 -19.74 -3.04
CA ALA A 167 18.69 -20.15 -2.59
C ALA A 167 17.86 -18.93 -2.20
N VAL A 168 18.51 -17.95 -1.56
CA VAL A 168 17.85 -16.70 -1.19
C VAL A 168 17.36 -15.95 -2.44
N LEU A 169 18.17 -15.98 -3.49
CA LEU A 169 17.76 -15.38 -4.77
C LEU A 169 16.50 -16.06 -5.29
N ALA A 170 16.43 -17.38 -5.17
CA ALA A 170 15.24 -18.11 -5.57
C ALA A 170 14.06 -17.68 -4.72
N GLY A 171 14.30 -17.53 -3.42
CA GLY A 171 13.28 -17.08 -2.50
C GLY A 171 12.72 -15.71 -2.85
N LEU A 172 13.60 -14.79 -3.24
CA LEU A 172 13.18 -13.46 -3.63
C LEU A 172 12.28 -13.49 -4.87
N GLN A 173 12.64 -14.31 -5.85
CA GLN A 173 11.84 -14.41 -7.07
C GLN A 173 10.49 -15.04 -6.78
N TRP A 174 10.50 -16.08 -5.94
CA TRP A 174 9.28 -16.72 -5.47
C TRP A 174 8.37 -15.70 -4.78
N ARG A 175 8.95 -14.94 -3.86
CA ARG A 175 8.24 -13.87 -3.16
C ARG A 175 7.57 -12.89 -4.11
N LEU A 176 8.20 -12.63 -5.25
CA LEU A 176 7.67 -11.66 -6.20
C LEU A 176 6.51 -12.16 -7.04
N THR A 177 6.55 -13.43 -7.44
CA THR A 177 5.62 -13.91 -8.45
C THR A 177 4.88 -15.22 -8.15
N ALA A 178 5.12 -15.80 -6.97
CA ALA A 178 4.48 -17.07 -6.63
C ALA A 178 2.95 -16.98 -6.61
N THR A 179 2.41 -15.94 -5.99
CA THR A 179 0.95 -15.77 -5.89
C THR A 179 0.29 -15.71 -7.27
N SER A 180 1.04 -15.19 -8.24
CA SER A 180 0.55 -15.06 -9.62
C SER A 180 0.43 -16.40 -10.33
N ASN A 181 1.01 -17.44 -9.73
CA ASN A 181 1.08 -18.73 -10.38
C ASN A 181 0.42 -19.86 -9.58
N THR A 182 -0.21 -19.51 -8.47
CA THR A 182 -0.90 -20.50 -7.65
C THR A 182 -2.13 -21.05 -8.37
N ALA A 183 -2.49 -22.28 -8.04
CA ALA A 183 -3.69 -22.91 -8.57
C ALA A 183 -4.91 -22.31 -7.90
N ILE A 184 -6.06 -22.42 -8.56
CA ILE A 184 -7.33 -22.02 -7.97
C ILE A 184 -7.88 -23.18 -7.17
N LYS A 185 -8.38 -22.88 -5.97
CA LYS A 185 -9.00 -23.91 -5.14
C LYS A 185 -10.53 -23.86 -5.25
N ASP A 186 -11.13 -25.02 -5.46
CA ASP A 186 -12.59 -25.13 -5.45
C ASP A 186 -13.07 -25.86 -4.20
N ALA A 187 -14.37 -26.13 -4.13
CA ALA A 187 -14.95 -26.81 -2.98
C ALA A 187 -14.29 -28.16 -2.72
N LYS A 188 -14.08 -28.92 -3.77
CA LYS A 188 -13.45 -30.25 -3.66
C LYS A 188 -12.08 -30.16 -3.03
N ASP A 189 -11.28 -29.20 -3.47
CA ASP A 189 -9.94 -29.00 -2.93
C ASP A 189 -9.98 -28.73 -1.44
N VAL A 190 -10.76 -27.72 -1.05
CA VAL A 190 -10.84 -27.31 0.35
C VAL A 190 -11.37 -28.45 1.23
N ALA A 191 -12.29 -29.23 0.69
CA ALA A 191 -12.86 -30.36 1.41
C ALA A 191 -11.80 -31.43 1.65
N ALA A 192 -10.92 -31.61 0.68
CA ALA A 192 -9.83 -32.58 0.80
C ALA A 192 -8.76 -32.07 1.76
N ILE A 193 -8.44 -30.79 1.66
CA ILE A 193 -7.44 -30.18 2.54
C ILE A 193 -7.91 -30.22 3.99
N THR A 194 -9.16 -29.80 4.22
CA THR A 194 -9.68 -29.61 5.56
C THR A 194 -10.28 -30.87 6.16
N GLY A 195 -10.64 -31.83 5.31
CA GLY A 195 -11.27 -33.06 5.77
C GLY A 195 -12.73 -32.86 6.14
N ILE A 196 -13.27 -31.70 5.77
CA ILE A 196 -14.67 -31.38 6.02
C ILE A 196 -15.51 -31.71 4.79
N ASP A 197 -16.66 -32.33 5.01
CA ASP A 197 -17.56 -32.72 3.92
C ASP A 197 -17.86 -31.54 3.00
N GLN A 198 -17.72 -31.76 1.69
CA GLN A 198 -17.81 -30.69 0.70
C GLN A 198 -19.13 -29.94 0.75
N ALA A 199 -20.19 -30.65 1.09
CA ALA A 199 -21.53 -30.07 1.17
C ALA A 199 -21.71 -29.19 2.41
N LEU A 200 -20.85 -29.40 3.40
CA LEU A 200 -21.01 -28.74 4.69
C LEU A 200 -19.93 -27.70 4.99
N LEU A 201 -19.20 -27.29 3.95
CA LEU A 201 -18.20 -26.25 4.10
C LEU A 201 -18.85 -24.92 4.46
N PRO A 202 -18.36 -24.27 5.53
CA PRO A 202 -18.88 -22.96 5.95
C PRO A 202 -18.65 -21.89 4.89
N GLU A 203 -19.39 -20.80 4.99
CA GLU A 203 -19.29 -19.71 4.04
C GLU A 203 -17.92 -19.05 4.13
N GLY A 204 -17.29 -18.85 2.98
CA GLY A 204 -16.03 -18.15 2.91
C GLY A 204 -14.83 -18.98 3.36
N LEU A 205 -15.06 -20.25 3.69
CA LEU A 205 -13.95 -21.11 4.06
C LEU A 205 -13.09 -21.42 2.83
N VAL A 206 -13.76 -21.75 1.73
CA VAL A 206 -13.09 -22.01 0.47
C VAL A 206 -12.35 -20.75 0.03
N GLU A 207 -12.95 -19.61 0.33
CA GLU A 207 -12.36 -18.31 0.01
C GLU A 207 -11.09 -18.07 0.82
N GLN A 208 -11.14 -18.34 2.12
CA GLN A 208 -9.96 -18.21 2.97
C GLN A 208 -8.83 -19.11 2.51
N PHE A 209 -9.18 -20.33 2.09
CA PHE A 209 -8.18 -21.30 1.67
C PHE A 209 -7.63 -21.04 0.26
N ASP A 210 -8.47 -20.50 -0.62
CA ASP A 210 -8.01 -20.17 -1.96
C ASP A 210 -7.08 -18.96 -1.92
N THR A 211 -7.22 -18.15 -0.87
CA THR A 211 -6.40 -16.96 -0.69
C THR A 211 -4.98 -17.33 -0.26
N GLY A 212 -4.86 -18.35 0.58
CA GLY A 212 -3.57 -18.76 1.10
C GLY A 212 -2.99 -19.98 0.40
N MET A 213 -1.73 -20.27 0.74
CA MET A 213 -1.07 -21.48 0.26
C MET A 213 -0.93 -22.47 1.41
N THR A 214 -1.22 -23.74 1.17
CA THR A 214 -0.92 -24.76 2.15
C THR A 214 0.60 -24.91 2.27
N LEU A 215 1.05 -25.61 3.31
CA LEU A 215 2.49 -25.84 3.48
C LEU A 215 3.11 -26.50 2.24
N THR A 216 2.51 -27.61 1.82
CA THR A 216 3.00 -28.36 0.67
C THR A 216 3.04 -27.47 -0.57
N GLU A 217 2.01 -26.67 -0.75
CA GLU A 217 1.87 -25.76 -1.88
C GLU A 217 3.01 -24.75 -1.90
N ALA A 218 3.25 -24.11 -0.76
CA ALA A 218 4.28 -23.09 -0.65
C ALA A 218 5.68 -23.69 -0.79
N VAL A 219 5.95 -24.75 -0.04
CA VAL A 219 7.29 -25.32 0.01
C VAL A 219 7.70 -25.95 -1.33
N SER A 220 6.78 -26.67 -1.96
CA SER A 220 7.12 -27.36 -3.20
C SER A 220 7.45 -26.37 -4.32
N SER A 221 6.69 -25.28 -4.40
CA SER A 221 6.96 -24.25 -5.40
C SER A 221 8.29 -23.54 -5.11
N LEU A 222 8.56 -23.29 -3.83
CA LEU A 222 9.82 -22.70 -3.41
C LEU A 222 10.99 -23.63 -3.69
N ALA A 223 10.83 -24.90 -3.35
CA ALA A 223 11.87 -25.90 -3.55
C ALA A 223 12.23 -26.04 -5.03
N GLN A 224 11.20 -26.03 -5.87
CA GLN A 224 11.39 -26.12 -7.31
C GLN A 224 12.30 -25.00 -7.80
N LYS A 225 12.00 -23.77 -7.37
CA LYS A 225 12.78 -22.61 -7.78
C LYS A 225 14.21 -22.66 -7.24
N ILE A 226 14.36 -23.05 -5.98
CA ILE A 226 15.68 -23.17 -5.38
C ILE A 226 16.56 -24.16 -6.14
N GLU A 227 16.00 -25.32 -6.46
CA GLU A 227 16.75 -26.34 -7.18
C GLU A 227 17.13 -25.89 -8.58
N SER A 228 16.25 -25.14 -9.23
CA SER A 228 16.55 -24.65 -10.56
C SER A 228 17.68 -23.62 -10.52
N TYR A 229 17.66 -22.75 -9.51
CA TYR A 229 18.69 -21.72 -9.39
C TYR A 229 20.05 -22.31 -8.99
N TRP A 230 20.02 -23.39 -8.22
CA TRP A 230 21.25 -24.12 -7.90
C TRP A 230 21.90 -24.64 -9.17
N GLY A 231 21.06 -24.90 -10.19
CA GLY A 231 21.54 -25.17 -11.54
C GLY A 231 22.29 -26.48 -11.70
N LEU A 232 22.03 -27.43 -10.82
CA LEU A 232 22.69 -28.73 -10.91
C LEU A 232 21.75 -29.79 -11.49
N SER A 233 22.26 -31.01 -11.65
CA SER A 233 21.45 -32.13 -12.11
C SER A 233 21.36 -33.18 -11.02
N ARG A 234 20.19 -33.79 -10.90
CA ARG A 234 19.99 -34.86 -9.93
C ARG A 234 20.72 -36.12 -10.37
N ASN A 235 21.36 -36.78 -9.42
CA ASN A 235 21.98 -38.07 -9.67
C ASN A 235 20.88 -39.13 -9.64
N PRO A 236 20.71 -39.88 -10.74
CA PRO A 236 19.68 -40.91 -10.86
C PRO A 236 19.85 -42.02 -9.82
N ASN A 237 21.07 -42.15 -9.29
CA ASN A 237 21.38 -43.22 -8.35
C ASN A 237 21.45 -42.75 -6.90
N ALA A 238 20.99 -41.53 -6.64
CA ALA A 238 20.95 -41.00 -5.28
C ALA A 238 19.53 -41.08 -4.74
N PRO A 239 19.40 -41.38 -3.43
CA PRO A 239 18.07 -41.53 -2.81
C PRO A 239 17.27 -40.23 -2.86
N LEU A 240 15.96 -40.34 -3.12
CA LEU A 240 15.13 -39.16 -3.24
C LEU A 240 15.04 -38.36 -1.94
N GLY A 241 15.31 -39.03 -0.83
CA GLY A 241 15.37 -38.36 0.46
C GLY A 241 16.37 -37.23 0.48
N TYR A 242 17.34 -37.24 -0.43
CA TYR A 242 18.33 -36.17 -0.51
C TYR A 242 18.19 -35.31 -1.76
N THR A 243 17.86 -35.92 -2.90
CA THR A 243 17.68 -35.16 -4.13
C THR A 243 16.49 -34.19 -4.03
N LYS A 244 15.39 -34.65 -3.44
CA LYS A 244 14.25 -33.79 -3.17
C LYS A 244 14.39 -33.16 -1.80
N GLY A 245 15.02 -33.89 -0.89
CA GLY A 245 15.03 -33.52 0.52
C GLY A 245 15.84 -32.29 0.85
N ILE A 246 17.02 -32.18 0.25
CA ILE A 246 17.89 -31.04 0.51
C ILE A 246 17.29 -29.71 0.03
N PRO A 247 16.83 -29.63 -1.24
CA PRO A 247 16.21 -28.36 -1.63
C PRO A 247 14.89 -28.07 -0.91
N THR A 248 14.16 -29.10 -0.51
CA THR A 248 12.95 -28.92 0.28
C THR A 248 13.28 -28.40 1.68
N ALA A 249 14.34 -28.94 2.29
CA ALA A 249 14.80 -28.48 3.58
C ALA A 249 15.20 -27.00 3.53
N MET A 250 15.84 -26.60 2.43
CA MET A 250 16.23 -25.22 2.22
C MET A 250 14.99 -24.34 2.07
N ALA A 251 14.00 -24.82 1.30
CA ALA A 251 12.76 -24.09 1.09
C ALA A 251 11.98 -23.88 2.39
N ALA A 252 11.94 -24.91 3.21
CA ALA A 252 11.25 -24.82 4.51
C ALA A 252 11.91 -23.75 5.38
N GLU A 253 13.24 -23.70 5.36
CA GLU A 253 13.97 -22.70 6.12
C GLU A 253 13.71 -21.29 5.58
N ILE A 254 13.68 -21.17 4.25
CA ILE A 254 13.40 -19.90 3.62
C ILE A 254 11.98 -19.43 3.93
N LEU A 255 11.02 -20.34 3.88
CA LEU A 255 9.65 -20.00 4.24
C LEU A 255 9.59 -19.52 5.69
N ALA A 256 10.34 -20.21 6.56
CA ALA A 256 10.38 -19.82 7.98
C ALA A 256 11.00 -18.43 8.15
N ALA A 257 11.98 -18.10 7.32
CA ALA A 257 12.64 -16.81 7.40
C ALA A 257 11.71 -15.70 6.89
N PHE A 258 10.95 -16.01 5.84
CA PHE A 258 9.95 -15.08 5.32
C PHE A 258 8.85 -14.78 6.34
N VAL A 259 8.50 -15.78 7.15
CA VAL A 259 7.53 -15.57 8.23
C VAL A 259 8.12 -14.61 9.27
N GLU A 260 9.38 -14.82 9.64
CA GLU A 260 10.07 -13.92 10.55
C GLU A 260 10.17 -12.50 9.99
N SER A 261 10.34 -12.38 8.68
CA SER A 261 10.52 -11.07 8.06
C SER A 261 9.18 -10.39 7.74
N THR A 262 8.09 -11.13 7.92
CA THR A 262 6.73 -10.67 7.57
C THR A 262 6.55 -10.45 6.05
N ASP A 263 7.35 -11.13 5.24
CA ASP A 263 7.10 -11.22 3.80
C ASP A 263 5.99 -12.24 3.56
N VAL A 264 5.84 -13.16 4.51
CA VAL A 264 4.81 -14.19 4.48
C VAL A 264 4.12 -14.22 5.84
N VAL A 265 2.79 -14.30 5.82
CA VAL A 265 2.02 -14.46 7.05
C VAL A 265 1.57 -15.91 7.17
N GLU A 266 1.82 -16.52 8.32
CA GLU A 266 1.39 -17.89 8.59
C GLU A 266 0.15 -17.87 9.45
N ASN A 267 -0.88 -18.58 9.00
CA ASN A 267 -2.10 -18.73 9.77
C ASN A 267 -2.45 -20.21 9.96
N ILE A 268 -2.39 -20.69 11.20
CA ILE A 268 -2.75 -22.06 11.50
C ILE A 268 -4.24 -22.14 11.80
N VAL A 269 -5.00 -22.70 10.85
CA VAL A 269 -6.45 -22.73 10.97
C VAL A 269 -6.93 -23.93 11.78
N ASP A 270 -7.65 -23.65 12.86
CA ASP A 270 -8.17 -24.69 13.74
C ASP A 270 -9.52 -25.17 13.21
N MET A 271 -9.56 -26.42 12.73
CA MET A 271 -10.79 -26.98 12.18
C MET A 271 -11.82 -27.31 13.25
N SER A 272 -11.36 -27.48 14.48
CA SER A 272 -12.24 -27.87 15.59
C SER A 272 -13.29 -26.80 15.90
N GLU A 273 -12.99 -25.55 15.56
CA GLU A 273 -13.93 -24.45 15.74
C GLU A 273 -14.94 -24.43 14.59
N ILE A 274 -14.66 -25.23 13.57
CA ILE A 274 -15.48 -25.29 12.38
C ILE A 274 -16.24 -26.63 12.35
N ASP A 275 -15.69 -27.59 13.09
CA ASP A 275 -16.31 -28.90 13.24
C ASP A 275 -15.66 -29.60 14.43
N PRO A 276 -16.37 -29.67 15.57
CA PRO A 276 -15.86 -30.17 16.85
C PRO A 276 -15.18 -31.53 16.76
N ASP A 277 -15.51 -32.33 15.75
CA ASP A 277 -14.92 -33.67 15.61
C ASP A 277 -13.63 -33.68 14.80
N ASN A 278 -13.42 -32.63 14.01
CA ASN A 278 -12.22 -32.53 13.19
C ASN A 278 -11.05 -32.01 14.02
N LYS A 279 -9.95 -32.75 14.00
CA LYS A 279 -8.80 -32.42 14.84
C LYS A 279 -7.64 -31.82 14.06
N LYS A 280 -7.80 -31.69 12.75
CA LYS A 280 -6.77 -31.08 11.90
C LYS A 280 -6.55 -29.61 12.25
N THR A 281 -5.27 -29.22 12.31
CA THR A 281 -4.89 -27.82 12.34
C THR A 281 -4.04 -27.61 11.11
N ILE A 282 -4.42 -26.64 10.27
CA ILE A 282 -3.79 -26.51 8.96
C ILE A 282 -3.17 -25.15 8.72
N GLY A 283 -1.90 -25.15 8.33
CA GLY A 283 -1.19 -23.91 8.03
C GLY A 283 -1.55 -23.32 6.68
N LEU A 284 -1.85 -22.02 6.69
CA LEU A 284 -2.07 -21.26 5.47
C LEU A 284 -1.04 -20.14 5.38
N TYR A 285 -0.41 -20.00 4.21
CA TYR A 285 0.64 -19.02 4.03
C TYR A 285 0.27 -18.02 2.94
N THR A 286 0.31 -16.74 3.29
CA THR A 286 -0.01 -15.69 2.33
C THR A 286 1.16 -14.74 2.19
N ILE A 287 1.56 -14.51 0.95
CA ILE A 287 2.63 -13.58 0.66
C ILE A 287 2.10 -12.16 0.78
N THR A 288 2.81 -11.34 1.54
CA THR A 288 2.45 -9.92 1.65
C THR A 288 2.55 -9.27 0.28
N GLU A 289 1.43 -8.75 -0.19
CA GLU A 289 1.33 -8.17 -1.51
C GLU A 289 2.09 -6.85 -1.56
N LEU A 290 2.80 -6.61 -2.67
CA LEU A 290 3.46 -5.32 -2.86
C LEU A 290 2.43 -4.28 -3.25
N ASP A 291 2.77 -3.00 -3.10
CA ASP A 291 1.91 -1.92 -3.56
C ASP A 291 1.60 -2.09 -5.05
N SER A 292 0.37 -1.78 -5.44
CA SER A 292 -0.06 -1.93 -6.83
C SER A 292 0.77 -1.03 -7.75
N PHE A 293 1.28 0.07 -7.21
CA PHE A 293 2.12 0.98 -7.97
C PHE A 293 3.61 0.85 -7.63
N ASP A 294 4.02 -0.34 -7.23
CA ASP A 294 5.44 -0.63 -7.02
C ASP A 294 6.06 -0.82 -8.41
N PRO A 295 7.13 -0.07 -8.71
CA PRO A 295 7.78 -0.15 -10.02
C PRO A 295 8.22 -1.58 -10.36
N ILE A 296 8.49 -2.38 -9.35
CA ILE A 296 8.95 -3.76 -9.57
C ILE A 296 7.86 -4.60 -10.25
N ASN A 297 6.60 -4.18 -10.12
CA ASN A 297 5.50 -4.88 -10.77
C ASN A 297 5.60 -4.80 -12.28
N SER A 298 6.25 -3.74 -12.77
CA SER A 298 6.41 -3.55 -14.21
C SER A 298 7.47 -4.48 -14.81
N PHE A 299 8.29 -5.07 -13.95
CA PHE A 299 9.28 -6.06 -14.40
C PHE A 299 9.69 -6.93 -13.23
N PRO A 300 8.82 -7.89 -12.85
CA PRO A 300 9.03 -8.69 -11.63
C PRO A 300 9.92 -9.92 -11.83
N THR A 301 10.57 -10.05 -12.99
CA THR A 301 11.36 -11.26 -13.26
C THR A 301 12.83 -11.00 -13.58
N ALA A 302 13.36 -9.86 -13.16
CA ALA A 302 14.77 -9.53 -13.44
C ALA A 302 15.76 -10.55 -12.87
N ILE A 303 15.51 -11.01 -11.65
CA ILE A 303 16.36 -12.02 -11.02
C ILE A 303 16.34 -13.31 -11.86
N GLU A 304 15.14 -13.80 -12.14
CA GLU A 304 14.98 -15.04 -12.90
C GLU A 304 15.72 -14.97 -14.23
N GLU A 305 15.54 -13.87 -14.94
CA GLU A 305 16.15 -13.74 -16.26
C GLU A 305 17.67 -13.53 -16.17
N ALA A 306 18.16 -13.09 -15.01
CA ALA A 306 19.59 -12.99 -14.77
C ALA A 306 20.20 -14.34 -14.41
N VAL A 307 19.58 -15.01 -13.44
CA VAL A 307 20.12 -16.26 -12.91
C VAL A 307 20.02 -17.41 -13.90
N LEU A 308 18.87 -17.60 -14.51
CA LEU A 308 18.66 -18.75 -15.39
C LEU A 308 19.01 -18.47 -16.85
N VAL A 309 19.76 -19.38 -17.45
CA VAL A 309 20.09 -19.31 -18.87
C VAL A 309 18.80 -19.36 -19.70
N ASN A 310 17.87 -20.20 -19.26
CA ASN A 310 16.56 -20.32 -19.91
C ASN A 310 15.43 -20.09 -18.93
N PRO A 311 15.04 -18.83 -18.73
CA PRO A 311 14.03 -18.47 -17.72
C PRO A 311 12.67 -19.06 -18.05
N THR A 312 11.96 -19.51 -17.03
CA THR A 312 10.59 -19.97 -17.21
C THR A 312 9.64 -18.78 -17.05
N GLU A 313 9.89 -17.95 -16.04
CA GLU A 313 9.04 -16.80 -15.76
C GLU A 313 9.50 -15.56 -16.49
N LYS A 314 8.68 -15.09 -17.41
CA LYS A 314 8.97 -13.93 -18.23
C LYS A 314 7.77 -13.69 -19.13
N MET A 315 7.66 -12.48 -19.68
CA MET A 315 6.70 -12.22 -20.74
C MET A 315 7.37 -12.41 -22.08
N PHE A 316 6.58 -12.74 -23.09
CA PHE A 316 7.09 -13.00 -24.42
C PHE A 316 6.61 -11.92 -25.40
N PHE A 317 7.48 -10.97 -25.73
CA PHE A 317 7.11 -9.87 -26.63
C PHE A 317 7.67 -10.06 -28.03
N GLY A 318 6.94 -9.54 -29.01
CA GLY A 318 7.41 -9.52 -30.38
C GLY A 318 7.57 -10.90 -30.97
N ASP A 319 8.79 -11.23 -31.36
CA ASP A 319 9.05 -12.56 -31.90
C ASP A 319 9.84 -13.42 -30.92
N ASP A 320 9.74 -13.09 -29.64
CA ASP A 320 10.26 -13.95 -28.59
C ASP A 320 9.14 -14.96 -28.31
N ILE A 321 9.26 -16.13 -28.91
CA ILE A 321 8.18 -17.12 -28.85
C ILE A 321 8.46 -18.20 -27.82
N PRO A 322 7.44 -18.58 -27.05
CA PRO A 322 7.59 -19.58 -25.98
C PRO A 322 7.96 -20.95 -26.57
N PRO A 323 8.79 -21.72 -25.84
CA PRO A 323 9.13 -23.08 -26.27
C PRO A 323 7.93 -24.00 -26.10
N VAL A 324 7.93 -25.13 -26.80
CA VAL A 324 6.84 -26.09 -26.69
C VAL A 324 7.12 -27.14 -25.62
N ALA A 325 6.19 -27.26 -24.68
CA ALA A 325 6.29 -28.23 -23.59
C ALA A 325 6.39 -29.66 -24.13
N ASN A 326 7.36 -30.41 -23.61
CA ASN A 326 7.55 -31.78 -24.04
C ASN A 326 6.59 -32.78 -23.37
N THR A 327 6.22 -32.51 -22.13
CA THR A 327 5.39 -33.45 -21.39
C THR A 327 4.08 -32.81 -20.91
N GLN A 328 3.07 -33.65 -20.74
CA GLN A 328 1.77 -33.25 -20.24
C GLN A 328 1.93 -32.53 -18.91
N LEU A 329 1.15 -31.47 -18.71
CA LEU A 329 1.22 -30.68 -17.49
C LEU A 329 1.05 -31.55 -16.24
N ARG A 330 2.07 -31.55 -15.39
CA ARG A 330 2.13 -32.34 -14.15
C ARG A 330 1.98 -33.86 -14.33
N ASN A 331 2.16 -34.34 -15.56
CA ASN A 331 2.22 -35.77 -15.83
C ASN A 331 3.48 -36.09 -16.62
N PRO A 332 4.65 -36.03 -15.96
CA PRO A 332 5.94 -36.18 -16.65
C PRO A 332 6.11 -37.52 -17.33
N ALA A 333 5.26 -38.48 -17.00
CA ALA A 333 5.30 -39.79 -17.65
C ALA A 333 4.67 -39.76 -19.04
N VAL A 334 3.91 -38.69 -19.32
CA VAL A 334 3.19 -38.59 -20.59
C VAL A 334 3.76 -37.50 -21.50
N ARG A 335 4.37 -37.93 -22.60
CA ARG A 335 4.83 -36.98 -23.61
C ARG A 335 3.66 -36.41 -24.38
N ASN A 336 3.69 -35.12 -24.68
CA ASN A 336 2.71 -34.55 -25.59
C ASN A 336 2.93 -35.20 -26.96
N THR A 337 1.84 -35.58 -27.63
CA THR A 337 1.98 -36.22 -28.93
C THR A 337 2.47 -35.19 -29.96
N PRO A 338 2.98 -35.66 -31.11
CA PRO A 338 3.37 -34.70 -32.15
C PRO A 338 2.21 -33.77 -32.54
N GLU A 339 1.00 -34.31 -32.58
CA GLU A 339 -0.18 -33.51 -32.91
C GLU A 339 -0.46 -32.47 -31.83
N GLN A 340 -0.30 -32.88 -30.57
CA GLN A 340 -0.53 -31.97 -29.46
C GLN A 340 0.51 -30.86 -29.47
N LYS A 341 1.77 -31.21 -29.74
CA LYS A 341 2.84 -30.22 -29.82
C LYS A 341 2.61 -29.22 -30.96
N ALA A 342 2.11 -29.72 -32.08
CA ALA A 342 1.78 -28.86 -33.22
C ALA A 342 0.69 -27.86 -32.84
N ALA A 343 -0.30 -28.31 -32.07
CA ALA A 343 -1.37 -27.43 -31.60
C ALA A 343 -0.81 -26.38 -30.63
N LEU A 344 0.00 -26.83 -29.67
CA LEU A 344 0.64 -25.91 -28.73
C LEU A 344 1.44 -24.84 -29.48
N LYS A 345 2.23 -25.25 -30.47
CA LYS A 345 2.99 -24.32 -31.29
C LYS A 345 2.11 -23.26 -31.96
N ALA A 346 0.99 -23.71 -32.54
CA ALA A 346 0.08 -22.83 -33.24
C ALA A 346 -0.53 -21.79 -32.29
N GLU A 347 -0.92 -22.22 -31.09
CA GLU A 347 -1.53 -21.30 -30.15
C GLU A 347 -0.48 -20.34 -29.58
N GLN A 348 0.74 -20.82 -29.42
CA GLN A 348 1.82 -19.97 -28.91
C GLN A 348 2.32 -18.96 -29.94
N ALA A 349 2.03 -19.23 -31.22
CA ALA A 349 2.39 -18.32 -32.31
C ALA A 349 1.47 -17.11 -32.39
N THR A 350 0.27 -17.24 -31.86
CA THR A 350 -0.72 -16.18 -32.00
C THR A 350 -0.28 -14.90 -31.29
N GLU A 351 -0.40 -13.77 -31.98
CA GLU A 351 -0.04 -12.48 -31.40
C GLU A 351 -1.24 -11.85 -30.71
N PHE A 352 -1.06 -11.47 -29.45
CA PHE A 352 -2.09 -10.73 -28.73
C PHE A 352 -1.68 -9.26 -28.66
N TYR A 353 -2.65 -8.36 -28.64
CA TYR A 353 -2.36 -6.92 -28.59
C TYR A 353 -3.25 -6.21 -27.60
N VAL A 354 -2.66 -5.24 -26.90
CA VAL A 354 -3.42 -4.38 -26.00
C VAL A 354 -4.43 -3.53 -26.78
N HIS A 355 -5.67 -3.54 -26.32
CA HIS A 355 -6.68 -2.64 -26.86
C HIS A 355 -6.70 -1.39 -25.99
N THR A 356 -6.00 -0.37 -26.46
CA THR A 356 -5.80 0.89 -25.73
C THR A 356 -7.08 1.52 -25.16
N PRO A 357 -8.18 1.56 -25.95
CA PRO A 357 -9.39 2.18 -25.40
C PRO A 357 -9.94 1.52 -24.13
N MET A 358 -9.90 0.19 -24.06
CA MET A 358 -10.40 -0.49 -22.86
C MET A 358 -9.48 -0.25 -21.66
N VAL A 359 -8.18 -0.27 -21.90
CA VAL A 359 -7.22 0.03 -20.85
C VAL A 359 -7.46 1.44 -20.29
N GLN A 360 -7.66 2.39 -21.21
CA GLN A 360 -7.95 3.78 -20.82
C GLN A 360 -9.27 3.89 -20.08
N PHE A 361 -10.24 3.10 -20.51
CA PHE A 361 -11.54 3.07 -19.84
C PHE A 361 -11.41 2.52 -18.43
N TYR A 362 -10.71 1.40 -18.30
CA TYR A 362 -10.46 0.77 -17.00
C TYR A 362 -9.74 1.77 -16.08
N GLU A 363 -8.74 2.43 -16.64
CA GLU A 363 -7.91 3.38 -15.92
C GLU A 363 -8.73 4.57 -15.43
N THR A 364 -9.56 5.11 -16.31
CA THR A 364 -10.33 6.30 -16.00
C THR A 364 -11.42 6.02 -14.97
N LEU A 365 -12.08 4.87 -15.12
CA LEU A 365 -13.02 4.42 -14.09
C LEU A 365 -12.27 4.32 -12.77
N GLY A 366 -11.13 3.65 -12.81
CA GLY A 366 -10.32 3.45 -11.62
C GLY A 366 -10.68 2.15 -10.93
N LYS A 367 -9.76 1.61 -10.15
CA LYS A 367 -9.95 0.35 -9.47
C LYS A 367 -11.21 0.37 -8.59
N ASP A 368 -11.36 1.43 -7.81
CA ASP A 368 -12.48 1.52 -6.88
C ASP A 368 -13.84 1.45 -7.58
N ARG A 369 -13.97 2.13 -8.71
CA ARG A 369 -15.23 2.13 -9.44
C ARG A 369 -15.45 0.83 -10.20
N ILE A 370 -14.36 0.21 -10.65
CA ILE A 370 -14.45 -1.12 -11.25
C ILE A 370 -15.00 -2.10 -10.23
N LEU A 371 -14.50 -2.00 -9.00
CA LEU A 371 -14.99 -2.83 -7.90
C LEU A 371 -16.46 -2.54 -7.61
N GLU A 372 -16.83 -1.26 -7.60
CA GLU A 372 -18.23 -0.89 -7.38
C GLU A 372 -19.12 -1.43 -8.50
N LEU A 373 -18.61 -1.41 -9.72
CA LEU A 373 -19.38 -1.81 -10.89
C LEU A 373 -19.42 -3.33 -11.05
N MET A 374 -18.25 -3.95 -10.98
CA MET A 374 -18.11 -5.35 -11.34
C MET A 374 -17.90 -6.26 -10.14
N GLY A 375 -17.57 -5.68 -8.99
CA GLY A 375 -17.45 -6.44 -7.76
C GLY A 375 -18.60 -6.13 -6.82
N ALA A 376 -18.28 -5.90 -5.55
CA ALA A 376 -19.30 -5.58 -4.57
C ALA A 376 -19.09 -4.20 -3.95
N GLY A 377 -18.16 -3.44 -4.51
CA GLY A 377 -17.85 -2.11 -4.01
C GLY A 377 -17.33 -2.14 -2.59
N THR A 378 -17.41 -1.01 -1.90
CA THR A 378 -17.02 -0.97 -0.50
C THR A 378 -18.10 -1.59 0.37
N LEU A 379 -17.70 -2.59 1.16
CA LEU A 379 -18.63 -3.30 2.01
C LEU A 379 -18.89 -2.57 3.32
N ASN A 380 -20.16 -2.38 3.64
CA ASN A 380 -20.55 -1.88 4.95
C ASN A 380 -20.90 -3.07 5.83
N LYS A 381 -19.92 -3.54 6.59
CA LYS A 381 -20.03 -4.80 7.33
C LYS A 381 -21.25 -4.95 8.24
N GLU A 382 -21.93 -3.86 8.56
CA GLU A 382 -23.14 -3.94 9.36
C GLU A 382 -24.42 -3.65 8.57
N LEU A 383 -24.28 -3.64 7.25
CA LEU A 383 -25.44 -3.63 6.36
C LEU A 383 -25.44 -4.93 5.58
N LEU A 384 -24.66 -5.89 6.07
CA LEU A 384 -24.49 -7.17 5.41
C LEU A 384 -24.60 -8.31 6.39
N ASN A 385 -25.32 -9.35 5.99
CA ASN A 385 -25.27 -10.63 6.70
C ASN A 385 -23.84 -11.11 6.70
N ASP A 386 -23.39 -11.69 7.80
CA ASP A 386 -21.99 -12.11 7.94
C ASP A 386 -21.52 -13.04 6.83
N ASN A 387 -22.33 -14.05 6.51
CA ASN A 387 -21.98 -14.99 5.45
C ASN A 387 -21.96 -14.34 4.08
N HIS A 388 -22.94 -13.46 3.83
CA HIS A 388 -23.01 -12.76 2.57
C HIS A 388 -21.77 -11.89 2.38
N ALA A 389 -21.37 -11.20 3.46
CA ALA A 389 -20.19 -10.36 3.45
C ALA A 389 -18.95 -11.15 3.04
N LYS A 390 -18.85 -12.39 3.49
CA LYS A 390 -17.73 -13.25 3.15
C LYS A 390 -17.70 -13.46 1.64
N SER A 391 -18.85 -13.78 1.09
CA SER A 391 -18.96 -14.03 -0.34
C SER A 391 -18.59 -12.79 -1.14
N LEU A 392 -19.03 -11.63 -0.65
CA LEU A 392 -18.73 -10.37 -1.32
C LEU A 392 -17.23 -10.07 -1.36
N GLU A 393 -16.52 -10.40 -0.29
CA GLU A 393 -15.07 -10.15 -0.21
C GLU A 393 -14.30 -10.93 -1.27
N GLY A 394 -14.72 -12.18 -1.49
CA GLY A 394 -14.09 -13.02 -2.48
C GLY A 394 -14.33 -12.48 -3.87
N LYS A 395 -15.51 -11.92 -4.08
CA LYS A 395 -15.87 -11.32 -5.35
C LYS A 395 -14.95 -10.14 -5.64
N ASN A 396 -14.77 -9.27 -4.65
CA ASN A 396 -13.88 -8.13 -4.79
C ASN A 396 -12.44 -8.58 -5.02
N ARG A 397 -12.03 -9.60 -4.29
CA ARG A 397 -10.68 -10.16 -4.41
C ARG A 397 -10.34 -10.52 -5.85
N SER A 398 -11.21 -11.29 -6.49
CA SER A 398 -10.97 -11.77 -7.85
C SER A 398 -10.84 -10.64 -8.86
N VAL A 399 -11.74 -9.66 -8.76
CA VAL A 399 -11.72 -8.50 -9.66
C VAL A 399 -10.49 -7.64 -9.40
N GLU A 400 -10.21 -7.35 -8.13
CA GLU A 400 -9.09 -6.50 -7.79
C GLU A 400 -7.75 -7.10 -8.22
N ASP A 401 -7.58 -8.40 -7.97
CA ASP A 401 -6.38 -9.10 -8.40
C ASP A 401 -6.23 -9.09 -9.93
N SER A 402 -7.33 -9.26 -10.64
CA SER A 402 -7.30 -9.22 -12.10
C SER A 402 -6.93 -7.83 -12.59
N TYR A 403 -7.51 -6.81 -11.96
CA TYR A 403 -7.21 -5.42 -12.31
C TYR A 403 -5.73 -5.13 -12.09
N ASN A 404 -5.23 -5.45 -10.90
CA ASN A 404 -3.82 -5.19 -10.59
C ASN A 404 -2.87 -5.93 -11.54
N GLN A 405 -3.19 -7.19 -11.82
CA GLN A 405 -2.36 -8.00 -12.72
C GLN A 405 -2.32 -7.43 -14.14
N LEU A 406 -3.48 -7.01 -14.65
CA LEU A 406 -3.53 -6.41 -15.97
C LEU A 406 -2.63 -5.18 -16.06
N PHE A 407 -2.68 -4.33 -15.05
CA PHE A 407 -1.92 -3.09 -15.13
C PHE A 407 -0.42 -3.24 -14.89
N SER A 408 -0.05 -4.31 -14.19
CA SER A 408 1.36 -4.68 -14.10
C SER A 408 1.85 -5.10 -15.48
N VAL A 409 1.01 -5.85 -16.18
CA VAL A 409 1.31 -6.26 -17.54
C VAL A 409 1.37 -5.04 -18.46
N ILE A 410 0.40 -4.14 -18.32
CA ILE A 410 0.37 -2.94 -19.16
C ILE A 410 1.64 -2.09 -18.95
N GLU A 411 2.08 -1.99 -17.71
CA GLU A 411 3.28 -1.19 -17.43
C GLU A 411 4.52 -1.78 -18.09
N GLN A 412 4.60 -3.11 -18.16
CA GLN A 412 5.71 -3.73 -18.86
C GLN A 412 5.59 -3.56 -20.37
N VAL A 413 4.38 -3.72 -20.89
CA VAL A 413 4.15 -3.51 -22.32
C VAL A 413 4.44 -2.06 -22.71
N ARG A 414 4.06 -1.12 -21.83
CA ARG A 414 4.22 0.30 -22.10
C ARG A 414 5.68 0.67 -22.35
N ALA A 415 6.58 -0.10 -21.76
CA ALA A 415 8.02 0.16 -21.91
C ALA A 415 8.59 -0.35 -23.24
N GLN A 416 7.92 -1.32 -23.85
CA GLN A 416 8.45 -1.98 -25.05
C GLN A 416 8.49 -1.08 -26.28
N SER A 417 7.57 -0.12 -26.34
CA SER A 417 7.56 0.84 -27.46
C SER A 417 6.68 2.05 -27.16
N GLU A 418 6.55 2.93 -28.15
CA GLU A 418 5.76 4.15 -28.01
C GLU A 418 4.27 3.83 -28.08
N ASP A 419 3.88 3.06 -29.08
CA ASP A 419 2.49 2.67 -29.27
C ASP A 419 2.23 1.31 -28.64
N ILE A 420 1.51 1.30 -27.53
CA ILE A 420 1.31 0.11 -26.72
C ILE A 420 0.47 -0.94 -27.46
N SER A 421 -0.35 -0.47 -28.41
CA SER A 421 -1.24 -1.35 -29.16
C SER A 421 -0.53 -2.03 -30.33
N THR A 422 0.77 -1.76 -30.47
CA THR A 422 1.54 -2.36 -31.56
C THR A 422 2.55 -3.38 -31.04
N VAL A 423 2.52 -3.64 -29.74
CA VAL A 423 3.44 -4.59 -29.14
C VAL A 423 2.82 -5.98 -29.11
N PRO A 424 3.39 -6.92 -29.89
CA PRO A 424 2.84 -8.28 -29.94
C PRO A 424 3.15 -9.01 -28.65
N ILE A 425 2.18 -9.78 -28.14
CA ILE A 425 2.38 -10.55 -26.91
C ILE A 425 2.05 -12.01 -27.19
N HIS A 426 2.96 -12.91 -26.84
CA HIS A 426 2.68 -14.34 -26.93
C HIS A 426 2.46 -14.92 -25.54
N TYR A 427 1.67 -16.00 -25.47
CA TYR A 427 1.44 -16.71 -24.22
C TYR A 427 1.85 -18.16 -24.34
N ALA A 428 2.48 -18.68 -23.29
CA ALA A 428 2.81 -20.10 -23.22
C ALA A 428 1.58 -20.93 -22.90
N TYR A 429 1.51 -22.13 -23.45
CA TYR A 429 0.41 -23.05 -23.23
C TYR A 429 0.97 -24.41 -22.87
N ASN A 430 0.20 -25.20 -22.14
CA ASN A 430 0.52 -26.63 -22.02
C ASN A 430 -0.74 -27.48 -22.11
N MET A 431 -0.56 -28.76 -22.38
CA MET A 431 -1.67 -29.68 -22.47
C MET A 431 -1.89 -30.25 -21.07
N THR A 432 -3.12 -30.18 -20.57
CA THR A 432 -3.44 -30.74 -19.26
C THR A 432 -3.76 -32.22 -19.37
N ARG A 433 -3.93 -32.86 -18.21
CA ARG A 433 -4.33 -34.26 -18.08
C ARG A 433 -5.56 -34.62 -18.90
N VAL A 434 -6.47 -33.66 -19.09
CA VAL A 434 -7.68 -33.94 -19.84
C VAL A 434 -7.61 -33.45 -21.30
N GLY A 435 -6.41 -33.16 -21.78
CA GLY A 435 -6.21 -32.84 -23.19
C GLY A 435 -6.62 -31.44 -23.61
N ARG A 436 -6.74 -30.54 -22.64
CA ARG A 436 -7.06 -29.15 -22.94
C ARG A 436 -5.82 -28.28 -23.01
N MET A 437 -5.83 -27.31 -23.93
CA MET A 437 -4.72 -26.39 -24.08
C MET A 437 -4.93 -25.21 -23.14
N GLN A 438 -4.22 -25.24 -22.02
CA GLN A 438 -4.39 -24.26 -20.98
C GLN A 438 -3.31 -23.19 -21.07
N MET A 439 -3.73 -21.93 -21.08
CA MET A 439 -2.81 -20.81 -21.08
C MET A 439 -2.18 -20.77 -19.71
N LEU A 440 -0.85 -20.75 -19.66
CA LEU A 440 -0.15 -20.71 -18.39
C LEU A 440 -0.39 -19.37 -17.69
N GLY A 441 -0.63 -19.41 -16.39
CA GLY A 441 -0.85 -18.20 -15.62
C GLY A 441 -2.28 -18.11 -15.09
N LYS A 442 -2.42 -17.39 -13.98
CA LYS A 442 -3.70 -17.23 -13.32
C LYS A 442 -4.55 -16.18 -14.04
N TYR A 443 -3.92 -15.08 -14.43
CA TYR A 443 -4.63 -13.91 -14.93
C TYR A 443 -4.19 -13.54 -16.35
N ASN A 444 -4.70 -14.27 -17.32
CA ASN A 444 -4.35 -14.08 -18.72
C ASN A 444 -5.66 -14.00 -19.53
N PRO A 445 -5.59 -13.73 -20.85
CA PRO A 445 -6.86 -13.61 -21.59
C PRO A 445 -7.76 -14.84 -21.52
N GLN A 446 -7.17 -16.04 -21.47
CA GLN A 446 -7.98 -17.24 -21.43
C GLN A 446 -8.73 -17.39 -20.10
N SER A 447 -8.12 -16.98 -19.00
CA SER A 447 -8.66 -17.29 -17.68
C SER A 447 -9.34 -16.13 -16.95
N ALA A 448 -9.05 -14.88 -17.34
CA ALA A 448 -9.61 -13.72 -16.64
C ALA A 448 -10.38 -12.82 -17.59
N LYS A 449 -11.66 -12.63 -17.30
CA LYS A 449 -12.56 -11.87 -18.18
C LYS A 449 -12.19 -10.39 -18.28
N LEU A 450 -11.72 -9.81 -17.17
CA LEU A 450 -11.23 -8.43 -17.19
C LEU A 450 -10.09 -8.30 -18.20
N VAL A 451 -9.18 -9.27 -18.18
CA VAL A 451 -8.00 -9.22 -19.04
C VAL A 451 -8.37 -9.54 -20.48
N ARG A 452 -9.35 -10.42 -20.64
CA ARG A 452 -9.79 -10.84 -21.97
C ARG A 452 -10.25 -9.68 -22.85
N GLU A 453 -10.76 -8.61 -22.25
CA GLU A 453 -11.27 -7.47 -23.00
C GLU A 453 -10.23 -6.36 -23.18
N ALA A 454 -9.02 -6.59 -22.67
CA ALA A 454 -7.95 -5.60 -22.80
C ALA A 454 -6.80 -6.12 -23.66
N ILE A 455 -6.63 -7.44 -23.69
CA ILE A 455 -5.57 -8.06 -24.48
C ILE A 455 -6.15 -9.17 -25.37
N LEU A 456 -6.16 -8.93 -26.67
CA LEU A 456 -6.93 -9.71 -27.63
C LEU A 456 -6.08 -10.05 -28.85
N PRO A 457 -6.29 -11.22 -29.46
CA PRO A 457 -5.64 -11.61 -30.72
C PRO A 457 -6.53 -11.30 -31.92
N THR A 458 -7.76 -10.94 -31.62
CA THR A 458 -8.77 -10.70 -32.63
C THR A 458 -8.63 -9.27 -33.09
N LYS A 459 -8.72 -9.06 -34.39
CA LYS A 459 -8.56 -7.74 -34.95
C LYS A 459 -9.10 -7.78 -36.36
N ALA A 460 -9.79 -6.73 -36.75
CA ALA A 460 -10.35 -6.66 -38.08
C ALA A 460 -10.51 -5.23 -38.49
N THR A 461 -10.43 -4.99 -39.79
CA THR A 461 -10.73 -3.70 -40.35
C THR A 461 -12.06 -3.82 -41.10
N LEU A 462 -13.07 -3.12 -40.62
CA LEU A 462 -14.42 -3.32 -41.14
C LEU A 462 -14.91 -2.11 -41.90
N ASP A 463 -15.73 -2.37 -42.92
CA ASP A 463 -16.43 -1.31 -43.64
C ASP A 463 -17.81 -1.15 -43.01
N LEU A 464 -17.94 -0.19 -42.12
CA LEU A 464 -19.20 0.02 -41.41
C LEU A 464 -19.93 1.26 -41.91
N SER A 465 -19.56 1.70 -43.11
CA SER A 465 -20.16 2.88 -43.71
C SER A 465 -21.56 2.60 -44.22
N ASN A 466 -21.86 1.33 -44.44
CA ASN A 466 -23.18 0.91 -44.88
C ASN A 466 -23.72 -0.13 -43.91
N GLN A 467 -24.80 0.20 -43.22
CA GLN A 467 -25.38 -0.70 -42.23
C GLN A 467 -25.98 -1.96 -42.86
N ASN A 468 -26.01 -2.02 -44.18
CA ASN A 468 -26.45 -3.22 -44.88
C ASN A 468 -25.31 -4.12 -45.36
N ASN A 469 -24.07 -3.70 -45.13
CA ASN A 469 -22.89 -4.53 -45.41
C ASN A 469 -22.88 -5.81 -44.60
N GLU A 470 -22.14 -6.81 -45.08
CA GLU A 470 -21.88 -8.01 -44.28
C GLU A 470 -21.04 -7.64 -43.07
N ASP A 471 -20.14 -6.68 -43.26
CA ASP A 471 -19.26 -6.24 -42.18
C ASP A 471 -20.06 -5.68 -41.02
N PHE A 472 -21.06 -4.86 -41.32
CA PHE A 472 -21.90 -4.33 -40.26
C PHE A 472 -22.70 -5.44 -39.57
N SER A 473 -23.10 -6.44 -40.33
CA SER A 473 -23.83 -7.58 -39.77
C SER A 473 -22.98 -8.35 -38.77
N ALA A 474 -21.72 -8.56 -39.12
CA ALA A 474 -20.76 -9.21 -38.22
C ALA A 474 -20.53 -8.37 -36.96
N PHE A 475 -20.39 -7.06 -37.15
CA PHE A 475 -20.22 -6.11 -36.06
C PHE A 475 -21.40 -6.24 -35.10
N GLN A 476 -22.61 -6.24 -35.66
CA GLN A 476 -23.83 -6.37 -34.87
C GLN A 476 -23.87 -7.67 -34.08
N LEU A 477 -23.47 -8.76 -34.74
CA LEU A 477 -23.44 -10.07 -34.08
C LEU A 477 -22.54 -10.05 -32.85
N GLY A 478 -21.34 -9.49 -33.01
CA GLY A 478 -20.41 -9.34 -31.90
C GLY A 478 -20.96 -8.50 -30.75
N LEU A 479 -21.55 -7.36 -31.09
CA LEU A 479 -22.17 -6.50 -30.09
C LEU A 479 -23.31 -7.22 -29.36
N ALA A 480 -24.17 -7.88 -30.12
CA ALA A 480 -25.34 -8.55 -29.55
C ALA A 480 -24.95 -9.65 -28.57
N GLN A 481 -23.95 -10.43 -28.94
CA GLN A 481 -23.52 -11.56 -28.11
C GLN A 481 -22.91 -11.01 -26.84
N ALA A 482 -22.16 -9.92 -26.97
CA ALA A 482 -21.51 -9.30 -25.83
C ALA A 482 -22.54 -8.71 -24.89
N LEU A 483 -23.69 -8.31 -25.43
CA LEU A 483 -24.74 -7.69 -24.63
C LEU A 483 -25.77 -8.68 -24.11
N ASP A 484 -25.43 -9.96 -24.19
CA ASP A 484 -26.21 -11.06 -23.60
C ASP A 484 -27.47 -11.39 -24.39
N ILE A 485 -27.51 -11.00 -25.65
CA ILE A 485 -28.53 -11.54 -26.54
C ILE A 485 -28.04 -12.93 -26.96
N LYS A 486 -28.90 -13.93 -26.83
CA LYS A 486 -28.49 -15.29 -27.16
C LYS A 486 -28.51 -15.48 -28.67
N VAL A 487 -27.41 -15.12 -29.31
CA VAL A 487 -27.37 -15.00 -30.76
C VAL A 487 -27.54 -16.33 -31.49
N HIS A 488 -27.24 -17.44 -30.81
CA HIS A 488 -27.34 -18.75 -31.45
C HIS A 488 -28.78 -19.25 -31.51
N THR A 489 -29.71 -18.52 -30.89
CA THR A 489 -31.09 -18.98 -30.79
C THR A 489 -31.99 -18.27 -31.79
N MET A 490 -31.43 -17.34 -32.55
CA MET A 490 -32.20 -16.57 -33.51
C MET A 490 -31.38 -16.32 -34.76
N THR A 491 -32.04 -16.06 -35.88
CA THR A 491 -31.30 -15.78 -37.11
C THR A 491 -30.59 -14.42 -37.02
N ARG A 492 -29.62 -14.21 -37.90
CA ARG A 492 -28.87 -12.96 -37.94
C ARG A 492 -29.81 -11.77 -38.09
N GLU A 493 -30.81 -11.92 -38.95
CA GLU A 493 -31.77 -10.85 -39.24
C GLU A 493 -32.58 -10.47 -38.00
N VAL A 494 -33.09 -11.46 -37.30
CA VAL A 494 -33.87 -11.23 -36.08
C VAL A 494 -32.97 -10.64 -34.98
N MET A 495 -31.75 -11.15 -34.89
CA MET A 495 -30.73 -10.65 -33.97
C MET A 495 -30.53 -9.15 -34.14
N SER A 496 -30.44 -8.73 -35.41
CA SER A 496 -30.18 -7.33 -35.74
C SER A 496 -31.24 -6.42 -35.15
N ASP A 497 -32.49 -6.81 -35.28
CA ASP A 497 -33.61 -6.04 -34.78
C ASP A 497 -33.61 -5.99 -33.25
N GLU A 498 -33.27 -7.10 -32.62
CA GLU A 498 -33.17 -7.13 -31.16
C GLU A 498 -32.04 -6.23 -30.66
N LEU A 499 -30.90 -6.26 -31.32
CA LEU A 499 -29.78 -5.39 -30.96
C LEU A 499 -30.15 -3.92 -31.11
N THR A 500 -30.76 -3.59 -32.25
CA THR A 500 -31.11 -2.20 -32.55
C THR A 500 -32.00 -1.58 -31.48
N LYS A 501 -32.99 -2.33 -31.02
CA LYS A 501 -33.93 -1.77 -30.05
C LYS A 501 -33.28 -1.61 -28.68
N LEU A 502 -32.26 -2.43 -28.41
CA LEU A 502 -31.50 -2.33 -27.18
C LEU A 502 -30.64 -1.06 -27.22
N LEU A 503 -29.93 -0.87 -28.34
CA LEU A 503 -29.04 0.27 -28.49
C LEU A 503 -29.78 1.60 -28.44
N GLU A 504 -30.97 1.62 -29.04
CA GLU A 504 -31.77 2.84 -29.10
C GLU A 504 -32.68 2.96 -27.88
N GLY A 505 -32.68 1.94 -27.04
CA GLY A 505 -33.52 1.92 -25.86
C GLY A 505 -32.74 2.07 -24.56
N ASN A 506 -32.67 0.98 -23.80
CA ASN A 506 -32.07 1.00 -22.46
C ASN A 506 -30.60 1.40 -22.42
N LEU A 507 -29.85 1.05 -23.46
CA LEU A 507 -28.41 1.29 -23.47
C LEU A 507 -28.02 2.69 -23.90
N LYS A 508 -28.96 3.41 -24.50
CA LYS A 508 -28.64 4.70 -25.10
C LYS A 508 -27.98 5.71 -24.14
N PRO A 509 -28.45 5.81 -22.89
CA PRO A 509 -27.75 6.71 -21.97
C PRO A 509 -26.30 6.27 -21.69
N ALA A 510 -26.05 4.97 -21.66
CA ALA A 510 -24.69 4.47 -21.51
C ALA A 510 -23.86 4.76 -22.76
N ILE A 511 -24.45 4.51 -23.93
CA ILE A 511 -23.77 4.76 -25.19
C ILE A 511 -23.42 6.25 -25.33
N ASP A 512 -24.34 7.12 -24.93
CA ASP A 512 -24.10 8.56 -24.97
C ASP A 512 -22.88 8.91 -24.12
N MET A 513 -22.82 8.33 -22.93
CA MET A 513 -21.71 8.57 -22.01
C MET A 513 -20.38 8.10 -22.60
N MET A 514 -20.42 6.98 -23.32
CA MET A 514 -19.21 6.42 -23.92
C MET A 514 -18.78 7.20 -25.16
N VAL A 515 -19.75 7.74 -25.88
CA VAL A 515 -19.45 8.65 -26.99
C VAL A 515 -18.64 9.83 -26.46
N GLU A 516 -19.09 10.36 -25.32
CA GLU A 516 -18.41 11.48 -24.68
C GLU A 516 -16.99 11.11 -24.27
N PHE A 517 -16.83 9.91 -23.73
CA PHE A 517 -15.53 9.43 -23.28
C PHE A 517 -14.56 9.30 -24.45
N ASN A 518 -15.08 8.80 -25.57
CA ASN A 518 -14.24 8.63 -26.76
C ASN A 518 -13.98 9.95 -27.47
N THR A 519 -14.53 11.03 -26.92
CA THR A 519 -14.32 12.37 -27.46
C THR A 519 -13.35 13.18 -26.61
N THR A 520 -13.62 13.26 -25.31
CA THR A 520 -12.85 14.09 -24.40
C THR A 520 -11.96 13.29 -23.47
N GLY A 521 -12.27 12.00 -23.30
CA GLY A 521 -11.49 11.17 -22.42
C GLY A 521 -11.98 11.22 -20.98
N SER A 522 -13.16 11.79 -20.78
CA SER A 522 -13.70 11.97 -19.44
C SER A 522 -14.95 11.14 -19.20
N LEU A 523 -15.13 10.73 -17.95
CA LEU A 523 -16.34 10.05 -17.50
C LEU A 523 -17.03 10.93 -16.46
N PRO A 524 -18.36 10.88 -16.41
CA PRO A 524 -19.08 11.63 -15.38
C PRO A 524 -18.90 10.97 -14.02
N GLU A 525 -19.15 11.71 -12.95
CA GLU A 525 -19.00 11.17 -11.61
C GLU A 525 -20.02 10.07 -11.32
N ASN A 526 -21.11 10.04 -12.09
CA ASN A 526 -22.12 9.00 -11.93
C ASN A 526 -21.99 7.87 -12.96
N ALA A 527 -20.77 7.68 -13.47
CA ALA A 527 -20.51 6.67 -14.49
C ALA A 527 -20.97 5.26 -14.09
N VAL A 528 -20.72 4.89 -12.84
CA VAL A 528 -21.10 3.55 -12.39
C VAL A 528 -22.62 3.35 -12.43
N ASP A 529 -23.36 4.36 -11.95
CA ASP A 529 -24.82 4.29 -11.97
C ASP A 529 -25.39 4.25 -13.39
N VAL A 530 -24.79 5.01 -14.30
CA VAL A 530 -25.25 5.02 -15.69
C VAL A 530 -25.07 3.64 -16.30
N LEU A 531 -23.89 3.06 -16.14
CA LEU A 531 -23.60 1.75 -16.69
C LEU A 531 -24.47 0.67 -16.06
N ASN A 532 -24.57 0.70 -14.73
CA ASN A 532 -25.34 -0.30 -14.01
C ASN A 532 -26.80 -0.31 -14.41
N THR A 533 -27.39 0.87 -14.51
CA THR A 533 -28.80 1.01 -14.85
C THR A 533 -29.07 0.57 -16.29
N ALA A 534 -28.20 1.02 -17.20
CA ALA A 534 -28.36 0.70 -18.61
C ALA A 534 -28.22 -0.80 -18.87
N LEU A 535 -27.19 -1.40 -18.29
CA LEU A 535 -26.88 -2.81 -18.54
C LEU A 535 -27.74 -3.79 -17.78
N GLY A 536 -28.10 -3.44 -16.56
CA GLY A 536 -28.85 -4.36 -15.71
C GLY A 536 -28.16 -5.71 -15.62
N ASP A 537 -28.92 -6.78 -15.90
CA ASP A 537 -28.38 -8.13 -15.82
C ASP A 537 -27.46 -8.51 -16.99
N ARG A 538 -27.33 -7.63 -17.98
CA ARG A 538 -26.42 -7.88 -19.10
C ARG A 538 -24.98 -7.47 -18.76
N LYS A 539 -24.80 -6.90 -17.59
CA LYS A 539 -23.50 -6.37 -17.17
C LYS A 539 -22.43 -7.45 -17.12
N SER A 540 -21.32 -7.18 -17.80
CA SER A 540 -20.17 -8.07 -17.82
C SER A 540 -19.02 -7.27 -18.41
N PHE A 541 -17.81 -7.83 -18.36
CA PHE A 541 -16.70 -7.11 -18.96
C PHE A 541 -16.84 -7.01 -20.47
N VAL A 542 -17.31 -8.08 -21.12
CA VAL A 542 -17.47 -8.06 -22.57
C VAL A 542 -18.58 -7.10 -23.00
N ALA A 543 -19.57 -6.88 -22.12
CA ALA A 543 -20.60 -5.90 -22.42
C ALA A 543 -20.01 -4.48 -22.44
N LEU A 544 -19.05 -4.22 -21.56
CA LEU A 544 -18.35 -2.94 -21.56
C LEU A 544 -17.54 -2.75 -22.83
N MET A 545 -16.93 -3.84 -23.31
CA MET A 545 -16.22 -3.77 -24.59
C MET A 545 -17.18 -3.38 -25.70
N ALA A 546 -18.38 -3.97 -25.68
CA ALA A 546 -19.38 -3.69 -26.69
C ALA A 546 -19.81 -2.22 -26.65
N LEU A 547 -20.02 -1.68 -25.45
CA LEU A 547 -20.41 -0.28 -25.33
C LEU A 547 -19.29 0.61 -25.83
N MET A 548 -18.06 0.25 -25.48
CA MET A 548 -16.87 0.97 -25.92
C MET A 548 -16.80 0.99 -27.44
N GLU A 549 -16.86 -0.20 -28.03
CA GLU A 549 -16.69 -0.36 -29.48
C GLU A 549 -17.80 0.24 -30.33
N TYR A 550 -19.05 0.15 -29.86
CA TYR A 550 -20.15 0.79 -30.58
C TYR A 550 -20.02 2.32 -30.55
N SER A 551 -19.67 2.87 -29.39
CA SER A 551 -19.46 4.32 -29.29
C SER A 551 -18.24 4.78 -30.09
N ARG A 552 -17.21 3.96 -30.17
CA ARG A 552 -16.03 4.29 -30.96
C ARG A 552 -16.43 4.37 -32.43
N TYR A 553 -17.27 3.43 -32.85
CA TYR A 553 -17.82 3.44 -34.21
C TYR A 553 -18.63 4.71 -34.48
N LEU A 554 -19.41 5.13 -33.49
CA LEU A 554 -20.24 6.32 -33.65
C LEU A 554 -19.41 7.58 -33.90
N VAL A 555 -18.28 7.71 -33.23
CA VAL A 555 -17.46 8.91 -33.38
C VAL A 555 -16.33 8.72 -34.40
N ALA A 556 -16.23 7.53 -34.97
CA ALA A 556 -15.20 7.24 -35.96
C ALA A 556 -15.29 8.14 -37.19
N GLU A 557 -14.13 8.67 -37.57
CA GLU A 557 -14.03 9.57 -38.72
C GLU A 557 -14.09 8.81 -40.05
N ASP A 558 -13.52 7.60 -40.08
CA ASP A 558 -13.56 6.78 -41.27
C ASP A 558 -14.24 5.45 -40.96
N LYS A 559 -15.56 5.43 -41.10
CA LYS A 559 -16.34 4.23 -40.83
C LYS A 559 -16.09 3.14 -41.85
N SER A 560 -15.50 3.51 -42.98
CA SER A 560 -15.19 2.55 -44.05
C SER A 560 -14.01 1.67 -43.70
N ALA A 561 -13.21 2.10 -42.73
CA ALA A 561 -12.05 1.32 -42.30
C ALA A 561 -11.92 1.32 -40.77
N PHE A 562 -12.95 0.83 -40.11
CA PHE A 562 -13.00 0.81 -38.66
C PHE A 562 -12.27 -0.40 -38.08
N VAL A 563 -11.25 -0.13 -37.25
CA VAL A 563 -10.43 -1.19 -36.67
C VAL A 563 -10.87 -1.54 -35.26
N THR A 564 -11.23 -2.81 -35.05
CA THR A 564 -11.75 -3.26 -33.76
C THR A 564 -11.34 -4.69 -33.45
N PRO A 565 -11.07 -4.98 -32.16
CA PRO A 565 -10.82 -6.35 -31.70
C PRO A 565 -12.09 -7.05 -31.23
N LEU A 566 -13.25 -6.39 -31.34
CA LEU A 566 -14.51 -7.01 -30.95
C LEU A 566 -14.59 -8.39 -31.63
N TYR A 567 -15.05 -9.39 -30.89
CA TYR A 567 -15.04 -10.74 -31.44
C TYR A 567 -16.42 -11.39 -31.38
N VAL A 568 -16.56 -12.52 -32.06
CA VAL A 568 -17.72 -13.37 -31.89
C VAL A 568 -17.19 -14.71 -31.38
N GLU A 569 -17.81 -15.24 -30.34
CA GLU A 569 -17.43 -16.55 -29.84
C GLU A 569 -18.31 -17.62 -30.45
N ALA A 570 -17.71 -18.51 -31.24
CA ALA A 570 -18.40 -19.73 -31.63
C ALA A 570 -18.33 -20.64 -30.40
N ASP A 571 -19.49 -20.95 -29.83
CA ASP A 571 -19.52 -21.70 -28.58
C ASP A 571 -20.37 -22.96 -28.66
N GLY A 572 -19.83 -24.04 -28.07
CA GLY A 572 -20.45 -25.34 -28.11
C GLY A 572 -21.78 -25.38 -27.38
N VAL A 573 -22.80 -25.89 -28.03
CA VAL A 573 -24.12 -25.92 -27.39
C VAL A 573 -24.21 -27.17 -26.53
N THR A 574 -24.25 -26.98 -25.21
CA THR A 574 -24.29 -28.09 -24.26
C THR A 574 -23.24 -29.12 -24.65
N ASN A 575 -22.01 -28.64 -24.82
CA ASN A 575 -20.93 -29.36 -25.47
C ASN A 575 -20.55 -30.73 -24.89
N GLY A 576 -20.20 -30.76 -23.61
CA GLY A 576 -19.86 -32.01 -22.95
C GLY A 576 -20.87 -33.13 -23.11
N PRO A 577 -22.13 -32.87 -22.73
CA PRO A 577 -23.18 -33.88 -22.87
C PRO A 577 -23.42 -34.33 -24.31
N ILE A 578 -23.44 -33.38 -25.24
CA ILE A 578 -23.63 -33.72 -26.64
C ILE A 578 -22.48 -34.59 -27.15
N ASN A 579 -21.24 -34.19 -26.81
CA ASN A 579 -20.06 -34.97 -27.14
C ASN A 579 -20.14 -36.40 -26.60
N ALA A 580 -20.52 -36.54 -25.33
CA ALA A 580 -20.70 -37.85 -24.74
C ALA A 580 -21.73 -38.68 -25.49
N MET A 581 -22.86 -38.05 -25.82
CA MET A 581 -23.91 -38.73 -26.55
C MET A 581 -23.45 -39.21 -27.93
N MET A 582 -22.67 -38.39 -28.62
CA MET A 582 -22.15 -38.79 -29.93
C MET A 582 -21.02 -39.82 -29.84
N LEU A 583 -20.15 -39.65 -28.86
CA LEU A 583 -18.94 -40.47 -28.76
C LEU A 583 -19.14 -41.82 -28.09
N MET A 584 -20.12 -41.91 -27.18
CA MET A 584 -20.23 -43.09 -26.36
C MET A 584 -21.60 -43.77 -26.32
N THR A 585 -22.53 -43.35 -27.17
CA THR A 585 -23.75 -44.12 -27.32
C THR A 585 -23.44 -45.29 -28.25
N GLY A 586 -23.78 -46.51 -27.83
CA GLY A 586 -23.35 -47.68 -28.57
C GLY A 586 -24.40 -48.53 -29.25
N GLY A 587 -25.67 -48.30 -28.94
CA GLY A 587 -26.72 -49.18 -29.44
C GLY A 587 -27.25 -48.84 -30.82
N LEU A 588 -28.42 -49.37 -31.13
CA LEU A 588 -29.13 -48.99 -32.34
C LEU A 588 -29.57 -47.54 -32.20
N PHE A 589 -29.85 -46.91 -33.34
CA PHE A 589 -30.39 -45.54 -33.35
C PHE A 589 -31.83 -45.52 -32.87
N THR A 590 -32.18 -44.53 -32.07
CA THR A 590 -33.55 -44.33 -31.62
C THR A 590 -34.03 -42.94 -32.01
N PRO A 591 -35.36 -42.78 -32.19
CA PRO A 591 -35.93 -41.47 -32.53
C PRO A 591 -35.65 -40.40 -31.47
N ASP A 592 -35.66 -40.77 -30.19
CA ASP A 592 -35.39 -39.81 -29.13
C ASP A 592 -33.96 -39.28 -29.19
N TRP A 593 -33.04 -40.15 -29.57
CA TRP A 593 -31.65 -39.77 -29.70
C TRP A 593 -31.47 -38.78 -30.84
N ILE A 594 -32.17 -39.02 -31.95
CA ILE A 594 -32.11 -38.11 -33.10
C ILE A 594 -32.64 -36.71 -32.76
N ARG A 595 -33.77 -36.65 -32.06
CA ARG A 595 -34.33 -35.37 -31.65
C ARG A 595 -33.45 -34.65 -30.63
N ASN A 596 -32.93 -35.39 -29.67
CA ASN A 596 -32.11 -34.79 -28.62
C ASN A 596 -30.72 -34.36 -29.12
N ILE A 597 -30.13 -35.15 -30.00
CA ILE A 597 -28.82 -34.76 -30.53
C ILE A 597 -28.93 -33.53 -31.45
N ALA A 598 -30.11 -33.33 -32.04
CA ALA A 598 -30.32 -32.15 -32.87
C ALA A 598 -30.29 -30.88 -32.02
N LYS A 599 -30.63 -31.02 -30.75
CA LYS A 599 -30.57 -29.89 -29.82
C LYS A 599 -29.13 -29.41 -29.65
N GLY A 600 -28.18 -30.26 -30.04
CA GLY A 600 -26.77 -29.94 -29.97
C GLY A 600 -26.11 -29.70 -31.34
N GLY A 601 -26.93 -29.60 -32.38
CA GLY A 601 -26.40 -29.18 -33.67
C GLY A 601 -26.03 -30.27 -34.66
N LEU A 602 -26.40 -31.51 -34.37
CA LEU A 602 -26.24 -32.57 -35.35
C LEU A 602 -27.57 -32.75 -36.07
N PHE A 603 -27.67 -32.14 -37.26
CA PHE A 603 -28.91 -32.22 -38.04
C PHE A 603 -28.78 -33.24 -39.15
N ILE A 604 -29.73 -34.16 -39.18
CA ILE A 604 -29.75 -35.23 -40.17
C ILE A 604 -30.83 -34.92 -41.20
N GLY A 605 -30.45 -34.92 -42.47
CA GLY A 605 -31.39 -34.74 -43.57
C GLY A 605 -31.93 -33.32 -43.71
N SER A 606 -31.11 -32.33 -43.35
CA SER A 606 -31.49 -30.93 -43.50
C SER A 606 -30.27 -30.14 -43.96
N PRO A 607 -29.96 -30.20 -45.26
CA PRO A 607 -28.75 -29.57 -45.79
C PRO A 607 -28.69 -28.08 -45.41
N ASN A 608 -27.56 -27.67 -44.86
CA ASN A 608 -27.28 -26.28 -44.54
C ASN A 608 -28.05 -25.72 -43.35
N LYS A 609 -28.73 -26.59 -42.60
CA LYS A 609 -29.48 -26.14 -41.44
C LYS A 609 -28.54 -25.61 -40.36
N THR A 610 -28.92 -24.50 -39.74
CA THR A 610 -28.09 -23.90 -38.70
C THR A 610 -28.76 -24.05 -37.34
N MET A 611 -27.99 -23.82 -36.29
CA MET A 611 -28.55 -23.85 -34.95
C MET A 611 -29.58 -22.73 -34.78
N ASN A 612 -29.32 -21.59 -35.40
CA ASN A 612 -30.24 -20.45 -35.30
C ASN A 612 -31.61 -20.80 -35.87
N GLU A 613 -31.61 -21.49 -37.02
CA GLU A 613 -32.85 -21.95 -37.62
C GLU A 613 -33.54 -23.03 -36.79
N HIS A 614 -32.76 -23.98 -36.28
CA HIS A 614 -33.31 -25.05 -35.45
C HIS A 614 -34.08 -24.48 -34.27
N ARG A 615 -33.44 -23.59 -33.52
CA ARG A 615 -34.03 -23.01 -32.33
C ARG A 615 -35.26 -22.16 -32.61
N SER A 616 -35.28 -21.51 -33.76
CA SER A 616 -36.36 -20.58 -34.08
C SER A 616 -37.55 -21.22 -34.79
N THR A 617 -37.32 -22.33 -35.51
CA THR A 617 -38.39 -22.93 -36.30
C THR A 617 -38.73 -24.38 -35.97
N ALA A 618 -37.85 -25.09 -35.29
CA ALA A 618 -38.06 -26.52 -35.06
C ALA A 618 -38.23 -26.92 -33.60
N ASP A 619 -37.33 -26.44 -32.75
CA ASP A 619 -37.28 -26.87 -31.34
C ASP A 619 -36.58 -25.82 -30.51
N ASN A 620 -37.35 -25.06 -29.73
CA ASN A 620 -36.79 -24.00 -28.92
C ASN A 620 -36.12 -24.49 -27.63
N ASN A 621 -36.21 -25.80 -27.36
CA ASN A 621 -35.68 -26.35 -26.12
C ASN A 621 -34.33 -27.03 -26.29
N ASP A 622 -33.30 -26.52 -25.62
CA ASP A 622 -32.01 -27.22 -25.63
C ASP A 622 -32.01 -28.43 -24.70
N LEU A 623 -30.87 -29.11 -24.62
CA LEU A 623 -30.74 -30.35 -23.86
C LEU A 623 -30.99 -30.15 -22.37
N TYR A 624 -30.62 -28.98 -21.84
CA TYR A 624 -30.84 -28.70 -20.43
C TYR A 624 -32.32 -28.43 -20.15
N GLN A 625 -32.97 -27.70 -21.05
CA GLN A 625 -34.41 -27.47 -20.94
C GLN A 625 -35.17 -28.78 -21.06
N ALA A 626 -34.74 -29.62 -21.99
CA ALA A 626 -35.33 -30.94 -22.17
C ALA A 626 -35.28 -31.75 -20.86
N SER A 627 -34.11 -31.75 -20.21
CA SER A 627 -33.98 -32.52 -18.97
C SER A 627 -34.85 -31.91 -17.87
N THR A 628 -35.06 -30.60 -17.96
CA THR A 628 -35.88 -29.88 -16.99
C THR A 628 -37.35 -30.28 -17.15
N ASN A 629 -37.79 -30.40 -18.39
CA ASN A 629 -39.15 -30.85 -18.66
C ASN A 629 -39.32 -32.31 -18.21
N ALA A 630 -38.26 -33.10 -18.35
CA ALA A 630 -38.30 -34.49 -17.92
C ALA A 630 -38.33 -34.59 -16.39
N LEU A 631 -37.68 -33.63 -15.74
CA LEU A 631 -37.71 -33.54 -14.29
C LEU A 631 -39.13 -33.29 -13.80
N MET A 632 -39.85 -32.40 -14.47
CA MET A 632 -41.23 -32.11 -14.11
C MET A 632 -42.14 -33.34 -14.25
N GLU A 633 -41.85 -34.17 -15.25
CA GLU A 633 -42.59 -35.42 -15.43
C GLU A 633 -42.33 -36.38 -14.27
N SER A 634 -41.08 -36.49 -13.87
CA SER A 634 -40.68 -37.39 -12.79
C SER A 634 -41.16 -36.87 -11.44
N LEU A 635 -41.23 -35.55 -11.31
CA LEU A 635 -41.72 -34.94 -10.09
C LEU A 635 -43.21 -35.24 -9.94
N GLY A 636 -43.93 -35.20 -11.06
CA GLY A 636 -45.34 -35.54 -11.07
C GLY A 636 -45.52 -37.01 -10.76
N LYS A 637 -44.67 -37.84 -11.33
CA LYS A 637 -44.70 -39.28 -11.07
C LYS A 637 -44.45 -39.57 -9.59
N LEU A 638 -43.53 -38.82 -8.99
CA LEU A 638 -43.20 -39.00 -7.58
C LEU A 638 -44.39 -38.63 -6.69
N ARG A 639 -45.06 -37.53 -7.01
CA ARG A 639 -46.23 -37.09 -6.27
C ARG A 639 -47.36 -38.12 -6.29
N SER A 640 -47.63 -38.67 -7.46
CA SER A 640 -48.68 -39.66 -7.64
C SER A 640 -48.48 -40.87 -6.74
N ASN A 641 -47.24 -41.33 -6.65
CA ASN A 641 -46.89 -42.48 -5.83
C ASN A 641 -47.15 -42.21 -4.35
N TYR A 642 -47.23 -40.94 -3.98
CA TYR A 642 -47.48 -40.55 -2.59
C TYR A 642 -48.69 -39.62 -2.50
N ALA A 643 -49.65 -39.83 -3.41
CA ALA A 643 -50.80 -38.95 -3.53
C ALA A 643 -51.58 -38.76 -2.22
N SER A 644 -51.79 -39.84 -1.48
CA SER A 644 -52.62 -39.78 -0.29
C SER A 644 -51.82 -39.37 0.96
N ASN A 645 -50.50 -39.33 0.81
CA ASN A 645 -49.63 -38.98 1.94
C ASN A 645 -49.45 -37.47 2.05
N MET A 646 -50.31 -36.83 2.83
CA MET A 646 -50.28 -35.37 2.97
C MET A 646 -48.96 -34.79 3.50
N PRO A 647 -48.37 -35.41 4.54
CA PRO A 647 -47.07 -34.90 5.01
C PRO A 647 -46.01 -34.87 3.90
N ILE A 648 -45.96 -35.88 3.05
CA ILE A 648 -45.00 -35.91 1.94
C ILE A 648 -45.33 -34.86 0.87
N GLN A 649 -46.61 -34.73 0.55
CA GLN A 649 -47.04 -33.71 -0.41
C GLN A 649 -46.68 -32.33 0.10
N SER A 650 -46.91 -32.10 1.39
CA SER A 650 -46.59 -30.81 2.00
C SER A 650 -45.09 -30.54 2.04
N GLN A 651 -44.32 -31.61 2.21
CA GLN A 651 -42.87 -31.50 2.27
C GLN A 651 -42.33 -31.09 0.91
N ILE A 652 -42.81 -31.75 -0.13
CA ILE A 652 -42.44 -31.41 -1.50
C ILE A 652 -42.86 -29.98 -1.83
N ASP A 653 -44.09 -29.61 -1.47
CA ASP A 653 -44.58 -28.26 -1.70
C ASP A 653 -43.67 -27.22 -1.06
N SER A 654 -43.22 -27.51 0.16
CA SER A 654 -42.38 -26.56 0.88
C SER A 654 -41.00 -26.38 0.26
N LEU A 655 -40.46 -27.44 -0.31
CA LEU A 655 -39.16 -27.35 -0.96
C LEU A 655 -39.28 -26.49 -2.20
N LEU A 656 -40.26 -26.79 -3.04
CA LEU A 656 -40.51 -26.03 -4.27
C LEU A 656 -40.85 -24.59 -3.93
N SER A 657 -41.53 -24.39 -2.80
CA SER A 657 -41.89 -23.06 -2.35
C SER A 657 -40.64 -22.25 -2.04
N LEU A 658 -39.75 -22.84 -1.26
CA LEU A 658 -38.53 -22.17 -0.83
C LEU A 658 -37.63 -21.81 -2.01
N MET A 659 -37.47 -22.76 -2.94
CA MET A 659 -36.65 -22.53 -4.12
C MET A 659 -37.25 -21.42 -4.98
N ASP A 660 -38.58 -21.40 -5.07
CA ASP A 660 -39.27 -20.36 -5.82
C ASP A 660 -39.03 -18.97 -5.23
N LEU A 661 -38.94 -18.90 -3.90
CA LEU A 661 -38.70 -17.65 -3.22
C LEU A 661 -37.35 -17.02 -3.58
N PHE A 662 -36.33 -17.85 -3.77
CA PHE A 662 -34.96 -17.33 -3.87
C PHE A 662 -34.22 -17.64 -5.16
N LEU A 663 -34.72 -18.59 -5.95
CA LEU A 663 -34.04 -18.97 -7.19
C LEU A 663 -34.78 -18.48 -8.43
N PRO A 664 -34.04 -18.00 -9.44
CA PRO A 664 -34.64 -17.44 -10.65
C PRO A 664 -35.15 -18.52 -11.61
N ASP A 665 -34.52 -19.70 -11.58
CA ASP A 665 -34.80 -20.75 -12.55
C ASP A 665 -36.01 -21.60 -12.19
N ILE A 666 -36.64 -21.29 -11.06
CA ILE A 666 -37.80 -22.04 -10.63
C ILE A 666 -38.93 -21.11 -10.17
N ASN A 667 -40.06 -21.20 -10.86
CA ASN A 667 -41.22 -20.36 -10.57
C ASN A 667 -42.50 -21.17 -10.45
N LEU A 668 -43.31 -20.85 -9.46
CA LEU A 668 -44.62 -21.47 -9.33
C LEU A 668 -45.74 -20.43 -9.35
N GLY A 669 -46.88 -20.81 -9.94
CA GLY A 669 -47.99 -19.90 -10.12
C GLY A 669 -48.99 -19.94 -8.99
N GLU A 670 -50.08 -19.17 -9.13
CA GLU A 670 -51.10 -19.07 -8.10
C GLU A 670 -51.87 -20.36 -7.89
N ASN A 671 -51.86 -21.24 -8.89
CA ASN A 671 -52.55 -22.51 -8.81
C ASN A 671 -51.60 -23.68 -8.63
N GLY A 672 -50.36 -23.38 -8.27
CA GLY A 672 -49.35 -24.40 -8.04
C GLY A 672 -48.66 -24.83 -9.32
N ALA A 673 -48.90 -24.09 -10.40
CA ALA A 673 -48.31 -24.40 -11.70
C ALA A 673 -46.81 -24.23 -11.67
N LEU A 674 -46.08 -25.33 -11.87
CA LEU A 674 -44.62 -25.31 -11.79
C LEU A 674 -43.95 -25.01 -13.12
N GLU A 675 -43.01 -24.08 -13.09
CA GLU A 675 -42.29 -23.64 -14.28
C GLU A 675 -40.79 -23.63 -13.99
N LEU A 676 -40.01 -24.32 -14.82
CA LEU A 676 -38.57 -24.42 -14.60
C LEU A 676 -37.76 -24.01 -15.83
N LYS A 677 -36.63 -23.37 -15.60
CA LYS A 677 -35.76 -22.92 -16.68
C LYS A 677 -34.50 -23.79 -16.79
N ARG A 678 -33.88 -23.80 -17.96
CA ARG A 678 -32.78 -24.70 -18.25
C ARG A 678 -31.56 -24.53 -17.34
N GLY A 679 -31.44 -23.35 -16.73
CA GLY A 679 -30.29 -23.04 -15.90
C GLY A 679 -30.13 -23.98 -14.72
N ILE A 680 -31.24 -24.44 -14.18
CA ILE A 680 -31.21 -25.29 -12.99
C ILE A 680 -30.71 -26.70 -13.31
N ALA A 681 -30.67 -27.06 -14.59
CA ALA A 681 -30.23 -28.40 -15.00
C ALA A 681 -28.82 -28.42 -15.58
N LYS A 682 -28.30 -27.25 -15.95
CA LYS A 682 -27.02 -27.18 -16.65
C LYS A 682 -25.89 -27.92 -15.92
N ASN A 683 -25.56 -27.47 -14.72
CA ASN A 683 -24.51 -28.13 -13.95
C ASN A 683 -24.86 -29.58 -13.54
N PRO A 684 -26.09 -29.81 -13.03
CA PRO A 684 -26.41 -31.19 -12.61
C PRO A 684 -26.34 -32.21 -13.75
N LEU A 685 -26.75 -31.83 -14.96
CA LEU A 685 -26.71 -32.77 -16.07
C LEU A 685 -25.26 -33.11 -16.42
N THR A 686 -24.44 -32.08 -16.51
CA THR A 686 -23.03 -32.22 -16.88
C THR A 686 -22.28 -33.13 -15.93
N ILE A 687 -22.33 -32.80 -14.64
CA ILE A 687 -21.57 -33.54 -13.65
C ILE A 687 -22.14 -34.93 -13.39
N THR A 688 -23.42 -35.14 -13.68
CA THR A 688 -24.00 -36.47 -13.54
C THR A 688 -23.39 -37.43 -14.55
N ILE A 689 -23.23 -36.96 -15.78
CA ILE A 689 -22.57 -37.74 -16.82
C ILE A 689 -21.14 -38.03 -16.41
N TYR A 690 -20.51 -37.05 -15.77
CA TYR A 690 -19.11 -37.16 -15.35
C TYR A 690 -18.93 -37.91 -14.03
N GLY A 691 -20.00 -38.54 -13.56
CA GLY A 691 -19.91 -39.46 -12.45
C GLY A 691 -20.24 -38.90 -11.07
N SER A 692 -20.73 -37.67 -11.02
CA SER A 692 -21.10 -37.08 -9.74
C SER A 692 -22.26 -37.84 -9.09
N GLY A 693 -22.19 -37.97 -7.77
CA GLY A 693 -23.29 -38.55 -7.02
C GLY A 693 -24.41 -37.54 -6.88
N ALA A 694 -25.59 -38.00 -6.50
CA ALA A 694 -26.73 -37.10 -6.35
C ALA A 694 -26.60 -36.19 -5.13
N ARG A 695 -25.98 -36.71 -4.07
CA ARG A 695 -25.82 -35.95 -2.83
C ARG A 695 -25.01 -34.67 -3.05
N GLY A 696 -23.96 -34.75 -3.86
CA GLY A 696 -23.16 -33.59 -4.19
C GLY A 696 -23.97 -32.54 -4.93
N ILE A 697 -24.83 -32.98 -5.84
CA ILE A 697 -25.69 -32.08 -6.57
C ILE A 697 -26.69 -31.41 -5.61
N ALA A 698 -27.24 -32.19 -4.70
CA ALA A 698 -28.16 -31.67 -3.70
C ALA A 698 -27.49 -30.59 -2.84
N GLY A 699 -26.22 -30.79 -2.54
CA GLY A 699 -25.47 -29.82 -1.75
C GLY A 699 -25.27 -28.51 -2.47
N LYS A 700 -25.00 -28.60 -3.77
CA LYS A 700 -24.76 -27.41 -4.58
C LYS A 700 -26.05 -26.61 -4.73
N LEU A 701 -27.16 -27.31 -4.94
CA LEU A 701 -28.46 -26.65 -5.03
C LEU A 701 -28.83 -25.93 -3.75
N VAL A 702 -28.65 -26.59 -2.61
CA VAL A 702 -28.89 -25.96 -1.32
C VAL A 702 -28.01 -24.72 -1.13
N SER A 703 -26.77 -24.82 -1.57
CA SER A 703 -25.82 -23.72 -1.46
C SER A 703 -26.32 -22.50 -2.25
N SER A 704 -26.90 -22.76 -3.42
CA SER A 704 -27.49 -21.70 -4.23
C SER A 704 -28.62 -21.03 -3.47
N VAL A 705 -29.41 -21.84 -2.76
CA VAL A 705 -30.53 -21.33 -1.98
C VAL A 705 -30.05 -20.52 -0.77
N THR A 706 -29.15 -21.10 0.02
CA THR A 706 -28.68 -20.42 1.23
C THR A 706 -27.92 -19.12 0.90
N ASP A 707 -27.21 -19.10 -0.22
CA ASP A 707 -26.54 -17.89 -0.67
C ASP A 707 -27.55 -16.76 -0.87
N ALA A 708 -28.66 -17.09 -1.52
CA ALA A 708 -29.68 -16.11 -1.85
C ALA A 708 -30.39 -15.58 -0.62
N ILE A 709 -30.63 -16.45 0.36
CA ILE A 709 -31.28 -15.97 1.58
C ILE A 709 -30.32 -15.11 2.41
N TYR A 710 -29.03 -15.46 2.41
CA TYR A 710 -28.03 -14.65 3.10
C TYR A 710 -28.00 -13.26 2.49
N GLU A 711 -28.12 -13.21 1.17
CA GLU A 711 -28.14 -11.95 0.45
C GLU A 711 -29.40 -11.17 0.80
N ARG A 712 -30.53 -11.87 0.87
CA ARG A 712 -31.80 -11.23 1.19
C ARG A 712 -31.79 -10.71 2.62
N MET A 713 -30.97 -11.34 3.48
CA MET A 713 -30.80 -10.88 4.86
C MET A 713 -30.08 -9.53 4.91
N SER A 714 -29.12 -9.33 4.00
CA SER A 714 -28.45 -8.04 3.87
C SER A 714 -29.46 -6.98 3.45
N ASP A 715 -30.39 -7.37 2.58
CA ASP A 715 -31.46 -6.48 2.15
C ASP A 715 -32.30 -6.05 3.33
N VAL A 716 -32.56 -6.98 4.24
CA VAL A 716 -33.29 -6.66 5.46
C VAL A 716 -32.53 -5.59 6.23
N LEU A 717 -31.27 -5.86 6.53
CA LEU A 717 -30.42 -4.92 7.26
C LEU A 717 -30.38 -3.56 6.58
N LYS A 718 -30.45 -3.57 5.25
CA LYS A 718 -30.35 -2.37 4.45
C LYS A 718 -31.64 -1.56 4.49
N ALA A 719 -32.75 -2.19 4.14
CA ALA A 719 -34.04 -1.51 4.12
C ALA A 719 -34.48 -1.07 5.51
N ARG A 720 -34.09 -1.84 6.51
CA ARG A 720 -34.39 -1.51 7.90
C ARG A 720 -33.62 -0.27 8.33
N ALA A 721 -32.45 -0.08 7.73
CA ALA A 721 -31.60 1.07 8.05
C ALA A 721 -32.19 2.37 7.50
N LYS A 722 -32.63 2.35 6.26
CA LYS A 722 -33.19 3.55 5.64
C LYS A 722 -34.66 3.77 6.02
N ASP A 723 -35.17 2.89 6.88
CA ASP A 723 -36.53 2.99 7.39
C ASP A 723 -36.74 2.00 8.53
N PRO A 724 -36.54 2.46 9.79
CA PRO A 724 -36.70 1.61 10.97
C PRO A 724 -38.12 1.07 11.13
N ASN A 725 -39.11 1.87 10.73
CA ASN A 725 -40.51 1.48 10.87
C ASN A 725 -40.91 0.27 10.03
N ILE A 726 -40.04 -0.11 9.09
CA ILE A 726 -40.34 -1.18 8.15
C ILE A 726 -40.71 -2.50 8.85
N SER A 727 -41.75 -3.16 8.36
CA SER A 727 -42.13 -4.46 8.88
C SER A 727 -41.12 -5.48 8.37
N ALA A 728 -40.91 -6.54 9.13
CA ALA A 728 -39.97 -7.59 8.74
C ALA A 728 -40.37 -8.18 7.40
N ALA A 729 -41.66 -8.29 7.17
CA ALA A 729 -42.19 -8.80 5.91
C ALA A 729 -41.74 -7.93 4.74
N MET A 730 -41.94 -6.63 4.86
CA MET A 730 -41.51 -5.69 3.84
C MET A 730 -39.98 -5.56 3.78
N ALA A 731 -39.32 -5.71 4.93
CA ALA A 731 -37.86 -5.62 4.97
C ALA A 731 -37.20 -6.77 4.22
N MET A 732 -37.88 -7.93 4.17
CA MET A 732 -37.32 -9.10 3.51
C MET A 732 -37.93 -9.36 2.13
N PHE A 733 -39.21 -9.04 1.98
CA PHE A 733 -39.89 -9.33 0.73
C PHE A 733 -40.54 -8.11 0.08
N GLY A 734 -40.15 -6.92 0.53
CA GLY A 734 -40.67 -5.71 -0.06
C GLY A 734 -40.38 -5.64 -1.54
N LYS A 735 -39.10 -5.76 -1.89
CA LYS A 735 -38.67 -5.68 -3.29
C LYS A 735 -39.32 -6.78 -4.13
N GLN A 736 -39.65 -7.90 -3.51
CA GLN A 736 -40.16 -9.06 -4.23
C GLN A 736 -41.68 -9.13 -4.30
N ALA A 737 -42.36 -8.31 -3.50
CA ALA A 737 -43.82 -8.37 -3.44
C ALA A 737 -44.49 -7.22 -4.19
N ALA A 738 -45.81 -7.28 -4.24
CA ALA A 738 -46.60 -6.25 -4.92
C ALA A 738 -47.39 -5.42 -3.91
N SER A 739 -47.51 -5.92 -2.68
CA SER A 739 -48.27 -5.23 -1.64
C SER A 739 -47.83 -5.60 -0.23
N GLU A 740 -48.37 -4.89 0.75
CA GLU A 740 -48.07 -5.15 2.15
C GLU A 740 -48.51 -6.55 2.54
N ALA A 741 -49.80 -6.80 2.49
CA ALA A 741 -50.37 -8.09 2.86
C ALA A 741 -49.82 -9.21 2.00
N HIS A 742 -49.46 -8.88 0.76
CA HIS A 742 -48.87 -9.85 -0.16
C HIS A 742 -47.47 -10.24 0.27
N ALA A 743 -46.86 -9.41 1.12
CA ALA A 743 -45.49 -9.64 1.59
C ALA A 743 -45.44 -10.57 2.80
N GLU A 744 -46.46 -10.48 3.67
CA GLU A 744 -46.54 -11.37 4.81
C GLU A 744 -46.86 -12.79 4.36
N GLU A 745 -47.44 -12.93 3.18
CA GLU A 745 -47.69 -14.25 2.60
C GLU A 745 -46.36 -14.93 2.27
N LEU A 746 -45.44 -14.15 1.72
CA LEU A 746 -44.13 -14.67 1.38
C LEU A 746 -43.31 -14.94 2.65
N LEU A 747 -43.44 -14.06 3.63
CA LEU A 747 -42.75 -14.25 4.90
C LEU A 747 -43.26 -15.51 5.61
N ALA A 748 -44.57 -15.70 5.58
CA ALA A 748 -45.18 -16.88 6.19
C ALA A 748 -44.70 -18.14 5.48
N ARG A 749 -44.62 -18.07 4.16
CA ARG A 749 -44.10 -19.18 3.37
C ARG A 749 -42.67 -19.52 3.77
N PHE A 750 -41.81 -18.50 3.82
CA PHE A 750 -40.41 -18.67 4.17
C PHE A 750 -40.25 -19.37 5.51
N LEU A 751 -41.00 -18.89 6.50
CA LEU A 751 -40.93 -19.44 7.85
C LEU A 751 -41.46 -20.88 7.92
N LYS A 752 -42.61 -21.13 7.30
CA LYS A 752 -43.14 -22.49 7.24
C LYS A 752 -42.20 -23.45 6.50
N ASP A 753 -41.65 -23.00 5.37
CA ASP A 753 -40.73 -23.82 4.60
C ASP A 753 -39.47 -24.14 5.39
N MET A 754 -38.84 -23.11 5.95
CA MET A 754 -37.60 -23.30 6.70
C MET A 754 -37.78 -24.22 7.90
N GLU A 755 -38.94 -24.15 8.53
CA GLU A 755 -39.21 -25.00 9.69
C GLU A 755 -39.45 -26.45 9.30
N THR A 756 -40.28 -26.68 8.28
CA THR A 756 -40.60 -28.05 7.93
C THR A 756 -39.42 -28.75 7.23
N LEU A 757 -38.58 -27.97 6.56
CA LEU A 757 -37.46 -28.55 5.81
C LEU A 757 -36.24 -28.84 6.68
N THR A 758 -36.18 -28.24 7.87
CA THR A 758 -35.09 -28.51 8.80
C THR A 758 -35.52 -29.43 9.95
N SER A 759 -36.83 -29.51 10.20
CA SER A 759 -37.33 -30.34 11.29
C SER A 759 -37.73 -31.74 10.82
N THR A 760 -37.89 -31.90 9.51
CA THR A 760 -38.33 -33.17 8.94
C THR A 760 -37.55 -33.50 7.68
N VAL A 761 -37.08 -34.74 7.58
CA VAL A 761 -36.32 -35.16 6.41
C VAL A 761 -36.84 -36.48 5.84
N PRO A 762 -36.74 -36.63 4.51
CA PRO A 762 -37.11 -37.89 3.87
C PRO A 762 -35.94 -38.88 3.93
N VAL A 763 -36.26 -40.15 4.10
CA VAL A 763 -35.26 -41.20 4.12
C VAL A 763 -35.82 -42.38 3.33
N LYS A 764 -34.97 -43.07 2.59
CA LYS A 764 -35.44 -44.16 1.74
C LYS A 764 -35.38 -45.47 2.49
N ARG A 765 -36.55 -46.06 2.74
CA ARG A 765 -36.65 -47.30 3.49
C ARG A 765 -37.20 -48.40 2.61
N LYS A 766 -36.29 -49.22 2.07
CA LYS A 766 -36.67 -50.33 1.22
C LYS A 766 -37.49 -49.87 0.01
N GLY A 767 -36.98 -48.85 -0.67
CA GLY A 767 -37.60 -48.34 -1.87
C GLY A 767 -38.60 -47.21 -1.64
N VAL A 768 -39.13 -47.15 -0.42
CA VAL A 768 -40.19 -46.20 -0.08
C VAL A 768 -39.64 -44.97 0.63
N LEU A 769 -40.20 -43.80 0.31
CA LEU A 769 -39.81 -42.57 1.00
C LEU A 769 -40.53 -42.45 2.34
N GLU A 770 -39.78 -42.07 3.37
CA GLU A 770 -40.25 -42.04 4.73
C GLU A 770 -39.83 -40.72 5.38
N LEU A 771 -40.76 -40.05 6.07
CA LEU A 771 -40.41 -38.81 6.77
C LEU A 771 -40.01 -39.05 8.23
N GLN A 772 -38.87 -38.51 8.63
CA GLN A 772 -38.42 -38.60 10.02
C GLN A 772 -38.17 -37.22 10.61
N SER A 773 -38.39 -37.09 11.92
CA SER A 773 -38.02 -35.87 12.63
C SER A 773 -36.53 -35.84 12.90
N THR A 774 -35.92 -34.68 12.74
CA THR A 774 -34.51 -34.53 13.05
C THR A 774 -34.32 -34.15 14.51
N GLY A 775 -35.28 -33.41 15.06
CA GLY A 775 -35.18 -32.91 16.41
C GLY A 775 -34.28 -31.69 16.48
N THR A 776 -33.82 -31.23 15.31
CA THR A 776 -32.91 -30.09 15.24
C THR A 776 -33.47 -28.99 14.33
N GLY A 777 -34.79 -28.89 14.27
CA GLY A 777 -35.45 -27.92 13.42
C GLY A 777 -35.08 -26.48 13.73
N ALA A 778 -35.27 -25.60 12.75
CA ALA A 778 -34.96 -24.18 12.91
C ALA A 778 -35.93 -23.48 13.85
N LYS A 779 -35.41 -22.92 14.93
CA LYS A 779 -36.21 -22.21 15.92
C LYS A 779 -35.55 -20.90 16.33
N GLY A 780 -36.38 -19.88 16.58
CA GLY A 780 -35.88 -18.62 17.07
C GLY A 780 -36.09 -17.44 16.13
N LYS A 781 -36.07 -16.24 16.70
CA LYS A 781 -36.16 -15.01 15.91
C LYS A 781 -34.92 -14.88 15.03
N ILE A 782 -35.13 -14.37 13.82
CA ILE A 782 -34.03 -14.22 12.87
C ILE A 782 -33.21 -12.97 13.16
N ASN A 783 -31.90 -13.14 13.31
CA ASN A 783 -30.98 -12.00 13.35
C ASN A 783 -30.26 -11.91 12.01
N PRO A 784 -30.69 -10.96 11.17
CA PRO A 784 -30.24 -10.83 9.77
C PRO A 784 -28.73 -10.76 9.64
N LYS A 785 -28.06 -10.19 10.63
CA LYS A 785 -26.61 -10.02 10.56
C LYS A 785 -25.85 -11.31 10.84
N THR A 786 -26.34 -12.10 11.79
CA THR A 786 -25.64 -13.31 12.20
C THR A 786 -26.25 -14.58 11.59
N TYR A 787 -27.47 -14.46 11.07
CA TYR A 787 -28.23 -15.60 10.56
C TYR A 787 -27.39 -16.56 9.72
N THR A 788 -27.36 -17.83 10.14
CA THR A 788 -26.54 -18.83 9.48
C THR A 788 -27.21 -20.19 9.53
N ILE A 789 -27.39 -20.82 8.38
CA ILE A 789 -27.89 -22.18 8.34
C ILE A 789 -26.73 -23.13 8.53
N LYS A 790 -26.69 -23.80 9.68
CA LYS A 790 -25.51 -24.54 10.09
C LYS A 790 -25.73 -26.05 10.11
N GLY A 791 -24.63 -26.79 9.96
CA GLY A 791 -24.57 -28.24 10.13
C GLY A 791 -25.82 -29.08 9.94
N GLU A 792 -26.49 -29.37 11.04
CA GLU A 792 -27.64 -30.26 11.06
C GLU A 792 -28.80 -29.77 10.22
N GLN A 793 -28.93 -28.45 10.14
CA GLN A 793 -29.99 -27.84 9.36
C GLN A 793 -29.66 -27.85 7.86
N LEU A 794 -28.39 -27.65 7.54
CA LEU A 794 -27.94 -27.75 6.16
C LEU A 794 -28.12 -29.19 5.66
N LYS A 795 -27.78 -30.14 6.52
CA LYS A 795 -27.92 -31.55 6.16
C LYS A 795 -29.39 -31.89 5.89
N ALA A 796 -30.28 -31.30 6.70
CA ALA A 796 -31.72 -31.49 6.55
C ALA A 796 -32.21 -30.98 5.20
N LEU A 797 -31.91 -29.71 4.89
CA LEU A 797 -32.25 -29.12 3.60
C LEU A 797 -31.75 -30.00 2.46
N GLN A 798 -30.53 -30.51 2.60
CA GLN A 798 -29.91 -31.33 1.56
C GLN A 798 -30.62 -32.65 1.33
N GLU A 799 -31.08 -33.28 2.41
CA GLU A 799 -31.80 -34.53 2.31
C GLU A 799 -33.16 -34.33 1.64
N ASN A 800 -33.81 -33.22 1.95
CA ASN A 800 -35.06 -32.86 1.28
C ASN A 800 -34.81 -32.58 -0.20
N MET A 801 -33.79 -31.76 -0.48
CA MET A 801 -33.40 -31.46 -1.84
C MET A 801 -33.09 -32.74 -2.62
N LEU A 802 -32.34 -33.62 -1.98
CA LEU A 802 -31.93 -34.88 -2.59
C LEU A 802 -33.10 -35.69 -3.11
N HIS A 803 -34.01 -36.06 -2.21
CA HIS A 803 -35.08 -36.99 -2.55
C HIS A 803 -36.28 -36.38 -3.27
N PHE A 804 -36.48 -35.07 -3.11
CA PHE A 804 -37.67 -34.44 -3.68
C PHE A 804 -37.36 -33.58 -4.91
N PHE A 805 -36.09 -33.45 -5.26
CA PHE A 805 -35.71 -32.67 -6.43
C PHE A 805 -34.60 -33.33 -7.25
N VAL A 806 -33.46 -33.57 -6.63
CA VAL A 806 -32.31 -34.11 -7.34
C VAL A 806 -32.59 -35.50 -7.93
N GLU A 807 -33.20 -36.38 -7.15
CA GLU A 807 -33.51 -37.73 -7.64
C GLU A 807 -34.45 -37.77 -8.85
N PRO A 808 -35.54 -36.96 -8.82
CA PRO A 808 -36.33 -36.80 -10.06
C PRO A 808 -35.54 -36.19 -11.21
N LEU A 809 -34.64 -35.25 -10.90
CA LEU A 809 -33.79 -34.64 -11.92
C LEU A 809 -32.87 -35.65 -12.56
N ARG A 810 -32.29 -36.54 -11.75
CA ARG A 810 -31.41 -37.58 -12.26
C ARG A 810 -32.16 -38.53 -13.18
N ASN A 811 -33.41 -38.81 -12.85
CA ASN A 811 -34.25 -39.63 -13.70
C ASN A 811 -34.48 -38.91 -15.04
N GLY A 812 -34.73 -37.61 -14.98
CA GLY A 812 -34.94 -36.83 -16.17
C GLY A 812 -33.67 -36.74 -17.02
N ILE A 813 -32.52 -36.70 -16.35
CA ILE A 813 -31.25 -36.63 -17.06
C ILE A 813 -31.03 -37.89 -17.91
N THR A 814 -31.17 -39.05 -17.28
CA THR A 814 -31.02 -40.35 -17.97
C THR A 814 -31.94 -40.47 -19.17
N GLN A 815 -33.19 -40.04 -19.00
CA GLN A 815 -34.18 -40.09 -20.06
C GLN A 815 -33.77 -39.19 -21.23
N THR A 816 -33.06 -38.12 -20.91
CA THR A 816 -32.67 -37.14 -21.93
C THR A 816 -31.41 -37.54 -22.71
N VAL A 817 -30.36 -37.95 -22.01
CA VAL A 817 -29.11 -38.32 -22.69
C VAL A 817 -29.12 -39.75 -23.19
N GLY A 818 -29.98 -40.58 -22.61
CA GLY A 818 -30.15 -41.96 -23.06
C GLY A 818 -29.55 -42.98 -22.11
N GLU A 819 -30.30 -44.04 -21.83
CA GLU A 819 -29.83 -45.13 -20.97
C GLU A 819 -28.57 -45.77 -21.55
N SER A 820 -28.47 -45.80 -22.88
CA SER A 820 -27.33 -46.41 -23.54
C SER A 820 -26.02 -45.70 -23.21
N LEU A 821 -26.06 -44.37 -23.16
CA LEU A 821 -24.89 -43.58 -22.77
C LEU A 821 -24.52 -43.82 -21.31
N VAL A 822 -25.53 -43.81 -20.43
CA VAL A 822 -25.28 -44.06 -19.02
C VAL A 822 -24.57 -45.40 -18.84
N TYR A 823 -25.02 -46.41 -19.57
CA TYR A 823 -24.39 -47.72 -19.54
C TYR A 823 -22.92 -47.68 -19.97
N SER A 824 -22.63 -47.00 -21.08
CA SER A 824 -21.26 -46.87 -21.58
C SER A 824 -20.36 -46.18 -20.57
N THR A 825 -20.84 -45.08 -20.00
CA THR A 825 -20.04 -44.35 -19.01
C THR A 825 -19.82 -45.20 -17.78
N GLU A 826 -20.79 -46.05 -17.43
CA GLU A 826 -20.60 -46.95 -16.29
C GLU A 826 -19.52 -47.99 -16.55
N GLN A 827 -19.52 -48.56 -17.76
CA GLN A 827 -18.51 -49.55 -18.11
C GLN A 827 -17.11 -48.92 -18.18
N LEU A 828 -17.04 -47.74 -18.79
CA LEU A 828 -15.80 -46.98 -18.86
C LEU A 828 -15.24 -46.69 -17.46
N GLN A 829 -16.10 -46.21 -16.57
CA GLN A 829 -15.68 -45.89 -15.20
C GLN A 829 -15.13 -47.13 -14.47
N LYS A 830 -15.87 -48.24 -14.56
CA LYS A 830 -15.47 -49.47 -13.86
C LYS A 830 -14.12 -49.98 -14.36
N ALA A 831 -13.95 -50.00 -15.68
CA ALA A 831 -12.73 -50.49 -16.30
C ALA A 831 -11.51 -49.68 -15.87
N THR A 832 -11.65 -48.36 -15.95
CA THR A 832 -10.53 -47.48 -15.64
C THR A 832 -10.24 -47.48 -14.14
N GLN A 833 -11.28 -47.60 -13.33
CA GLN A 833 -11.11 -47.72 -11.88
C GLN A 833 -10.38 -49.01 -11.50
N ILE A 834 -10.89 -50.14 -12.00
CA ILE A 834 -10.28 -51.43 -11.75
C ILE A 834 -8.81 -51.42 -12.14
N GLN A 835 -8.52 -50.87 -13.31
CA GLN A 835 -7.14 -50.77 -13.79
C GLN A 835 -6.29 -49.88 -12.88
N SER A 836 -6.84 -48.75 -12.43
CA SER A 836 -6.11 -47.83 -11.58
C SER A 836 -5.82 -48.43 -10.20
N VAL A 837 -6.76 -49.20 -9.68
CA VAL A 837 -6.55 -49.91 -8.42
C VAL A 837 -5.36 -50.86 -8.52
N VAL A 838 -5.28 -51.62 -9.60
CA VAL A 838 -4.18 -52.57 -9.75
C VAL A 838 -2.84 -51.84 -9.91
N LEU A 839 -2.81 -50.83 -10.77
CA LEU A 839 -1.61 -50.04 -10.97
C LEU A 839 -1.10 -49.49 -9.64
N GLU A 840 -2.02 -48.90 -8.86
CA GLU A 840 -1.67 -48.29 -7.58
C GLU A 840 -1.14 -49.31 -6.58
N ASP A 841 -1.84 -50.44 -6.47
CA ASP A 841 -1.48 -51.44 -5.48
C ASP A 841 -0.15 -52.12 -5.82
N MET A 842 0.06 -52.39 -7.11
CA MET A 842 1.28 -53.05 -7.55
C MET A 842 2.49 -52.11 -7.43
N PHE A 843 2.24 -50.83 -7.65
CA PHE A 843 3.29 -49.84 -7.49
C PHE A 843 3.74 -49.81 -6.03
N LYS A 844 2.78 -49.76 -5.12
CA LYS A 844 3.07 -49.72 -3.70
C LYS A 844 3.78 -50.99 -3.24
N GLN A 845 3.28 -52.14 -3.69
CA GLN A 845 3.91 -53.42 -3.34
C GLN A 845 5.35 -53.48 -3.80
N ARG A 846 5.60 -53.02 -5.03
CA ARG A 846 6.95 -53.07 -5.57
C ARG A 846 7.87 -52.05 -4.91
N VAL A 847 7.28 -51.01 -4.34
CA VAL A 847 8.05 -50.07 -3.52
C VAL A 847 8.47 -50.70 -2.19
N GLN A 848 7.51 -51.26 -1.46
CA GLN A 848 7.82 -51.84 -0.16
C GLN A 848 8.71 -53.08 -0.27
N GLU A 849 8.67 -53.75 -1.42
CA GLU A 849 9.62 -54.81 -1.72
C GLU A 849 11.04 -54.26 -1.80
N LYS A 850 11.22 -53.21 -2.59
CA LYS A 850 12.53 -52.60 -2.78
C LYS A 850 13.07 -52.00 -1.48
N LEU A 851 12.16 -51.51 -0.65
CA LEU A 851 12.54 -50.95 0.65
C LEU A 851 12.99 -52.03 1.63
N ALA A 852 12.42 -53.23 1.48
CA ALA A 852 12.77 -54.35 2.35
C ALA A 852 14.19 -54.86 2.06
N GLU A 853 14.64 -54.70 0.82
CA GLU A 853 15.99 -55.12 0.47
C GLU A 853 16.99 -53.98 0.62
N LYS A 854 16.49 -52.76 0.78
CA LYS A 854 17.33 -51.62 1.10
C LYS A 854 17.72 -51.66 2.57
N ALA A 855 16.95 -52.42 3.36
CA ALA A 855 17.23 -52.59 4.77
C ALA A 855 18.44 -53.50 4.98
N LYS A 856 18.76 -54.27 3.96
CA LYS A 856 19.93 -55.15 4.01
C LYS A 856 21.19 -54.34 3.71
N ASP A 857 21.01 -53.21 3.04
CA ASP A 857 22.11 -52.32 2.70
C ASP A 857 22.53 -51.52 3.93
N PRO A 858 23.82 -51.60 4.29
CA PRO A 858 24.35 -50.86 5.43
C PRO A 858 24.50 -49.36 5.15
N THR A 859 24.61 -48.99 3.87
CA THR A 859 24.76 -47.59 3.51
C THR A 859 23.42 -46.87 3.54
N TRP A 860 22.34 -47.64 3.50
CA TRP A 860 21.00 -47.09 3.45
C TRP A 860 20.43 -46.85 4.84
N LYS A 861 19.75 -45.72 5.00
CA LYS A 861 19.09 -45.40 6.26
C LYS A 861 17.61 -45.19 5.98
N LYS A 862 16.75 -45.60 6.90
CA LYS A 862 15.33 -45.43 6.68
C LYS A 862 15.00 -43.94 6.69
N GLY A 863 14.39 -43.48 5.60
CA GLY A 863 14.14 -42.07 5.40
C GLY A 863 14.76 -41.62 4.10
N ASP A 864 15.75 -42.38 3.63
CA ASP A 864 16.41 -42.08 2.37
C ASP A 864 15.50 -42.41 1.18
N PHE A 865 14.59 -43.35 1.38
CA PHE A 865 13.68 -43.83 0.33
C PHE A 865 14.44 -44.40 -0.86
N LEU A 866 13.82 -44.41 -2.04
CA LEU A 866 14.41 -45.01 -3.22
C LEU A 866 15.05 -43.97 -4.12
N THR A 867 15.87 -44.43 -5.06
CA THR A 867 16.45 -43.56 -6.08
C THR A 867 15.46 -43.35 -7.21
N GLN A 868 15.75 -42.37 -8.08
CA GLN A 868 14.88 -42.12 -9.22
C GLN A 868 14.92 -43.30 -10.17
N LYS A 869 16.11 -43.86 -10.35
CA LYS A 869 16.28 -45.02 -11.23
C LYS A 869 15.42 -46.18 -10.74
N GLU A 870 15.39 -46.38 -9.42
CA GLU A 870 14.59 -47.44 -8.84
C GLU A 870 13.09 -47.21 -9.05
N LEU A 871 12.66 -45.96 -8.92
CA LEU A 871 11.26 -45.60 -9.18
C LEU A 871 10.92 -45.70 -10.66
N ASN A 872 11.88 -45.36 -11.52
CA ASN A 872 11.72 -45.52 -12.95
C ASN A 872 11.52 -46.98 -13.33
N ASP A 873 12.30 -47.86 -12.70
CA ASP A 873 12.19 -49.29 -12.96
C ASP A 873 10.84 -49.85 -12.49
N ILE A 874 10.37 -49.37 -11.36
CA ILE A 874 9.06 -49.79 -10.84
C ILE A 874 7.95 -49.32 -11.77
N GLN A 875 8.07 -48.09 -12.26
CA GLN A 875 7.09 -47.54 -13.18
C GLN A 875 7.08 -48.30 -14.51
N ALA A 876 8.27 -48.59 -15.02
CA ALA A 876 8.40 -49.31 -16.28
C ALA A 876 7.89 -50.74 -16.17
N SER A 877 7.96 -51.30 -14.96
CA SER A 877 7.49 -52.66 -14.71
C SER A 877 5.97 -52.80 -14.88
N LEU A 878 5.27 -51.66 -14.80
CA LEU A 878 3.81 -51.66 -14.88
C LEU A 878 3.33 -51.51 -16.32
N ASN A 879 4.27 -51.33 -17.25
CA ASN A 879 3.93 -51.08 -18.64
C ASN A 879 3.05 -52.14 -19.30
N ASN A 880 3.19 -53.39 -18.89
CA ASN A 880 2.39 -54.46 -19.48
C ASN A 880 0.94 -54.43 -19.01
N LEU A 881 0.63 -53.51 -18.10
CA LEU A 881 -0.74 -53.31 -17.63
C LEU A 881 -1.39 -52.14 -18.36
N ALA A 882 -0.71 -51.62 -19.36
CA ALA A 882 -1.20 -50.56 -20.23
C ALA A 882 -1.80 -49.37 -19.47
N PRO A 883 -0.98 -48.69 -18.65
CA PRO A 883 -1.49 -47.55 -17.87
C PRO A 883 -1.94 -46.38 -18.76
N MET A 884 -1.40 -46.29 -19.96
CA MET A 884 -1.69 -45.18 -20.87
C MET A 884 -2.79 -45.53 -21.84
N ILE A 885 -3.69 -44.58 -22.09
CA ILE A 885 -4.69 -44.74 -23.13
C ILE A 885 -4.27 -43.90 -24.32
N GLU A 886 -4.23 -44.50 -25.51
CA GLU A 886 -3.77 -43.82 -26.71
C GLU A 886 -4.89 -43.76 -27.73
N THR A 887 -5.04 -42.61 -28.38
CA THR A 887 -6.09 -42.42 -29.38
C THR A 887 -5.50 -42.38 -30.78
N GLY A 888 -4.19 -42.19 -30.85
CA GLY A 888 -3.51 -41.93 -32.11
C GLY A 888 -3.06 -40.49 -32.22
N SER A 889 -3.69 -39.61 -31.44
CA SER A 889 -3.34 -38.19 -31.45
C SER A 889 -3.32 -37.57 -30.07
N GLN A 890 -3.75 -38.34 -29.07
CA GLN A 890 -3.73 -37.91 -27.68
C GLN A 890 -3.33 -39.09 -26.80
N THR A 891 -2.80 -38.78 -25.62
CA THR A 891 -2.46 -39.81 -24.64
C THR A 891 -3.02 -39.42 -23.29
N PHE A 892 -3.71 -40.37 -22.64
CA PHE A 892 -4.28 -40.13 -21.32
C PHE A 892 -3.72 -41.12 -20.31
N TYR A 893 -3.44 -40.61 -19.12
CA TYR A 893 -2.92 -41.41 -18.01
C TYR A 893 -3.84 -41.15 -16.83
N ILE A 894 -4.94 -41.89 -16.78
CA ILE A 894 -6.00 -41.61 -15.83
C ILE A 894 -5.56 -41.78 -14.37
N ALA A 895 -4.76 -42.81 -14.11
CA ALA A 895 -4.34 -43.10 -12.73
C ALA A 895 -3.23 -42.18 -12.24
N GLY A 896 -2.60 -41.45 -13.15
CA GLY A 896 -1.44 -40.66 -12.80
C GLY A 896 -1.71 -39.62 -11.74
N SER A 897 -0.84 -39.57 -10.73
CA SER A 897 -0.99 -38.60 -9.66
C SER A 897 0.32 -38.37 -8.94
N GLU A 898 0.29 -37.50 -7.94
CA GLU A 898 1.41 -37.29 -7.05
C GLU A 898 0.90 -37.33 -5.62
N ASN A 899 1.22 -38.39 -4.89
CA ASN A 899 0.65 -38.56 -3.57
C ASN A 899 1.67 -38.87 -2.48
N ALA A 900 1.29 -38.56 -1.25
CA ALA A 900 2.13 -38.81 -0.08
C ALA A 900 1.96 -40.24 0.44
N GLU A 901 1.03 -40.99 -0.14
CA GLU A 901 0.70 -42.32 0.38
C GLU A 901 1.73 -43.39 0.05
N VAL A 902 2.54 -43.19 -0.99
CA VAL A 902 3.52 -44.19 -1.37
C VAL A 902 4.69 -44.26 -0.39
N ALA A 903 5.33 -43.11 -0.14
CA ALA A 903 6.49 -43.04 0.74
C ALA A 903 6.06 -43.09 2.20
N ASN A 904 4.89 -42.52 2.48
CA ASN A 904 4.35 -42.43 3.84
C ASN A 904 5.37 -41.93 4.87
N GLN A 905 5.98 -40.79 4.62
CA GLN A 905 7.02 -40.28 5.52
C GLN A 905 7.29 -38.80 5.27
N VAL A 906 7.89 -38.16 6.26
CA VAL A 906 8.28 -36.75 6.15
C VAL A 906 9.50 -36.65 5.24
N LEU A 907 9.51 -35.65 4.36
CA LEU A 907 10.65 -35.43 3.47
C LEU A 907 11.68 -34.52 4.15
N ALA A 908 11.19 -33.45 4.76
CA ALA A 908 12.04 -32.49 5.44
C ALA A 908 11.22 -31.62 6.38
N THR A 909 11.87 -31.07 7.39
CA THR A 909 11.26 -30.06 8.25
C THR A 909 12.16 -28.83 8.22
N ASN A 910 11.72 -27.74 8.81
CA ASN A 910 12.61 -26.61 9.03
C ASN A 910 13.44 -26.85 10.28
N LEU A 911 14.37 -25.96 10.58
CA LEU A 911 15.28 -26.16 11.70
C LEU A 911 14.60 -25.99 13.06
N ASP A 912 13.30 -25.71 13.07
CA ASP A 912 12.54 -25.63 14.31
C ASP A 912 11.68 -26.86 14.53
N ASP A 913 11.89 -27.90 13.73
CA ASP A 913 11.13 -29.16 13.79
C ASP A 913 9.66 -28.95 13.40
N ARG A 914 9.42 -27.89 12.63
CA ARG A 914 8.09 -27.60 12.13
C ARG A 914 8.13 -27.55 10.60
N MET A 915 7.00 -27.17 9.99
CA MET A 915 6.88 -27.17 8.54
C MET A 915 7.32 -28.53 7.97
N ARG A 916 6.69 -29.58 8.47
CA ARG A 916 7.04 -30.94 8.09
C ARG A 916 6.41 -31.30 6.75
N VAL A 917 7.23 -31.29 5.70
CA VAL A 917 6.76 -31.54 4.35
C VAL A 917 6.73 -33.04 4.09
N PRO A 918 5.54 -33.59 3.82
CA PRO A 918 5.46 -35.01 3.50
C PRO A 918 6.19 -35.31 2.19
N MET A 919 6.74 -36.50 2.08
CA MET A 919 7.39 -36.91 0.86
C MET A 919 6.35 -37.35 -0.15
N SER A 920 6.25 -36.60 -1.25
CA SER A 920 5.30 -36.91 -2.30
C SER A 920 6.03 -37.52 -3.50
N ILE A 921 5.39 -38.49 -4.14
CA ILE A 921 5.98 -39.24 -5.23
C ILE A 921 5.00 -39.31 -6.39
N TYR A 922 5.51 -39.19 -7.62
CA TYR A 922 4.68 -39.42 -8.80
C TYR A 922 4.37 -40.91 -8.93
N ALA A 923 3.09 -41.27 -8.83
CA ALA A 923 2.69 -42.67 -8.83
C ALA A 923 1.23 -42.79 -9.22
N PRO A 924 0.83 -43.97 -9.74
CA PRO A 924 -0.58 -44.15 -10.04
C PRO A 924 -1.41 -44.20 -8.75
N ALA A 925 -2.61 -43.64 -8.80
CA ALA A 925 -3.56 -43.76 -7.69
C ALA A 925 -4.92 -44.10 -8.29
N GLN A 926 -5.86 -44.49 -7.44
CA GLN A 926 -7.21 -44.82 -7.89
C GLN A 926 -7.82 -43.70 -8.72
N ALA A 927 -8.52 -44.09 -9.78
CA ALA A 927 -9.13 -43.11 -10.68
C ALA A 927 -10.46 -42.60 -10.15
N GLY A 928 -11.17 -43.42 -9.39
CA GLY A 928 -12.52 -43.09 -8.96
C GLY A 928 -13.40 -43.00 -10.19
N VAL A 929 -14.02 -41.84 -10.41
CA VAL A 929 -14.86 -41.66 -11.60
C VAL A 929 -14.16 -40.83 -12.70
N ALA A 930 -12.89 -40.51 -12.47
CA ALA A 930 -12.14 -39.61 -13.37
C ALA A 930 -12.09 -40.08 -14.84
N GLY A 931 -12.21 -41.38 -15.05
CA GLY A 931 -12.22 -41.93 -16.39
C GLY A 931 -13.24 -41.29 -17.32
N ILE A 932 -14.43 -40.97 -16.80
CA ILE A 932 -15.48 -40.38 -17.64
C ILE A 932 -15.12 -38.98 -18.13
N PRO A 933 -14.87 -38.04 -17.21
CA PRO A 933 -14.53 -36.72 -17.75
C PRO A 933 -13.19 -36.68 -18.50
N PHE A 934 -12.22 -37.52 -18.13
CA PHE A 934 -10.94 -37.53 -18.85
C PHE A 934 -11.16 -37.80 -20.33
N MET A 935 -11.87 -38.89 -20.62
CA MET A 935 -12.14 -39.29 -22.00
C MET A 935 -13.13 -38.39 -22.73
N THR A 936 -14.16 -37.92 -22.02
CA THR A 936 -15.20 -37.10 -22.64
C THR A 936 -14.71 -35.71 -22.98
N ILE A 937 -14.07 -35.05 -22.01
CA ILE A 937 -13.44 -33.76 -22.25
C ILE A 937 -12.28 -33.93 -23.23
N GLY A 938 -11.48 -34.98 -23.03
CA GLY A 938 -10.32 -35.24 -23.86
C GLY A 938 -10.63 -35.48 -25.33
N THR A 939 -11.49 -36.45 -25.62
CA THR A 939 -11.79 -36.78 -27.02
C THR A 939 -12.91 -35.91 -27.60
N GLY A 940 -13.55 -35.12 -26.74
CA GLY A 940 -14.56 -34.17 -27.18
C GLY A 940 -13.94 -32.81 -27.43
N ASP A 941 -14.15 -31.85 -26.53
CA ASP A 941 -13.65 -30.49 -26.77
C ASP A 941 -12.12 -30.44 -26.90
N GLY A 942 -11.43 -31.31 -26.18
CA GLY A 942 -9.98 -31.39 -26.27
C GLY A 942 -9.52 -31.66 -27.69
N MET A 943 -10.10 -32.70 -28.29
CA MET A 943 -9.73 -33.10 -29.64
C MET A 943 -10.19 -32.08 -30.68
N MET A 944 -11.36 -31.48 -30.46
CA MET A 944 -11.85 -30.42 -31.35
C MET A 944 -10.88 -29.26 -31.44
N MET A 945 -10.45 -28.75 -30.29
CA MET A 945 -9.56 -27.60 -30.28
C MET A 945 -8.21 -27.92 -30.90
N GLN A 946 -7.69 -29.11 -30.58
CA GLN A 946 -6.45 -29.59 -31.14
C GLN A 946 -6.54 -29.67 -32.66
N THR A 947 -7.69 -30.13 -33.15
CA THR A 947 -7.93 -30.23 -34.59
C THR A 947 -8.01 -28.83 -35.21
N LEU A 948 -8.79 -27.95 -34.57
CA LEU A 948 -8.93 -26.57 -35.00
C LEU A 948 -7.58 -25.86 -35.16
N SER A 949 -6.63 -26.21 -34.30
CA SER A 949 -5.31 -25.57 -34.32
C SER A 949 -4.38 -26.08 -35.41
N THR A 950 -4.64 -27.28 -35.90
CA THR A 950 -3.67 -27.98 -36.76
C THR A 950 -4.23 -28.36 -38.14
N MET A 951 -5.55 -28.31 -38.27
CA MET A 951 -6.20 -28.70 -39.53
C MET A 951 -5.77 -27.81 -40.68
N LYS A 952 -6.00 -28.27 -41.90
CA LYS A 952 -5.78 -27.46 -43.09
C LYS A 952 -6.62 -26.18 -42.99
N GLY A 953 -5.98 -25.03 -43.15
CA GLY A 953 -6.70 -23.76 -43.11
C GLY A 953 -7.20 -23.41 -41.71
N ALA A 954 -6.49 -23.89 -40.69
CA ALA A 954 -6.77 -23.57 -39.30
C ALA A 954 -6.96 -22.08 -39.08
N PRO A 955 -8.07 -21.69 -38.43
CA PRO A 955 -8.31 -20.27 -38.16
C PRO A 955 -7.14 -19.61 -37.42
N LYS A 956 -6.75 -18.41 -37.85
CA LYS A 956 -5.69 -17.66 -37.20
C LYS A 956 -6.30 -16.60 -36.31
N ASN A 957 -5.49 -16.08 -35.39
CA ASN A 957 -5.88 -14.93 -34.57
C ASN A 957 -7.15 -15.16 -33.78
N THR A 958 -7.25 -16.35 -33.18
CA THR A 958 -8.36 -16.66 -32.31
C THR A 958 -7.84 -16.81 -30.88
N LEU A 959 -8.77 -16.80 -29.93
CA LEU A 959 -8.47 -17.22 -28.57
C LEU A 959 -9.37 -18.40 -28.28
N LYS A 960 -8.78 -19.53 -27.99
CA LYS A 960 -9.56 -20.73 -27.72
C LYS A 960 -9.79 -20.90 -26.21
N ILE A 961 -11.03 -21.09 -25.82
CA ILE A 961 -11.35 -21.28 -24.41
C ILE A 961 -12.13 -22.59 -24.24
N PHE A 962 -11.45 -23.69 -24.55
CA PHE A 962 -11.93 -25.04 -24.28
C PHE A 962 -13.08 -25.52 -25.18
N ASP A 963 -14.30 -25.02 -25.00
CA ASP A 963 -15.35 -25.38 -25.96
C ASP A 963 -15.93 -24.16 -26.67
N GLY A 964 -15.27 -23.03 -26.52
CA GLY A 964 -15.64 -21.82 -27.25
C GLY A 964 -14.42 -21.19 -27.87
N MET A 965 -14.61 -20.48 -28.99
CA MET A 965 -13.50 -19.84 -29.69
C MET A 965 -13.85 -18.40 -30.09
N ASN A 966 -13.03 -17.44 -29.65
CA ASN A 966 -13.24 -16.05 -30.01
C ASN A 966 -12.63 -15.75 -31.36
N ILE A 967 -13.43 -15.23 -32.27
CA ILE A 967 -13.03 -15.01 -33.65
C ILE A 967 -13.18 -13.54 -34.01
N GLY A 968 -12.18 -12.99 -34.71
CA GLY A 968 -12.27 -11.61 -35.19
C GLY A 968 -13.38 -11.48 -36.22
N LEU A 969 -13.94 -10.28 -36.34
CA LEU A 969 -15.20 -10.10 -37.07
C LEU A 969 -15.06 -10.33 -38.57
N ASN A 970 -13.84 -10.27 -39.08
CA ASN A 970 -13.57 -10.48 -40.50
C ASN A 970 -13.69 -11.95 -40.91
N ASP A 971 -13.53 -12.85 -39.95
CA ASP A 971 -13.39 -14.26 -40.28
C ASP A 971 -14.42 -15.16 -39.58
N ILE A 972 -15.52 -14.59 -39.11
CA ILE A 972 -16.46 -15.38 -38.33
C ILE A 972 -17.07 -16.54 -39.12
N THR A 973 -17.31 -16.34 -40.41
CA THR A 973 -17.93 -17.37 -41.24
C THR A 973 -17.02 -18.58 -41.44
N ASP A 974 -15.82 -18.35 -41.97
CA ASP A 974 -14.93 -19.49 -42.25
C ASP A 974 -14.45 -20.18 -40.98
N ALA A 975 -14.08 -19.42 -39.96
CA ALA A 975 -13.62 -20.01 -38.72
C ALA A 975 -14.72 -20.85 -38.04
N SER A 976 -15.96 -20.36 -38.10
CA SER A 976 -17.07 -21.12 -37.52
C SER A 976 -17.29 -22.42 -38.26
N ARG A 977 -17.19 -22.39 -39.59
CA ARG A 977 -17.35 -23.60 -40.39
C ARG A 977 -16.21 -24.58 -40.11
N LYS A 978 -15.01 -24.04 -39.93
CA LYS A 978 -13.86 -24.89 -39.57
C LYS A 978 -14.08 -25.51 -38.20
N ALA A 979 -14.63 -24.74 -37.26
CA ALA A 979 -14.90 -25.26 -35.91
C ALA A 979 -15.88 -26.42 -35.97
N ASN A 980 -16.92 -26.27 -36.77
CA ASN A 980 -17.90 -27.34 -36.91
C ASN A 980 -17.32 -28.56 -37.64
N GLU A 981 -16.41 -28.32 -38.57
CA GLU A 981 -15.66 -29.43 -39.17
C GLU A 981 -14.79 -30.15 -38.14
N ALA A 982 -14.16 -29.37 -37.25
CA ALA A 982 -13.35 -29.96 -36.19
C ALA A 982 -14.21 -30.79 -35.24
N VAL A 983 -15.42 -30.32 -34.96
CA VAL A 983 -16.38 -31.10 -34.20
C VAL A 983 -16.63 -32.45 -34.88
N TYR A 984 -16.94 -32.41 -36.18
CA TYR A 984 -17.19 -33.63 -36.95
C TYR A 984 -16.00 -34.59 -36.91
N THR A 985 -14.80 -34.03 -36.96
CA THR A 985 -13.58 -34.83 -36.89
C THR A 985 -13.48 -35.53 -35.53
N SER A 986 -13.74 -34.80 -34.46
CA SER A 986 -13.69 -35.38 -33.12
C SER A 986 -14.77 -36.46 -32.97
N TRP A 987 -15.88 -36.31 -33.68
CA TRP A 987 -16.95 -37.29 -33.60
C TRP A 987 -16.64 -38.59 -34.34
N GLN A 988 -15.46 -38.64 -34.96
CA GLN A 988 -14.96 -39.89 -35.53
C GLN A 988 -14.18 -40.67 -34.49
N GLY A 989 -14.04 -40.07 -33.31
CA GLY A 989 -13.33 -40.70 -32.21
C GLY A 989 -14.10 -41.85 -31.62
N ASN A 990 -13.43 -42.66 -30.82
CA ASN A 990 -14.07 -43.79 -30.17
C ASN A 990 -13.33 -44.07 -28.87
N PRO A 991 -13.56 -43.22 -27.86
CA PRO A 991 -12.85 -43.32 -26.57
C PRO A 991 -13.06 -44.66 -25.87
N ILE A 992 -14.21 -45.29 -26.04
CA ILE A 992 -14.45 -46.59 -25.42
C ILE A 992 -13.54 -47.65 -26.06
N LYS A 993 -13.37 -47.57 -27.37
CA LYS A 993 -12.42 -48.44 -28.06
C LYS A 993 -10.99 -48.20 -27.55
N ASN A 994 -10.65 -46.94 -27.32
CA ASN A 994 -9.34 -46.61 -26.78
C ASN A 994 -9.15 -47.23 -25.39
N VAL A 995 -10.15 -47.08 -24.53
CA VAL A 995 -10.12 -47.70 -23.21
C VAL A 995 -10.08 -49.22 -23.32
N TYR A 996 -10.87 -49.77 -24.23
CA TYR A 996 -10.92 -51.21 -24.44
C TYR A 996 -9.55 -51.79 -24.78
N GLU A 997 -8.86 -51.17 -25.74
CA GLU A 997 -7.54 -51.62 -26.15
C GLU A 997 -6.56 -51.66 -24.98
N SER A 998 -6.67 -50.68 -24.08
CA SER A 998 -5.80 -50.63 -22.91
C SER A 998 -6.23 -51.69 -21.89
N TYR A 999 -7.52 -51.79 -21.66
CA TYR A 999 -8.05 -52.69 -20.64
C TYR A 999 -7.86 -54.16 -21.03
N ALA A 1000 -7.89 -54.46 -22.32
CA ALA A 1000 -7.67 -55.82 -22.80
C ALA A 1000 -6.22 -56.26 -22.62
N LYS A 1001 -5.28 -55.34 -22.77
CA LYS A 1001 -3.87 -55.64 -22.51
C LYS A 1001 -3.68 -55.88 -21.01
N PHE A 1002 -4.27 -55.00 -20.20
CA PHE A 1002 -4.31 -55.15 -18.75
C PHE A 1002 -4.84 -56.52 -18.33
N MET A 1003 -5.95 -56.95 -18.94
CA MET A 1003 -6.56 -58.23 -18.58
C MET A 1003 -5.68 -59.42 -18.96
N LYS A 1004 -4.86 -59.26 -19.98
CA LYS A 1004 -3.94 -60.32 -20.38
C LYS A 1004 -2.77 -60.48 -19.42
N ASN A 1005 -2.52 -59.49 -18.57
CA ASN A 1005 -1.32 -59.50 -17.75
C ASN A 1005 -1.53 -59.36 -16.24
N VAL A 1006 -2.71 -58.91 -15.83
CA VAL A 1006 -3.00 -58.73 -14.41
C VAL A 1006 -3.02 -60.07 -13.68
N ASP A 1007 -2.47 -60.09 -12.46
CA ASP A 1007 -2.62 -61.24 -11.58
C ASP A 1007 -3.39 -60.78 -10.34
N PHE A 1008 -4.68 -61.07 -10.30
CA PHE A 1008 -5.54 -60.61 -9.21
C PHE A 1008 -5.16 -61.21 -7.85
N SER A 1009 -4.48 -62.35 -7.87
CA SER A 1009 -4.11 -63.00 -6.62
C SER A 1009 -2.97 -62.25 -5.94
N LYS A 1010 -2.27 -61.44 -6.70
CA LYS A 1010 -1.10 -60.74 -6.18
C LYS A 1010 -1.50 -59.46 -5.44
N LEU A 1011 -2.77 -59.09 -5.55
CA LEU A 1011 -3.26 -57.85 -4.96
C LEU A 1011 -3.49 -57.94 -3.46
N SER A 1012 -3.29 -56.82 -2.77
CA SER A 1012 -3.61 -56.72 -1.35
C SER A 1012 -5.11 -56.85 -1.17
N PRO A 1013 -5.55 -57.26 0.04
CA PRO A 1013 -6.99 -57.45 0.27
C PRO A 1013 -7.80 -56.18 0.09
N GLU A 1014 -7.21 -55.03 0.41
CA GLU A 1014 -7.89 -53.75 0.23
C GLU A 1014 -8.10 -53.44 -1.25
N ALA A 1015 -7.11 -53.80 -2.08
CA ALA A 1015 -7.21 -53.58 -3.51
C ALA A 1015 -8.29 -54.48 -4.10
N LEU A 1016 -8.33 -55.72 -3.62
CA LEU A 1016 -9.35 -56.67 -4.05
C LEU A 1016 -10.76 -56.20 -3.67
N GLU A 1017 -10.88 -55.56 -2.51
CA GLU A 1017 -12.16 -55.03 -2.07
C GLU A 1017 -12.61 -53.92 -3.00
N ALA A 1018 -11.67 -53.02 -3.32
CA ALA A 1018 -11.94 -51.90 -4.21
C ALA A 1018 -12.47 -52.38 -5.55
N ILE A 1019 -11.81 -53.39 -6.12
CA ILE A 1019 -12.21 -53.93 -7.41
C ILE A 1019 -13.60 -54.59 -7.34
N GLY A 1020 -13.87 -55.30 -6.26
CA GLY A 1020 -15.17 -55.91 -6.07
C GLY A 1020 -16.32 -54.92 -6.09
N LYS A 1021 -16.05 -53.71 -5.58
CA LYS A 1021 -17.04 -52.65 -5.61
C LYS A 1021 -17.43 -52.30 -7.04
N SER A 1022 -16.45 -52.34 -7.94
CA SER A 1022 -16.69 -51.94 -9.32
C SER A 1022 -17.15 -53.10 -10.19
N ALA A 1023 -16.62 -54.29 -9.92
CA ALA A 1023 -16.87 -55.43 -10.80
C ALA A 1023 -18.08 -56.27 -10.37
N LEU A 1024 -18.44 -56.20 -9.09
CA LEU A 1024 -19.50 -57.04 -8.56
C LEU A 1024 -20.61 -56.22 -7.93
N GLU A 1025 -21.80 -56.80 -7.84
CA GLU A 1025 -22.91 -56.13 -7.17
C GLU A 1025 -22.74 -56.24 -5.67
N TYR A 1026 -23.46 -55.39 -4.94
CA TYR A 1026 -23.41 -55.32 -3.48
C TYR A 1026 -23.51 -56.70 -2.81
N ASP A 1027 -24.34 -57.57 -3.38
CA ASP A 1027 -24.62 -58.87 -2.77
C ASP A 1027 -23.45 -59.84 -2.77
N GLN A 1028 -22.88 -60.10 -3.94
CA GLN A 1028 -21.89 -61.16 -4.09
C GLN A 1028 -20.44 -60.72 -3.84
N ARG A 1029 -20.28 -59.59 -3.17
CA ARG A 1029 -18.95 -59.13 -2.78
C ARG A 1029 -18.45 -59.93 -1.58
N GLU A 1030 -18.69 -59.40 -0.38
CA GLU A 1030 -18.44 -60.11 0.90
C GLU A 1030 -17.33 -61.15 0.86
N ASN A 1031 -17.68 -62.33 0.38
CA ASN A 1031 -16.76 -63.47 0.36
C ASN A 1031 -16.39 -63.88 -1.07
N ALA A 1032 -16.21 -62.90 -1.94
CA ALA A 1032 -15.82 -63.20 -3.32
C ALA A 1032 -14.40 -63.72 -3.37
N THR A 1033 -14.18 -64.75 -4.17
CA THR A 1033 -12.84 -65.29 -4.34
C THR A 1033 -12.05 -64.41 -5.31
N VAL A 1034 -10.74 -64.61 -5.35
CA VAL A 1034 -9.90 -63.95 -6.35
C VAL A 1034 -10.46 -64.27 -7.73
N ASP A 1035 -10.82 -65.54 -7.93
CA ASP A 1035 -11.37 -66.00 -9.20
C ASP A 1035 -12.69 -65.32 -9.58
N ASP A 1036 -13.58 -65.14 -8.61
CA ASP A 1036 -14.84 -64.43 -8.81
C ASP A 1036 -14.60 -63.04 -9.40
N ILE A 1037 -13.67 -62.33 -8.77
CA ILE A 1037 -13.34 -60.97 -9.16
C ILE A 1037 -12.66 -60.93 -10.53
N ALA A 1038 -11.83 -61.93 -10.80
CA ALA A 1038 -11.19 -62.07 -12.10
C ALA A 1038 -12.22 -62.26 -13.22
N ASN A 1039 -13.16 -63.17 -13.02
CA ASN A 1039 -14.20 -63.41 -14.01
C ASN A 1039 -15.05 -62.18 -14.24
N ALA A 1040 -15.29 -61.43 -13.18
CA ALA A 1040 -16.11 -60.23 -13.26
C ALA A 1040 -15.40 -59.10 -14.01
N ALA A 1041 -14.10 -58.95 -13.74
CA ALA A 1041 -13.30 -57.96 -14.44
C ALA A 1041 -13.23 -58.32 -15.92
N SER A 1042 -13.20 -59.62 -16.18
CA SER A 1042 -13.15 -60.14 -17.55
C SER A 1042 -14.43 -59.81 -18.32
N LEU A 1043 -15.56 -59.81 -17.62
CA LEU A 1043 -16.85 -59.52 -18.23
C LEU A 1043 -16.91 -58.07 -18.71
N ILE A 1044 -16.31 -57.17 -17.96
CA ILE A 1044 -16.28 -55.75 -18.32
C ILE A 1044 -15.53 -55.53 -19.64
N GLU A 1045 -14.49 -56.33 -19.88
CA GLU A 1045 -13.77 -56.26 -21.15
C GLU A 1045 -14.67 -56.56 -22.33
N ARG A 1046 -15.50 -57.60 -22.19
CA ARG A 1046 -16.44 -57.96 -23.24
C ARG A 1046 -17.47 -56.85 -23.45
N ASN A 1047 -17.94 -56.27 -22.35
CA ASN A 1047 -18.88 -55.16 -22.43
C ASN A 1047 -18.31 -54.00 -23.23
N LEU A 1048 -17.07 -53.62 -22.93
CA LEU A 1048 -16.42 -52.52 -23.62
C LEU A 1048 -16.23 -52.83 -25.08
N ARG A 1049 -15.86 -54.07 -25.38
CA ARG A 1049 -15.62 -54.49 -26.75
C ARG A 1049 -16.88 -54.35 -27.60
N ASN A 1050 -18.01 -54.77 -27.04
CA ASN A 1050 -19.28 -54.64 -27.74
C ASN A 1050 -19.72 -53.19 -27.92
N ILE A 1051 -19.53 -52.37 -26.89
CA ILE A 1051 -19.84 -50.95 -26.99
C ILE A 1051 -19.01 -50.29 -28.09
N ALA A 1052 -17.71 -50.59 -28.07
CA ALA A 1052 -16.77 -50.01 -29.01
C ALA A 1052 -17.12 -50.33 -30.45
N LEU A 1053 -17.48 -51.59 -30.69
CA LEU A 1053 -17.90 -52.03 -32.02
C LEU A 1053 -19.15 -51.27 -32.44
N GLY A 1054 -20.07 -51.09 -31.50
CA GLY A 1054 -21.31 -50.37 -31.76
C GLY A 1054 -21.04 -48.93 -32.15
N VAL A 1055 -20.24 -48.25 -31.34
CA VAL A 1055 -19.88 -46.85 -31.62
C VAL A 1055 -19.23 -46.71 -32.99
N ASP A 1056 -18.34 -47.64 -33.32
CA ASP A 1056 -17.66 -47.61 -34.61
C ASP A 1056 -18.65 -47.74 -35.76
N ILE A 1057 -19.63 -48.62 -35.59
CA ILE A 1057 -20.64 -48.84 -36.63
C ILE A 1057 -21.49 -47.58 -36.82
N ARG A 1058 -21.98 -47.03 -35.72
CA ARG A 1058 -22.83 -45.83 -35.75
C ARG A 1058 -22.17 -44.68 -36.48
N HIS A 1059 -20.88 -44.45 -36.19
CA HIS A 1059 -20.15 -43.35 -36.80
C HIS A 1059 -19.95 -43.55 -38.29
N LYS A 1060 -19.75 -44.80 -38.72
CA LYS A 1060 -19.59 -45.09 -40.14
C LYS A 1060 -20.90 -44.89 -40.87
N VAL A 1061 -21.98 -45.34 -40.24
CA VAL A 1061 -23.31 -45.21 -40.83
C VAL A 1061 -23.73 -43.74 -40.90
N LEU A 1062 -23.47 -43.00 -39.82
CA LEU A 1062 -23.72 -41.57 -39.79
C LEU A 1062 -23.01 -40.81 -40.91
N ASP A 1063 -21.75 -41.18 -41.19
CA ASP A 1063 -20.97 -40.51 -42.22
C ASP A 1063 -21.50 -40.76 -43.63
N LYS A 1064 -22.33 -41.79 -43.78
CA LYS A 1064 -22.94 -42.10 -45.08
C LYS A 1064 -24.12 -41.20 -45.41
N VAL A 1065 -24.66 -40.53 -44.40
CA VAL A 1065 -25.91 -39.78 -44.51
C VAL A 1065 -25.64 -38.27 -44.60
N ASN A 1066 -26.57 -37.50 -45.15
CA ASN A 1066 -26.38 -36.05 -45.27
C ASN A 1066 -26.55 -35.29 -43.94
N LEU A 1067 -25.43 -34.77 -43.44
CA LEU A 1067 -25.38 -34.14 -42.12
C LEU A 1067 -25.04 -32.66 -42.21
N SER A 1068 -25.68 -31.87 -41.35
CA SER A 1068 -25.30 -30.47 -41.18
C SER A 1068 -24.97 -30.28 -39.71
N ILE A 1069 -23.77 -29.81 -39.43
CA ILE A 1069 -23.28 -29.75 -38.06
C ILE A 1069 -23.02 -28.31 -37.63
N ASP A 1070 -23.74 -27.90 -36.59
CA ASP A 1070 -23.58 -26.55 -36.06
C ASP A 1070 -23.59 -26.63 -34.53
N GLN A 1071 -22.68 -27.41 -33.99
CA GLN A 1071 -22.49 -27.48 -32.54
C GLN A 1071 -21.71 -26.26 -32.03
N MET A 1072 -20.79 -25.74 -32.83
CA MET A 1072 -20.07 -24.52 -32.45
C MET A 1072 -20.84 -23.32 -32.99
N ALA A 1073 -21.89 -22.95 -32.28
CA ALA A 1073 -22.94 -22.09 -32.83
C ALA A 1073 -22.80 -20.62 -32.49
N ALA A 1074 -23.41 -19.79 -33.35
CA ALA A 1074 -23.63 -18.35 -33.19
C ALA A 1074 -23.77 -17.76 -34.58
N VAL A 1075 -22.77 -18.03 -35.41
CA VAL A 1075 -22.60 -17.37 -36.70
C VAL A 1075 -23.56 -17.91 -37.77
N GLY A 1076 -23.92 -19.18 -37.66
CA GLY A 1076 -24.79 -19.79 -38.65
C GLY A 1076 -24.01 -20.30 -39.85
N ALA A 1077 -22.85 -20.90 -39.59
CA ALA A 1077 -22.01 -21.47 -40.64
C ALA A 1077 -21.75 -22.94 -40.36
N PRO A 1078 -22.72 -23.79 -40.70
CA PRO A 1078 -22.64 -25.23 -40.40
C PRO A 1078 -21.72 -25.98 -41.35
N TYR A 1079 -21.08 -27.02 -40.82
CA TYR A 1079 -20.30 -27.92 -41.64
C TYR A 1079 -21.19 -29.00 -42.25
N GLN A 1080 -21.03 -29.20 -43.57
CA GLN A 1080 -21.76 -30.23 -44.30
C GLN A 1080 -20.82 -31.38 -44.61
N ASN A 1081 -21.20 -32.59 -44.23
CA ASN A 1081 -20.34 -33.75 -44.46
C ASN A 1081 -20.47 -34.34 -45.86
N ASN A 1082 -21.42 -33.83 -46.63
CA ASN A 1082 -21.67 -34.33 -47.98
C ASN A 1082 -21.91 -35.84 -48.04
N GLY A 1083 -22.64 -36.37 -47.06
CA GLY A 1083 -23.08 -37.75 -47.10
C GLY A 1083 -24.05 -37.91 -48.26
N LYS A 1084 -23.97 -39.04 -48.96
CA LYS A 1084 -24.72 -39.22 -50.20
C LYS A 1084 -26.14 -39.72 -49.98
N ILE A 1085 -26.35 -40.49 -48.91
CA ILE A 1085 -27.69 -40.98 -48.60
C ILE A 1085 -28.55 -39.86 -48.03
N ASP A 1086 -29.64 -39.55 -48.72
CA ASP A 1086 -30.46 -38.39 -48.40
C ASP A 1086 -31.60 -38.76 -47.44
N LEU A 1087 -31.53 -38.26 -46.21
CA LEU A 1087 -32.58 -38.52 -45.22
C LEU A 1087 -33.47 -37.30 -44.97
N SER A 1088 -33.54 -36.41 -45.95
CA SER A 1088 -34.45 -35.27 -45.87
C SER A 1088 -35.89 -35.74 -46.02
N ASN A 1089 -36.84 -34.89 -45.63
CA ASN A 1089 -38.26 -35.21 -45.68
C ASN A 1089 -38.61 -36.49 -44.92
N MET A 1090 -37.94 -36.71 -43.80
CA MET A 1090 -38.21 -37.89 -42.98
C MET A 1090 -38.31 -37.53 -41.50
N THR A 1091 -39.24 -38.17 -40.80
CA THR A 1091 -39.35 -38.03 -39.36
C THR A 1091 -38.16 -38.73 -38.69
N PRO A 1092 -37.90 -38.43 -37.40
CA PRO A 1092 -36.85 -39.15 -36.67
C PRO A 1092 -37.08 -40.66 -36.67
N GLU A 1093 -38.34 -41.08 -36.65
CA GLU A 1093 -38.67 -42.49 -36.69
C GLU A 1093 -38.23 -43.13 -38.00
N GLN A 1094 -38.55 -42.49 -39.12
CA GLN A 1094 -38.13 -42.97 -40.43
C GLN A 1094 -36.61 -42.97 -40.52
N GLN A 1095 -36.00 -41.88 -40.08
CA GLN A 1095 -34.54 -41.77 -40.06
C GLN A 1095 -33.90 -42.88 -39.23
N ALA A 1096 -34.44 -43.13 -38.04
CA ALA A 1096 -33.89 -44.16 -37.17
C ALA A 1096 -33.95 -45.53 -37.83
N ASP A 1097 -35.08 -45.84 -38.46
CA ASP A 1097 -35.22 -47.12 -39.16
C ASP A 1097 -34.22 -47.22 -40.29
N GLU A 1098 -34.08 -46.15 -41.06
CA GLU A 1098 -33.13 -46.13 -42.17
C GLU A 1098 -31.68 -46.28 -41.69
N LEU A 1099 -31.34 -45.59 -40.61
CA LEU A 1099 -30.00 -45.70 -40.05
C LEU A 1099 -29.74 -47.09 -39.48
N ASN A 1100 -30.77 -47.69 -38.88
CA ASN A 1100 -30.64 -49.03 -38.34
C ASN A 1100 -30.54 -50.10 -39.42
N LYS A 1101 -31.12 -49.83 -40.58
CA LYS A 1101 -30.97 -50.70 -41.74
C LYS A 1101 -29.50 -50.68 -42.17
N LEU A 1102 -28.90 -49.50 -42.18
CA LEU A 1102 -27.49 -49.36 -42.52
C LEU A 1102 -26.60 -50.01 -41.47
N PHE A 1103 -26.99 -49.87 -40.21
CA PHE A 1103 -26.27 -50.46 -39.07
C PHE A 1103 -26.17 -51.97 -39.24
N ARG A 1104 -27.30 -52.62 -39.51
CA ARG A 1104 -27.35 -54.07 -39.63
C ARG A 1104 -26.54 -54.55 -40.83
N GLU A 1105 -26.69 -53.85 -41.95
CA GLU A 1105 -25.98 -54.19 -43.17
C GLU A 1105 -24.46 -54.06 -42.97
N GLU A 1106 -24.05 -53.07 -42.20
CA GLU A 1106 -22.63 -52.88 -41.89
C GLU A 1106 -22.16 -53.96 -40.92
N LEU A 1107 -23.06 -54.38 -40.06
CA LEU A 1107 -22.77 -55.43 -39.10
C LEU A 1107 -22.57 -56.77 -39.80
N GLU A 1108 -23.17 -56.91 -40.98
CA GLU A 1108 -23.00 -58.12 -41.79
C GLU A 1108 -21.74 -58.05 -42.64
N ALA A 1109 -21.34 -56.84 -43.00
CA ALA A 1109 -20.11 -56.63 -43.75
C ALA A 1109 -18.92 -57.11 -42.93
N ARG A 1110 -19.08 -57.11 -41.61
CA ARG A 1110 -18.00 -57.49 -40.71
C ARG A 1110 -18.11 -58.94 -40.24
N LYS A 1111 -19.33 -59.43 -40.05
CA LYS A 1111 -19.55 -60.85 -39.75
C LYS A 1111 -19.35 -61.65 -41.02
N GLN A 1112 -18.25 -61.36 -41.72
CA GLN A 1112 -18.01 -61.85 -43.06
C GLN A 1112 -16.67 -61.30 -43.52
N GLU C 18 29.49 3.46 46.98
CA GLU C 18 29.76 3.24 45.56
C GLU C 18 29.90 1.75 45.24
N GLU C 19 28.88 0.98 45.61
CA GLU C 19 28.78 -0.42 45.18
C GLU C 19 27.93 -0.48 43.93
N LEU C 20 27.88 0.66 43.23
CA LEU C 20 27.22 0.74 41.92
C LEU C 20 27.90 -0.23 40.97
N LYS C 21 29.21 -0.41 41.15
CA LYS C 21 29.98 -1.31 40.32
C LYS C 21 29.48 -2.75 40.45
N GLU C 22 29.14 -3.14 41.67
CA GLU C 22 28.73 -4.52 41.93
C GLU C 22 27.24 -4.75 41.68
N GLY C 23 26.45 -3.69 41.74
CA GLY C 23 25.06 -3.75 41.34
C GLY C 23 24.94 -4.01 39.84
N ILE C 24 25.66 -3.23 39.05
CA ILE C 24 25.60 -3.39 37.59
C ILE C 24 26.24 -4.72 37.16
N ASP C 25 27.24 -5.16 37.92
CA ASP C 25 27.89 -6.42 37.61
C ASP C 25 26.95 -7.60 37.86
N ALA C 26 26.10 -7.48 38.86
CA ALA C 26 25.16 -8.54 39.22
C ALA C 26 24.14 -8.78 38.11
N VAL C 27 23.78 -7.71 37.41
CA VAL C 27 22.77 -7.77 36.35
C VAL C 27 23.38 -8.23 35.03
N TYR C 28 24.63 -7.85 34.79
CA TYR C 28 25.35 -8.24 33.57
C TYR C 28 26.68 -8.90 33.89
N PRO C 29 26.64 -10.09 34.50
CA PRO C 29 27.86 -10.68 35.04
C PRO C 29 28.77 -11.29 33.98
N SER C 30 28.24 -11.59 32.80
CA SER C 30 29.03 -12.32 31.81
C SER C 30 29.54 -11.49 30.63
N LEU C 31 29.39 -10.16 30.70
CA LEU C 31 29.94 -9.31 29.66
C LEU C 31 31.47 -9.44 29.66
N VAL C 32 32.07 -9.36 28.47
CA VAL C 32 33.50 -9.59 28.33
C VAL C 32 34.31 -8.48 28.99
N GLY C 33 35.44 -8.84 29.58
CA GLY C 33 36.35 -7.86 30.14
C GLY C 33 36.03 -7.50 31.57
N THR C 34 36.82 -6.61 32.16
CA THR C 34 36.63 -6.26 33.56
C THR C 34 36.22 -4.81 33.71
N ALA C 35 35.41 -4.54 34.74
CA ALA C 35 34.89 -3.20 34.97
C ALA C 35 35.88 -2.37 35.79
N ASP C 36 37.09 -2.18 35.26
CA ASP C 36 38.09 -1.34 35.89
C ASP C 36 38.87 -0.62 34.79
N SER C 37 38.83 0.71 34.83
CA SER C 37 39.46 1.50 33.77
C SER C 37 40.98 1.36 33.79
N LYS C 38 41.52 0.87 34.90
CA LYS C 38 42.96 0.74 35.06
C LYS C 38 43.46 -0.67 34.77
N ALA C 39 42.52 -1.58 34.51
CA ALA C 39 42.86 -2.98 34.24
C ALA C 39 43.77 -3.11 33.02
N GLU C 40 44.50 -4.22 32.95
CA GLU C 40 45.49 -4.42 31.90
C GLU C 40 44.88 -4.90 30.58
N GLY C 41 44.05 -5.94 30.65
CA GLY C 41 43.47 -6.51 29.44
C GLY C 41 42.24 -5.78 28.95
N ILE C 42 41.27 -6.54 28.44
CA ILE C 42 40.02 -5.97 27.96
C ILE C 42 39.21 -5.37 29.11
N LYS C 43 38.79 -4.13 28.95
CA LYS C 43 37.95 -3.47 29.93
C LYS C 43 36.54 -3.36 29.39
N ASN C 44 35.56 -3.55 30.26
CA ASN C 44 34.18 -3.44 29.81
C ASN C 44 33.61 -2.06 30.04
N TYR C 45 33.46 -1.30 28.96
CA TYR C 45 33.02 0.09 29.05
C TYR C 45 31.51 0.25 29.14
N PHE C 46 30.76 -0.84 29.00
CA PHE C 46 29.34 -0.77 29.30
C PHE C 46 29.14 -0.62 30.81
N LYS C 47 29.76 -1.52 31.56
CA LYS C 47 29.64 -1.51 33.01
C LYS C 47 30.38 -0.33 33.64
N LEU C 48 31.43 0.15 32.97
CA LEU C 48 32.11 1.35 33.41
C LEU C 48 31.27 2.60 33.17
N SER C 49 30.41 2.56 32.15
CA SER C 49 29.68 3.76 31.74
C SER C 49 28.28 3.92 32.33
N PHE C 50 27.65 2.81 32.73
CA PHE C 50 26.27 2.87 33.23
C PHE C 50 26.12 2.27 34.63
N THR C 51 25.12 2.73 35.36
CA THR C 51 24.79 2.19 36.67
C THR C 51 23.29 1.90 36.75
N LEU C 52 22.89 1.07 37.70
CA LEU C 52 21.47 0.86 37.94
C LEU C 52 20.87 2.10 38.58
N PRO C 53 19.69 2.51 38.11
CA PRO C 53 19.06 3.68 38.74
C PRO C 53 18.50 3.29 40.10
N GLU C 54 18.45 4.26 41.02
CA GLU C 54 17.89 4.01 42.34
C GLU C 54 16.40 3.70 42.22
N GLU C 55 15.76 4.30 41.23
CA GLU C 55 14.36 4.05 40.95
C GLU C 55 14.23 3.38 39.60
N GLN C 56 13.50 2.26 39.56
CA GLN C 56 13.35 1.47 38.34
C GLN C 56 12.80 2.31 37.19
N LYS C 57 13.54 2.37 36.09
CA LYS C 57 13.12 3.14 34.92
C LYS C 57 12.54 2.26 33.84
N SER C 58 13.08 1.05 33.69
CA SER C 58 12.63 0.14 32.65
C SER C 58 12.30 -1.23 33.24
N ARG C 59 11.20 -1.82 32.76
CA ARG C 59 10.73 -3.10 33.27
C ARG C 59 11.38 -4.31 32.61
N THR C 60 12.31 -4.06 31.69
CA THR C 60 13.04 -5.16 31.04
C THR C 60 14.36 -5.44 31.75
N VAL C 61 14.80 -4.52 32.60
CA VAL C 61 16.04 -4.71 33.35
C VAL C 61 15.90 -5.94 34.24
N GLY C 62 16.81 -6.89 34.07
CA GLY C 62 16.77 -8.13 34.82
C GLY C 62 16.15 -9.29 34.06
N SER C 63 15.50 -8.99 32.94
CA SER C 63 14.87 -10.01 32.12
C SER C 63 15.87 -10.72 31.21
N GLU C 64 15.95 -12.04 31.31
CA GLU C 64 16.87 -12.77 30.45
C GLU C 64 16.36 -12.88 29.01
N ALA C 65 15.07 -12.60 28.81
CA ALA C 65 14.46 -12.66 27.48
C ALA C 65 13.39 -11.60 27.27
N PRO C 66 13.81 -10.33 27.12
CA PRO C 66 12.87 -9.20 26.98
C PRO C 66 11.85 -9.36 25.84
N LEU C 67 12.27 -9.79 24.66
CA LEU C 67 11.33 -9.94 23.54
C LEU C 67 10.21 -10.93 23.90
N LYS C 68 10.61 -12.06 24.45
CA LYS C 68 9.67 -13.09 24.87
C LYS C 68 8.78 -12.60 26.03
N ASP C 69 9.38 -11.91 26.99
CA ASP C 69 8.63 -11.42 28.16
C ASP C 69 7.63 -10.31 27.82
N VAL C 70 8.02 -9.41 26.94
CA VAL C 70 7.12 -8.32 26.56
C VAL C 70 6.03 -8.83 25.61
N ALA C 71 6.38 -9.79 24.75
CA ALA C 71 5.38 -10.41 23.88
C ALA C 71 4.30 -11.07 24.71
N GLN C 72 4.71 -11.74 25.80
CA GLN C 72 3.78 -12.37 26.73
C GLN C 72 2.87 -11.34 27.39
N ALA C 73 3.47 -10.25 27.87
CA ALA C 73 2.71 -9.14 28.44
C ALA C 73 1.70 -8.58 27.45
N LEU C 74 2.08 -8.51 26.18
CA LEU C 74 1.20 -7.97 25.14
C LEU C 74 0.19 -9.00 24.63
N SER C 75 0.24 -10.22 25.14
CA SER C 75 -0.63 -11.28 24.61
C SER C 75 -2.08 -11.21 25.09
N SER C 76 -2.31 -10.50 26.20
CA SER C 76 -3.67 -10.33 26.71
C SER C 76 -3.78 -9.09 27.60
N ARG C 77 -4.98 -8.58 27.78
CA ARG C 77 -5.20 -7.41 28.62
C ARG C 77 -4.79 -7.72 30.06
N ALA C 78 -5.19 -8.89 30.54
CA ALA C 78 -4.88 -9.32 31.90
C ALA C 78 -3.37 -9.39 32.14
N ARG C 79 -2.63 -9.96 31.18
CA ARG C 79 -1.17 -10.02 31.28
C ARG C 79 -0.53 -8.64 31.20
N TYR C 80 -1.07 -7.79 30.32
CA TYR C 80 -0.56 -6.42 30.18
C TYR C 80 -0.76 -5.63 31.47
N GLU C 81 -1.90 -5.83 32.10
CA GLU C 81 -2.25 -5.11 33.33
C GLU C 81 -1.33 -5.53 34.48
N LEU C 82 -0.95 -6.80 34.49
CA LEU C 82 -0.07 -7.34 35.51
C LEU C 82 1.37 -6.89 35.31
N PHE C 83 1.82 -6.91 34.06
CA PHE C 83 3.20 -6.52 33.72
C PHE C 83 3.44 -5.06 34.04
N THR C 84 2.43 -4.23 33.79
CA THR C 84 2.56 -2.79 34.00
C THR C 84 2.05 -2.37 35.38
N GLU C 85 1.56 -3.34 36.15
CA GLU C 85 1.05 -3.08 37.49
C GLU C 85 -0.06 -2.02 37.49
N LYS C 86 -0.90 -2.05 36.47
CA LYS C 86 -2.03 -1.15 36.37
C LYS C 86 -3.33 -1.95 36.45
N GLU C 87 -4.37 -1.36 37.04
CA GLU C 87 -5.64 -2.04 37.19
C GLU C 87 -6.35 -2.25 35.85
N THR C 88 -6.35 -1.21 35.02
CA THR C 88 -7.04 -1.25 33.74
C THR C 88 -6.18 -0.70 32.63
N ALA C 89 -5.95 -1.52 31.60
CA ALA C 89 -5.18 -1.11 30.44
C ALA C 89 -6.01 -0.17 29.57
N ASN C 90 -5.34 0.65 28.78
CA ASN C 90 -5.97 1.47 27.75
C ASN C 90 -6.97 0.63 26.97
N PRO C 91 -8.24 1.06 26.93
CA PRO C 91 -9.34 0.32 26.27
C PRO C 91 -9.09 0.09 24.80
N ALA C 92 -8.19 0.86 24.19
CA ALA C 92 -7.83 0.67 22.79
C ALA C 92 -7.02 -0.61 22.58
N PHE C 93 -6.41 -1.09 23.65
CA PHE C 93 -5.66 -2.34 23.60
C PHE C 93 -6.64 -3.51 23.65
N ASN C 94 -7.21 -3.82 22.49
CA ASN C 94 -8.24 -4.85 22.40
C ASN C 94 -7.79 -6.03 21.55
N GLY C 95 -8.73 -6.91 21.22
CA GLY C 95 -8.43 -8.12 20.45
C GLY C 95 -7.70 -7.87 19.15
N GLU C 96 -8.15 -6.87 18.39
CA GLU C 96 -7.56 -6.56 17.09
C GLU C 96 -6.13 -6.03 17.24
N VAL C 97 -5.93 -5.13 18.19
CA VAL C 97 -4.62 -4.55 18.43
C VAL C 97 -3.66 -5.61 18.95
N ILE C 98 -4.17 -6.49 19.81
CA ILE C 98 -3.35 -7.58 20.35
C ILE C 98 -2.81 -8.50 19.24
N LYS C 99 -3.67 -8.83 18.27
CA LYS C 99 -3.24 -9.61 17.11
C LYS C 99 -2.10 -8.93 16.37
N ARG C 100 -2.18 -7.61 16.22
CA ARG C 100 -1.16 -6.86 15.50
C ARG C 100 0.18 -6.82 16.22
N TYR C 101 0.14 -6.71 17.54
CA TYR C 101 1.39 -6.70 18.31
C TYR C 101 2.04 -8.08 18.34
N LYS C 102 1.23 -9.12 18.29
CA LYS C 102 1.74 -10.48 18.24
C LYS C 102 2.64 -10.67 17.03
N GLU C 103 2.17 -10.19 15.87
CA GLU C 103 2.94 -10.27 14.63
C GLU C 103 4.17 -9.37 14.67
N LEU C 104 4.03 -8.19 15.26
CA LEU C 104 5.15 -7.27 15.39
C LEU C 104 6.24 -7.84 16.27
N MET C 105 5.84 -8.56 17.32
CA MET C 105 6.81 -9.23 18.18
C MET C 105 7.55 -10.30 17.39
N GLU C 106 6.81 -11.00 16.53
CA GLU C 106 7.41 -12.01 15.66
C GLU C 106 8.43 -11.35 14.74
N HIS C 107 8.08 -10.17 14.25
CA HIS C 107 8.99 -9.38 13.42
C HIS C 107 10.25 -9.03 14.20
N GLY C 108 10.07 -8.73 15.50
CA GLY C 108 11.18 -8.44 16.38
C GLY C 108 12.19 -9.57 16.46
N GLU C 109 11.71 -10.81 16.42
CA GLU C 109 12.59 -11.96 16.41
C GLU C 109 13.43 -11.99 15.14
N GLY C 110 12.82 -11.56 14.03
CA GLY C 110 13.53 -11.47 12.77
C GLY C 110 14.66 -10.45 12.82
N ILE C 111 14.36 -9.28 13.39
CA ILE C 111 15.36 -8.23 13.55
C ILE C 111 16.52 -8.70 14.42
N ALA C 112 16.19 -9.37 15.53
CA ALA C 112 17.22 -9.87 16.42
C ALA C 112 18.11 -10.87 15.69
N ASP C 113 17.50 -11.73 14.88
CA ASP C 113 18.26 -12.72 14.11
C ASP C 113 19.20 -12.06 13.10
N ILE C 114 18.75 -10.98 12.49
CA ILE C 114 19.61 -10.24 11.56
C ILE C 114 20.80 -9.67 12.33
N LEU C 115 20.53 -9.13 13.51
CA LEU C 115 21.58 -8.51 14.31
C LEU C 115 22.63 -9.52 14.74
N ARG C 116 22.20 -10.73 15.10
CA ARG C 116 23.13 -11.78 15.49
C ARG C 116 24.08 -12.17 14.34
N SER C 117 23.56 -12.28 13.12
CA SER C 117 24.41 -12.62 11.97
C SER C 117 25.37 -11.51 11.63
N ARG C 118 24.92 -10.26 11.77
CA ARG C 118 25.78 -9.12 11.49
C ARG C 118 26.96 -9.08 12.47
N LEU C 119 26.71 -9.43 13.72
CA LEU C 119 27.79 -9.53 14.69
C LEU C 119 28.77 -10.65 14.32
N ALA C 120 28.23 -11.80 13.94
CA ALA C 120 29.07 -12.94 13.54
C ALA C 120 29.95 -12.63 12.33
N LYS C 121 29.40 -11.90 11.35
CA LYS C 121 30.20 -11.47 10.20
C LYS C 121 31.33 -10.52 10.62
N PHE C 122 31.01 -9.58 11.49
CA PHE C 122 31.97 -8.60 11.97
C PHE C 122 33.10 -9.29 12.73
N LEU C 123 32.74 -10.29 13.52
CA LEU C 123 33.72 -11.01 14.31
C LEU C 123 34.63 -11.86 13.43
N ASN C 124 34.09 -12.37 12.33
CA ASN C 124 34.88 -13.20 11.43
C ASN C 124 35.76 -12.41 10.46
N THR C 125 35.28 -11.26 10.02
CA THR C 125 36.01 -10.46 9.03
C THR C 125 37.26 -9.82 9.64
N LYS C 126 38.39 -10.00 8.96
CA LYS C 126 39.68 -9.48 9.43
C LYS C 126 40.10 -10.05 10.79
N ASP C 127 39.58 -11.24 11.11
CA ASP C 127 39.92 -11.94 12.36
C ASP C 127 39.69 -11.08 13.60
N VAL C 128 38.72 -10.17 13.53
CA VAL C 128 38.47 -9.27 14.64
C VAL C 128 38.15 -10.05 15.93
N GLY C 129 37.31 -11.06 15.80
CA GLY C 129 36.95 -11.89 16.95
C GLY C 129 38.16 -12.53 17.59
N LYS C 130 38.99 -13.16 16.76
CA LYS C 130 40.20 -13.84 17.23
C LYS C 130 41.15 -12.83 17.88
N ARG C 131 41.32 -11.68 17.24
CA ARG C 131 42.20 -10.63 17.74
C ARG C 131 41.67 -10.06 19.04
N PHE C 132 40.37 -9.88 19.13
CA PHE C 132 39.75 -9.39 20.35
C PHE C 132 40.04 -10.34 21.52
N ALA C 133 39.87 -11.64 21.28
CA ALA C 133 40.14 -12.63 22.30
C ALA C 133 41.62 -12.68 22.64
N GLN C 134 42.46 -12.35 21.66
CA GLN C 134 43.91 -12.28 21.87
C GLN C 134 44.27 -11.03 22.68
N GLY C 135 43.33 -10.10 22.78
CA GLY C 135 43.50 -8.95 23.65
C GLY C 135 43.59 -7.57 23.03
N THR C 136 43.37 -7.43 21.72
CA THR C 136 43.35 -6.07 21.18
C THR C 136 42.04 -5.42 21.56
N GLU C 137 42.10 -4.14 21.90
CA GLU C 137 40.95 -3.44 22.46
C GLU C 137 40.00 -2.98 21.36
N ALA C 138 39.46 -3.96 20.64
CA ALA C 138 38.54 -3.69 19.54
C ALA C 138 37.26 -3.06 20.06
N ASN C 139 36.95 -3.31 21.33
CA ASN C 139 35.77 -2.72 21.96
C ASN C 139 35.92 -1.20 22.16
N ARG C 140 37.07 -0.67 21.77
CA ARG C 140 37.30 0.77 21.90
C ARG C 140 37.40 1.46 20.54
N TRP C 141 37.22 0.68 19.46
CA TRP C 141 37.18 1.24 18.11
C TRP C 141 35.86 1.91 17.87
N VAL C 142 35.83 2.85 16.91
CA VAL C 142 34.58 3.52 16.57
C VAL C 142 33.52 2.53 16.07
N GLY C 143 33.96 1.42 15.48
CA GLY C 143 33.02 0.43 14.98
C GLY C 143 32.90 -0.81 15.85
N GLY C 144 33.54 -0.80 17.02
CA GLY C 144 33.60 -2.00 17.84
C GLY C 144 33.01 -1.84 19.23
N LYS C 145 32.39 -0.71 19.50
CA LYS C 145 31.84 -0.45 20.83
C LYS C 145 30.75 -1.43 21.26
N LEU C 146 30.08 -2.07 20.30
CA LEU C 146 29.11 -3.11 20.63
C LEU C 146 29.76 -4.34 21.26
N LEU C 147 31.07 -4.49 21.10
CA LEU C 147 31.78 -5.58 21.75
C LEU C 147 31.75 -5.41 23.28
N ASN C 148 31.31 -4.25 23.75
CA ASN C 148 31.13 -4.06 25.18
C ASN C 148 29.88 -4.73 25.72
N ILE C 149 29.00 -5.18 24.83
CA ILE C 149 27.81 -5.90 25.28
C ILE C 149 27.75 -7.34 24.77
N VAL C 150 28.92 -7.91 24.47
CA VAL C 150 29.00 -9.31 24.09
C VAL C 150 29.57 -10.17 25.20
N GLU C 151 29.39 -11.49 25.07
CA GLU C 151 29.87 -12.45 26.04
C GLU C 151 30.63 -13.52 25.27
N GLN C 152 31.61 -14.15 25.90
CA GLN C 152 32.36 -15.19 25.19
C GLN C 152 31.48 -16.41 24.96
N ASP C 153 31.60 -16.99 23.76
CA ASP C 153 30.83 -18.19 23.41
C ASP C 153 31.73 -19.12 22.61
N GLY C 154 32.29 -20.12 23.27
CA GLY C 154 33.24 -21.01 22.62
C GLY C 154 34.44 -20.24 22.10
N ASP C 155 34.75 -20.40 20.82
CA ASP C 155 35.88 -19.70 20.22
C ASP C 155 35.46 -18.36 19.62
N THR C 156 34.28 -17.89 19.99
CA THR C 156 33.79 -16.63 19.46
C THR C 156 33.05 -15.85 20.54
N PHE C 157 32.24 -14.87 20.14
CA PHE C 157 31.46 -14.06 21.07
C PHE C 157 30.03 -13.95 20.59
N LYS C 158 29.12 -13.65 21.52
CA LYS C 158 27.70 -13.52 21.19
C LYS C 158 27.11 -12.35 21.96
N TYR C 159 26.02 -11.77 21.45
CA TYR C 159 25.32 -10.70 22.17
C TYR C 159 24.82 -11.16 23.53
N ASN C 160 24.87 -10.26 24.50
CA ASN C 160 24.09 -10.41 25.72
C ASN C 160 22.62 -10.27 25.31
N GLU C 161 21.84 -11.32 25.53
CA GLU C 161 20.48 -11.34 25.00
C GLU C 161 19.55 -10.29 25.61
N GLN C 162 19.73 -10.00 26.90
CA GLN C 162 18.92 -8.97 27.54
C GLN C 162 19.10 -7.61 26.86
N LEU C 163 20.36 -7.20 26.68
CA LEU C 163 20.65 -5.91 26.04
C LEU C 163 20.19 -5.87 24.58
N LEU C 164 20.43 -6.94 23.84
CA LEU C 164 20.05 -7.00 22.43
C LEU C 164 18.53 -6.91 22.24
N GLN C 165 17.80 -7.74 22.97
CA GLN C 165 16.36 -7.82 22.81
C GLN C 165 15.64 -6.55 23.29
N THR C 166 16.18 -5.91 24.31
CA THR C 166 15.62 -4.64 24.78
C THR C 166 15.80 -3.57 23.71
N ALA C 167 16.95 -3.59 23.05
CA ALA C 167 17.24 -2.62 21.99
C ALA C 167 16.32 -2.84 20.80
N VAL C 168 16.03 -4.10 20.49
CA VAL C 168 15.12 -4.42 19.41
C VAL C 168 13.73 -3.89 19.72
N LEU C 169 13.31 -4.01 20.98
CA LEU C 169 12.03 -3.44 21.42
C LEU C 169 11.98 -1.94 21.18
N ALA C 170 13.08 -1.24 21.44
CA ALA C 170 13.14 0.20 21.22
C ALA C 170 13.04 0.50 19.74
N GLY C 171 13.68 -0.34 18.93
CA GLY C 171 13.64 -0.19 17.48
C GLY C 171 12.24 -0.42 16.93
N LEU C 172 11.53 -1.39 17.49
CA LEU C 172 10.15 -1.65 17.09
C LEU C 172 9.27 -0.43 17.38
N GLN C 173 9.40 0.12 18.57
CA GLN C 173 8.63 1.32 18.94
C GLN C 173 8.99 2.49 18.05
N TRP C 174 10.29 2.63 17.77
CA TRP C 174 10.80 3.69 16.92
C TRP C 174 10.19 3.57 15.53
N ARG C 175 10.20 2.36 14.99
CA ARG C 175 9.59 2.07 13.70
C ARG C 175 8.13 2.53 13.62
N LEU C 176 7.40 2.35 14.72
CA LEU C 176 5.98 2.69 14.76
C LEU C 176 5.70 4.20 14.79
N THR C 177 6.51 4.95 15.52
CA THR C 177 6.14 6.33 15.85
C THR C 177 7.17 7.43 15.55
N ALA C 178 8.36 7.05 15.08
CA ALA C 178 9.41 8.04 14.84
C ALA C 178 9.00 9.13 13.83
N THR C 179 8.33 8.73 12.77
CA THR C 179 7.91 9.66 11.74
C THR C 179 6.96 10.72 12.31
N SER C 180 6.19 10.33 13.30
CA SER C 180 5.23 11.22 13.94
C SER C 180 5.93 12.28 14.79
N ASN C 181 7.23 12.10 15.01
CA ASN C 181 7.96 12.98 15.91
C ASN C 181 9.15 13.71 15.29
N THR C 182 9.38 13.49 14.00
CA THR C 182 10.47 14.18 13.32
C THR C 182 10.15 15.66 13.18
N ALA C 183 11.19 16.49 13.28
CA ALA C 183 11.03 17.91 13.04
C ALA C 183 10.86 18.17 11.55
N ILE C 184 10.27 19.30 11.20
CA ILE C 184 10.09 19.68 9.81
C ILE C 184 11.31 20.43 9.31
N LYS C 185 11.74 20.12 8.08
CA LYS C 185 12.89 20.79 7.48
C LYS C 185 12.45 21.93 6.59
N ASP C 186 13.00 23.12 6.82
CA ASP C 186 12.78 24.25 5.92
C ASP C 186 13.92 24.35 4.91
N ALA C 187 13.91 25.41 4.12
CA ALA C 187 14.94 25.61 3.10
C ALA C 187 16.34 25.74 3.71
N LYS C 188 16.43 26.45 4.83
CA LYS C 188 17.71 26.61 5.51
C LYS C 188 18.28 25.28 5.97
N ASP C 189 17.41 24.41 6.47
CA ASP C 189 17.81 23.08 6.90
C ASP C 189 18.42 22.30 5.75
N VAL C 190 17.69 22.22 4.64
CA VAL C 190 18.15 21.49 3.46
C VAL C 190 19.45 22.06 2.93
N ALA C 191 19.55 23.38 2.89
CA ALA C 191 20.78 24.04 2.45
C ALA C 191 21.95 23.63 3.33
N ALA C 192 21.71 23.61 4.63
CA ALA C 192 22.72 23.20 5.60
C ALA C 192 23.13 21.74 5.43
N ILE C 193 22.14 20.87 5.22
CA ILE C 193 22.40 19.45 5.00
C ILE C 193 23.15 19.20 3.69
N THR C 194 22.68 19.83 2.61
CA THR C 194 23.18 19.54 1.26
C THR C 194 24.40 20.35 0.86
N GLY C 195 24.54 21.55 1.40
CA GLY C 195 25.64 22.42 1.04
C GLY C 195 25.36 23.21 -0.23
N ILE C 196 24.10 23.13 -0.68
CA ILE C 196 23.65 23.90 -1.81
C ILE C 196 23.05 25.21 -1.30
N ASP C 197 23.42 26.32 -1.94
CA ASP C 197 22.90 27.62 -1.55
C ASP C 197 21.37 27.60 -1.49
N GLN C 198 20.82 28.13 -0.41
CA GLN C 198 19.39 28.07 -0.13
C GLN C 198 18.53 28.56 -1.29
N ALA C 199 19.05 29.52 -2.04
CA ALA C 199 18.30 30.12 -3.14
C ALA C 199 18.36 29.29 -4.42
N LEU C 200 19.32 28.38 -4.49
CA LEU C 200 19.52 27.58 -5.69
C LEU C 200 18.94 26.18 -5.55
N LEU C 201 18.13 25.96 -4.52
CA LEU C 201 17.57 24.64 -4.28
C LEU C 201 16.56 24.27 -5.35
N PRO C 202 16.80 23.14 -6.04
CA PRO C 202 15.90 22.61 -7.07
C PRO C 202 14.53 22.30 -6.49
N GLU C 203 13.50 22.35 -7.33
CA GLU C 203 12.14 22.10 -6.90
C GLU C 203 11.98 20.70 -6.33
N GLY C 204 11.35 20.61 -5.16
CA GLY C 204 11.09 19.32 -4.54
C GLY C 204 12.28 18.70 -3.84
N LEU C 205 13.38 19.44 -3.78
CA LEU C 205 14.54 18.95 -3.05
C LEU C 205 14.34 19.12 -1.55
N VAL C 206 13.79 20.27 -1.16
CA VAL C 206 13.43 20.52 0.24
C VAL C 206 12.39 19.49 0.64
N GLU C 207 11.61 19.07 -0.34
CA GLU C 207 10.57 18.09 -0.14
C GLU C 207 11.14 16.69 0.06
N GLN C 208 12.10 16.32 -0.78
CA GLN C 208 12.75 15.03 -0.67
C GLN C 208 13.42 14.86 0.69
N PHE C 209 14.05 15.91 1.18
CA PHE C 209 14.75 15.84 2.47
C PHE C 209 13.85 15.94 3.69
N ASP C 210 12.69 16.58 3.54
CA ASP C 210 11.75 16.67 4.65
C ASP C 210 10.98 15.36 4.82
N THR C 211 10.96 14.55 3.76
CA THR C 211 10.28 13.26 3.78
C THR C 211 11.10 12.18 4.48
N GLY C 212 12.42 12.24 4.33
CA GLY C 212 13.30 11.28 4.96
C GLY C 212 14.09 11.86 6.11
N MET C 213 14.76 10.99 6.86
CA MET C 213 15.62 11.42 7.95
C MET C 213 17.07 11.31 7.50
N THR C 214 17.90 12.26 7.93
CA THR C 214 19.34 12.10 7.73
C THR C 214 19.84 11.01 8.68
N LEU C 215 21.07 10.55 8.45
CA LEU C 215 21.66 9.54 9.31
C LEU C 215 21.67 9.99 10.75
N THR C 216 22.13 11.22 10.98
CA THR C 216 22.17 11.78 12.33
C THR C 216 20.77 11.82 12.93
N GLU C 217 19.79 12.21 12.12
CA GLU C 217 18.40 12.29 12.56
C GLU C 217 17.88 10.92 12.99
N ALA C 218 18.10 9.90 12.16
CA ALA C 218 17.56 8.57 12.41
C ALA C 218 18.26 7.88 13.59
N VAL C 219 19.58 7.95 13.60
CA VAL C 219 20.36 7.25 14.61
C VAL C 219 20.20 7.86 16.01
N SER C 220 20.15 9.19 16.09
CA SER C 220 20.04 9.84 17.39
C SER C 220 18.70 9.58 18.06
N SER C 221 17.61 9.61 17.28
CA SER C 221 16.30 9.28 17.84
C SER C 221 16.24 7.80 18.26
N LEU C 222 16.83 6.91 17.46
CA LEU C 222 16.88 5.50 17.81
C LEU C 222 17.72 5.29 19.06
N ALA C 223 18.88 5.93 19.10
CA ALA C 223 19.81 5.79 20.21
C ALA C 223 19.17 6.24 21.52
N GLN C 224 18.41 7.33 21.46
CA GLN C 224 17.76 7.84 22.65
C GLN C 224 16.71 6.85 23.17
N LYS C 225 15.99 6.20 22.26
CA LYS C 225 14.99 5.21 22.65
C LYS C 225 15.64 3.96 23.24
N ILE C 226 16.72 3.50 22.59
CA ILE C 226 17.47 2.37 23.09
C ILE C 226 18.04 2.63 24.48
N GLU C 227 18.63 3.81 24.67
CA GLU C 227 19.21 4.13 25.98
C GLU C 227 18.13 4.16 27.06
N SER C 228 16.98 4.72 26.72
CA SER C 228 15.88 4.79 27.66
C SER C 228 15.32 3.39 28.02
N TYR C 229 15.18 2.51 27.03
CA TYR C 229 14.67 1.17 27.32
C TYR C 229 15.67 0.30 28.08
N TRP C 230 16.96 0.54 27.87
CA TRP C 230 18.00 -0.13 28.65
C TRP C 230 17.88 0.25 30.13
N GLY C 231 17.36 1.45 30.39
CA GLY C 231 16.91 1.80 31.73
C GLY C 231 17.98 2.03 32.78
N LEU C 232 19.18 2.36 32.33
CA LEU C 232 20.28 2.62 33.25
C LEU C 232 20.56 4.11 33.33
N SER C 233 21.48 4.49 34.22
CA SER C 233 21.88 5.88 34.35
C SER C 233 23.33 6.03 33.92
N ARG C 234 23.64 7.16 33.28
CA ARG C 234 25.00 7.43 32.84
C ARG C 234 25.91 7.76 34.02
N ASN C 235 27.09 7.15 34.04
CA ASN C 235 28.12 7.49 35.01
C ASN C 235 28.78 8.80 34.61
N PRO C 236 28.68 9.82 35.47
CA PRO C 236 29.22 11.16 35.16
C PRO C 236 30.73 11.18 34.96
N ASN C 237 31.41 10.08 35.32
CA ASN C 237 32.85 10.01 35.18
C ASN C 237 33.32 9.03 34.12
N ALA C 238 32.39 8.59 33.27
CA ALA C 238 32.74 7.76 32.13
C ALA C 238 32.86 8.63 30.88
N PRO C 239 33.78 8.26 29.97
CA PRO C 239 33.96 9.03 28.73
C PRO C 239 32.69 9.02 27.88
N LEU C 240 32.35 10.17 27.29
CA LEU C 240 31.18 10.27 26.43
C LEU C 240 31.30 9.36 25.21
N GLY C 241 32.52 8.99 24.86
CA GLY C 241 32.75 8.05 23.77
C GLY C 241 32.04 6.72 24.00
N TYR C 242 31.76 6.41 25.26
CA TYR C 242 31.06 5.17 25.60
C TYR C 242 29.61 5.39 26.07
N THR C 243 29.38 6.40 26.91
CA THR C 243 28.03 6.66 27.39
C THR C 243 27.09 7.01 26.23
N LYS C 244 27.59 7.80 25.27
CA LYS C 244 26.82 8.09 24.06
C LYS C 244 27.09 7.02 23.02
N GLY C 245 28.35 6.60 22.95
CA GLY C 245 28.81 5.76 21.87
C GLY C 245 28.20 4.37 21.83
N ILE C 246 28.02 3.76 22.99
CA ILE C 246 27.48 2.41 23.00
C ILE C 246 26.01 2.34 22.51
N PRO C 247 25.12 3.19 23.05
CA PRO C 247 23.76 3.15 22.49
C PRO C 247 23.68 3.63 21.04
N THR C 248 24.59 4.51 20.64
CA THR C 248 24.63 4.97 19.25
C THR C 248 25.11 3.86 18.32
N ALA C 249 26.09 3.08 18.77
CA ALA C 249 26.55 1.93 18.00
C ALA C 249 25.42 0.92 17.81
N MET C 250 24.62 0.72 18.85
CA MET C 250 23.49 -0.20 18.81
C MET C 250 22.44 0.32 17.83
N ALA C 251 22.18 1.63 17.91
CA ALA C 251 21.22 2.27 17.03
C ALA C 251 21.62 2.15 15.57
N ALA C 252 22.91 2.33 15.28
CA ALA C 252 23.41 2.23 13.92
C ALA C 252 23.19 0.82 13.38
N GLU C 253 23.40 -0.18 14.22
CA GLU C 253 23.17 -1.57 13.82
C GLU C 253 21.71 -1.89 13.59
N ILE C 254 20.83 -1.36 14.43
CA ILE C 254 19.41 -1.56 14.24
C ILE C 254 18.92 -0.87 12.97
N LEU C 255 19.44 0.33 12.70
CA LEU C 255 19.07 1.02 11.48
C LEU C 255 19.49 0.19 10.27
N ALA C 256 20.71 -0.32 10.30
CA ALA C 256 21.19 -1.22 9.25
C ALA C 256 20.31 -2.47 9.12
N ALA C 257 19.85 -3.00 10.25
CA ALA C 257 18.98 -4.18 10.22
C ALA C 257 17.63 -3.84 9.59
N PHE C 258 17.10 -2.66 9.93
CA PHE C 258 15.82 -2.23 9.37
C PHE C 258 15.92 -2.02 7.86
N VAL C 259 17.09 -1.64 7.39
CA VAL C 259 17.31 -1.49 5.96
C VAL C 259 17.32 -2.87 5.30
N GLU C 260 17.91 -3.84 6.00
CA GLU C 260 17.92 -5.21 5.52
C GLU C 260 16.52 -5.82 5.55
N SER C 261 15.65 -5.31 6.42
CA SER C 261 14.31 -5.89 6.61
C SER C 261 13.19 -5.17 5.85
N THR C 262 13.54 -4.10 5.13
CA THR C 262 12.60 -3.28 4.37
C THR C 262 11.75 -2.34 5.24
N ASP C 263 11.92 -2.38 6.56
CA ASP C 263 11.20 -1.46 7.43
C ASP C 263 11.65 -0.03 7.17
N VAL C 264 12.91 0.12 6.74
CA VAL C 264 13.46 1.41 6.40
C VAL C 264 14.09 1.34 5.02
N VAL C 265 13.87 2.38 4.22
CA VAL C 265 14.50 2.48 2.90
C VAL C 265 15.61 3.51 2.95
N GLU C 266 16.80 3.11 2.48
CA GLU C 266 17.95 4.00 2.46
C GLU C 266 18.26 4.47 1.05
N ASN C 267 18.33 5.79 0.88
CA ASN C 267 18.67 6.40 -0.40
C ASN C 267 19.84 7.35 -0.23
N ILE C 268 20.97 7.04 -0.86
CA ILE C 268 22.13 7.93 -0.83
C ILE C 268 22.02 8.94 -1.95
N VAL C 269 21.70 10.18 -1.60
CA VAL C 269 21.49 11.21 -2.61
C VAL C 269 22.82 11.79 -3.09
N ASP C 270 23.04 11.75 -4.40
CA ASP C 270 24.28 12.24 -5.00
C ASP C 270 24.17 13.71 -5.39
N MET C 271 24.87 14.58 -4.67
CA MET C 271 24.72 16.02 -4.86
C MET C 271 25.34 16.55 -6.15
N SER C 272 26.26 15.78 -6.73
CA SER C 272 26.92 16.22 -7.97
C SER C 272 25.95 16.21 -9.15
N GLU C 273 24.86 15.47 -9.00
CA GLU C 273 23.79 15.46 -9.99
C GLU C 273 23.05 16.79 -9.99
N ILE C 274 23.13 17.49 -8.87
CA ILE C 274 22.47 18.79 -8.71
C ILE C 274 23.46 19.93 -8.95
N ASP C 275 24.61 19.84 -8.29
CA ASP C 275 25.71 20.78 -8.50
C ASP C 275 26.99 20.02 -8.76
N PRO C 276 27.54 20.15 -9.98
CA PRO C 276 28.76 19.45 -10.42
C PRO C 276 29.91 19.59 -9.44
N ASP C 277 29.98 20.71 -8.73
CA ASP C 277 31.09 20.97 -7.81
C ASP C 277 30.89 20.39 -6.41
N ASN C 278 29.65 20.00 -6.10
CA ASN C 278 29.34 19.42 -4.80
C ASN C 278 29.63 17.92 -4.76
N LYS C 279 30.56 17.52 -3.91
CA LYS C 279 30.93 16.10 -3.82
C LYS C 279 30.27 15.34 -2.68
N LYS C 280 29.36 16.01 -1.95
CA LYS C 280 28.62 15.34 -0.88
C LYS C 280 27.72 14.24 -1.43
N THR C 281 27.69 13.11 -0.73
CA THR C 281 26.69 12.08 -0.97
C THR C 281 25.98 11.88 0.36
N ILE C 282 24.66 12.04 0.36
CA ILE C 282 23.93 12.17 1.61
C ILE C 282 22.88 11.07 1.81
N GLY C 283 22.95 10.38 2.94
CA GLY C 283 22.00 9.32 3.23
C GLY C 283 20.67 9.87 3.68
N LEU C 284 19.60 9.36 3.07
CA LEU C 284 18.22 9.66 3.50
C LEU C 284 17.50 8.36 3.86
N TYR C 285 16.84 8.36 5.01
CA TYR C 285 16.17 7.16 5.52
C TYR C 285 14.69 7.41 5.74
N THR C 286 13.86 6.58 5.13
CA THR C 286 12.42 6.71 5.27
C THR C 286 11.83 5.43 5.84
N ILE C 287 11.05 5.57 6.91
CA ILE C 287 10.39 4.43 7.52
C ILE C 287 9.21 4.05 6.65
N THR C 288 9.11 2.77 6.31
CA THR C 288 7.98 2.27 5.54
C THR C 288 6.68 2.54 6.30
N GLU C 289 5.75 3.21 5.64
CA GLU C 289 4.54 3.66 6.30
C GLU C 289 3.60 2.49 6.58
N LEU C 290 3.02 2.46 7.78
CA LEU C 290 2.01 1.46 8.10
C LEU C 290 0.76 1.74 7.29
N ASP C 291 -0.02 0.69 7.03
CA ASP C 291 -1.29 0.85 6.34
C ASP C 291 -2.18 1.75 7.17
N SER C 292 -2.89 2.67 6.52
CA SER C 292 -3.73 3.64 7.23
C SER C 292 -4.89 2.99 7.97
N PHE C 293 -5.19 1.72 7.65
CA PHE C 293 -6.23 0.98 8.34
C PHE C 293 -5.68 -0.17 9.18
N ASP C 294 -4.39 -0.10 9.50
CA ASP C 294 -3.77 -1.04 10.44
C ASP C 294 -4.26 -0.71 11.84
N PRO C 295 -4.87 -1.70 12.52
CA PRO C 295 -5.42 -1.52 13.88
C PRO C 295 -4.40 -0.99 14.89
N ILE C 296 -3.12 -1.24 14.62
CA ILE C 296 -2.07 -0.83 15.57
C ILE C 296 -1.96 0.69 15.64
N ASN C 297 -2.46 1.38 14.61
CA ASN C 297 -2.48 2.83 14.61
C ASN C 297 -3.32 3.39 15.75
N SER C 298 -4.30 2.60 16.20
CA SER C 298 -5.23 3.02 17.24
C SER C 298 -4.62 2.92 18.63
N PHE C 299 -3.46 2.26 18.72
CA PHE C 299 -2.70 2.22 19.96
C PHE C 299 -1.24 1.82 19.65
N PRO C 300 -0.48 2.77 19.10
CA PRO C 300 0.87 2.50 18.58
C PRO C 300 1.97 2.59 19.64
N THR C 301 1.59 2.72 20.90
CA THR C 301 2.57 2.89 21.96
C THR C 301 2.52 1.81 23.06
N ALA C 302 1.98 0.65 22.73
CA ALA C 302 1.88 -0.43 23.71
C ALA C 302 3.23 -0.90 24.25
N ILE C 303 4.23 -1.00 23.38
CA ILE C 303 5.58 -1.37 23.81
C ILE C 303 6.14 -0.34 24.80
N GLU C 304 6.14 0.93 24.38
CA GLU C 304 6.64 2.01 25.21
C GLU C 304 6.02 1.98 26.60
N GLU C 305 4.70 1.86 26.65
CA GLU C 305 3.98 1.94 27.91
C GLU C 305 4.13 0.68 28.77
N ALA C 306 4.58 -0.42 28.16
CA ALA C 306 4.89 -1.62 28.94
C ALA C 306 6.32 -1.58 29.46
N VAL C 307 7.26 -1.11 28.63
CA VAL C 307 8.67 -1.10 28.99
C VAL C 307 9.02 0.01 29.98
N LEU C 308 8.59 1.24 29.69
CA LEU C 308 8.94 2.39 30.51
C LEU C 308 7.96 2.64 31.65
N VAL C 309 8.49 2.83 32.85
CA VAL C 309 7.68 3.20 34.01
C VAL C 309 7.07 4.58 33.79
N ASN C 310 7.85 5.47 33.18
CA ASN C 310 7.36 6.79 32.77
C ASN C 310 7.52 7.00 31.27
N PRO C 311 6.54 6.50 30.49
CA PRO C 311 6.57 6.60 29.03
C PRO C 311 6.51 8.05 28.57
N THR C 312 7.22 8.36 27.49
CA THR C 312 7.15 9.69 26.89
C THR C 312 6.11 9.68 25.78
N GLU C 313 6.06 8.57 25.06
CA GLU C 313 5.15 8.43 23.91
C GLU C 313 3.82 7.83 24.32
N LYS C 314 2.79 8.67 24.39
CA LYS C 314 1.47 8.25 24.80
C LYS C 314 0.49 9.41 24.63
N MET C 315 -0.80 9.09 24.67
CA MET C 315 -1.84 10.11 24.73
C MET C 315 -2.23 10.34 26.18
N PHE C 316 -2.65 11.55 26.50
CA PHE C 316 -2.99 11.91 27.86
C PHE C 316 -4.49 12.15 27.95
N PHE C 317 -5.22 11.21 28.55
CA PHE C 317 -6.67 11.32 28.67
C PHE C 317 -7.11 11.63 30.10
N GLY C 318 -8.12 12.48 30.24
CA GLY C 318 -8.72 12.75 31.54
C GLY C 318 -7.76 13.27 32.58
N ASP C 319 -7.72 12.59 33.73
CA ASP C 319 -6.85 12.99 34.83
C ASP C 319 -5.38 12.71 34.57
N ASP C 320 -5.08 11.95 33.53
CA ASP C 320 -3.70 11.65 33.18
C ASP C 320 -3.09 12.84 32.48
N ILE C 321 -2.46 13.73 33.25
CA ILE C 321 -1.90 14.97 32.71
C ILE C 321 -0.38 14.88 32.52
N PRO C 322 0.12 15.46 31.43
CA PRO C 322 1.55 15.48 31.10
C PRO C 322 2.36 16.11 32.22
N PRO C 323 3.60 15.64 32.43
CA PRO C 323 4.49 16.29 33.39
C PRO C 323 5.02 17.60 32.81
N VAL C 324 5.48 18.51 33.68
CA VAL C 324 6.04 19.78 33.21
C VAL C 324 7.55 19.66 32.99
N ALA C 325 8.00 19.98 31.78
CA ALA C 325 9.42 19.90 31.45
C ALA C 325 10.25 20.87 32.29
N ASN C 326 11.42 20.41 32.72
CA ASN C 326 12.28 21.23 33.57
C ASN C 326 13.27 22.08 32.80
N THR C 327 13.67 21.60 31.62
CA THR C 327 14.64 22.33 30.82
C THR C 327 14.08 22.78 29.48
N GLN C 328 14.60 23.91 29.02
CA GLN C 328 14.26 24.46 27.72
C GLN C 328 14.55 23.43 26.64
N LEU C 329 13.64 23.30 25.68
CA LEU C 329 13.74 22.28 24.62
C LEU C 329 15.09 22.30 23.89
N ARG C 330 15.81 21.19 24.02
CA ARG C 330 17.13 21.01 23.39
C ARG C 330 18.18 22.02 23.84
N ASN C 331 17.93 22.68 24.96
CA ASN C 331 18.92 23.51 25.64
C ASN C 331 19.02 23.09 27.10
N PRO C 332 19.68 21.94 27.36
CA PRO C 332 19.74 21.38 28.72
C PRO C 332 20.41 22.29 29.74
N ALA C 333 21.19 23.27 29.29
CA ALA C 333 21.85 24.19 30.22
C ALA C 333 20.89 25.28 30.71
N VAL C 334 19.69 25.31 30.14
CA VAL C 334 18.71 26.33 30.49
C VAL C 334 17.47 25.73 31.13
N ARG C 335 17.25 26.04 32.41
CA ARG C 335 16.04 25.60 33.10
C ARG C 335 14.89 26.52 32.74
N ASN C 336 13.71 25.95 32.52
CA ASN C 336 12.51 26.76 32.41
C ASN C 336 12.33 27.50 33.72
N THR C 337 12.06 28.80 33.64
CA THR C 337 11.82 29.60 34.84
C THR C 337 10.53 29.14 35.51
N PRO C 338 10.34 29.52 36.79
CA PRO C 338 9.09 29.18 37.49
C PRO C 338 7.85 29.69 36.76
N GLU C 339 7.93 30.90 36.19
CA GLU C 339 6.82 31.44 35.42
C GLU C 339 6.58 30.63 34.15
N GLN C 340 7.67 30.23 33.49
CA GLN C 340 7.55 29.42 32.29
C GLN C 340 6.95 28.05 32.61
N LYS C 341 7.35 27.47 33.73
CA LYS C 341 6.78 26.19 34.15
C LYS C 341 5.30 26.33 34.52
N ALA C 342 4.94 27.47 35.10
CA ALA C 342 3.53 27.75 35.38
C ALA C 342 2.70 27.85 34.09
N ALA C 343 3.24 28.52 33.07
CA ALA C 343 2.56 28.63 31.79
C ALA C 343 2.38 27.25 31.15
N LEU C 344 3.44 26.44 31.18
CA LEU C 344 3.38 25.10 30.60
C LEU C 344 2.30 24.25 31.27
N LYS C 345 2.25 24.31 32.59
CA LYS C 345 1.26 23.57 33.36
C LYS C 345 -0.15 24.00 32.99
N ALA C 346 -0.34 25.31 32.86
CA ALA C 346 -1.65 25.86 32.50
C ALA C 346 -2.09 25.38 31.12
N GLU C 347 -1.19 25.42 30.14
CA GLU C 347 -1.54 24.97 28.80
C GLU C 347 -1.77 23.44 28.75
N GLN C 348 -1.04 22.71 29.57
CA GLN C 348 -1.17 21.25 29.60
C GLN C 348 -2.45 20.81 30.32
N ALA C 349 -3.02 21.70 31.13
CA ALA C 349 -4.24 21.37 31.87
C ALA C 349 -5.48 21.50 30.99
N THR C 350 -5.36 22.24 29.89
CA THR C 350 -6.49 22.50 29.02
C THR C 350 -7.03 21.21 28.42
N GLU C 351 -8.35 21.05 28.44
CA GLU C 351 -8.99 19.87 27.88
C GLU C 351 -9.42 20.10 26.44
N PHE C 352 -8.97 19.22 25.55
CA PHE C 352 -9.37 19.26 24.15
C PHE C 352 -10.39 18.16 23.91
N TYR C 353 -11.38 18.43 23.06
CA TYR C 353 -12.42 17.46 22.76
C TYR C 353 -12.64 17.32 21.27
N VAL C 354 -12.90 16.09 20.85
CA VAL C 354 -13.27 15.81 19.47
C VAL C 354 -14.61 16.45 19.10
N HIS C 355 -14.63 17.16 17.98
CA HIS C 355 -15.87 17.69 17.42
C HIS C 355 -16.40 16.70 16.38
N THR C 356 -17.35 15.87 16.80
CA THR C 356 -17.89 14.79 15.98
C THR C 356 -18.39 15.18 14.57
N PRO C 357 -19.15 16.29 14.45
CA PRO C 357 -19.63 16.67 13.12
C PRO C 357 -18.52 16.84 12.08
N MET C 358 -17.43 17.49 12.46
CA MET C 358 -16.32 17.71 11.53
C MET C 358 -15.60 16.40 11.20
N VAL C 359 -15.45 15.55 12.20
CA VAL C 359 -14.86 14.23 11.96
C VAL C 359 -15.71 13.45 10.96
N GLN C 360 -17.03 13.47 11.15
CA GLN C 360 -17.96 12.81 10.24
C GLN C 360 -17.90 13.42 8.84
N PHE C 361 -17.82 14.75 8.78
CA PHE C 361 -17.69 15.43 7.50
C PHE C 361 -16.40 15.02 6.79
N TYR C 362 -15.29 14.98 7.52
CA TYR C 362 -14.02 14.52 6.96
C TYR C 362 -14.16 13.09 6.45
N GLU C 363 -14.72 12.23 7.30
CA GLU C 363 -14.93 10.81 7.01
C GLU C 363 -15.78 10.60 5.76
N THR C 364 -16.90 11.32 5.69
CA THR C 364 -17.84 11.16 4.59
C THR C 364 -17.27 11.68 3.28
N LEU C 365 -16.51 12.77 3.35
CA LEU C 365 -15.80 13.25 2.17
C LEU C 365 -14.81 12.21 1.69
N GLY C 366 -14.04 11.67 2.63
CA GLY C 366 -13.01 10.69 2.30
C GLY C 366 -11.66 11.33 2.09
N LYS C 367 -10.61 10.54 2.23
CA LYS C 367 -9.24 11.03 2.04
C LYS C 367 -9.01 11.59 0.63
N ASP C 368 -9.54 10.88 -0.37
CA ASP C 368 -9.34 11.27 -1.76
C ASP C 368 -10.00 12.60 -2.11
N ARG C 369 -11.21 12.82 -1.60
CA ARG C 369 -11.89 14.10 -1.84
C ARG C 369 -11.33 15.23 -0.99
N ILE C 370 -10.79 14.90 0.19
CA ILE C 370 -10.09 15.90 0.98
C ILE C 370 -8.83 16.35 0.24
N LEU C 371 -8.14 15.41 -0.37
CA LEU C 371 -6.95 15.71 -1.17
C LEU C 371 -7.32 16.51 -2.40
N GLU C 372 -8.49 16.23 -2.97
CA GLU C 372 -8.93 16.93 -4.16
C GLU C 372 -9.31 18.37 -3.84
N LEU C 373 -9.94 18.55 -2.68
CA LEU C 373 -10.41 19.86 -2.26
C LEU C 373 -9.30 20.72 -1.67
N MET C 374 -8.55 20.14 -0.75
CA MET C 374 -7.58 20.92 0.03
C MET C 374 -6.13 20.66 -0.38
N GLY C 375 -5.92 19.62 -1.17
CA GLY C 375 -4.59 19.33 -1.68
C GLY C 375 -4.52 19.57 -3.17
N ALA C 376 -3.83 18.69 -3.88
CA ALA C 376 -3.70 18.81 -5.34
C ALA C 376 -4.40 17.67 -6.07
N GLY C 377 -5.16 16.86 -5.32
CA GLY C 377 -5.87 15.74 -5.91
C GLY C 377 -4.96 14.72 -6.56
N THR C 378 -5.50 13.94 -7.50
CA THR C 378 -4.70 12.96 -8.22
C THR C 378 -3.80 13.65 -9.23
N LEU C 379 -2.58 13.14 -9.39
CA LEU C 379 -1.58 13.78 -10.24
C LEU C 379 -1.30 12.97 -11.50
N ASN C 380 -1.68 13.53 -12.64
CA ASN C 380 -1.34 12.95 -13.94
C ASN C 380 0.01 13.50 -14.37
N LYS C 381 1.06 12.71 -14.16
CA LYS C 381 2.45 13.18 -14.30
C LYS C 381 2.85 13.71 -15.68
N GLU C 382 2.06 13.42 -16.71
CA GLU C 382 2.38 13.92 -18.05
C GLU C 382 1.45 15.06 -18.48
N LEU C 383 0.61 15.50 -17.56
CA LEU C 383 -0.10 16.76 -17.70
C LEU C 383 0.54 17.75 -16.75
N LEU C 384 1.76 17.43 -16.33
CA LEU C 384 2.45 18.22 -15.32
C LEU C 384 3.91 18.43 -15.66
N ASN C 385 4.40 19.63 -15.35
CA ASN C 385 5.82 19.91 -15.43
C ASN C 385 6.55 19.19 -14.31
N ASP C 386 7.72 18.64 -14.62
CA ASP C 386 8.48 17.82 -13.67
C ASP C 386 8.69 18.51 -12.32
N ASN C 387 8.90 19.82 -12.33
CA ASN C 387 9.12 20.57 -11.10
C ASN C 387 7.81 20.82 -10.36
N HIS C 388 6.80 21.26 -11.09
CA HIS C 388 5.49 21.53 -10.51
C HIS C 388 4.92 20.26 -9.84
N ALA C 389 5.14 19.12 -10.48
CA ALA C 389 4.71 17.83 -9.95
C ALA C 389 5.31 17.56 -8.57
N LYS C 390 6.59 17.91 -8.41
CA LYS C 390 7.27 17.78 -7.13
C LYS C 390 6.53 18.57 -6.07
N SER C 391 6.23 19.82 -6.37
CA SER C 391 5.56 20.71 -5.43
C SER C 391 4.18 20.18 -5.01
N LEU C 392 3.44 19.62 -5.96
CA LEU C 392 2.10 19.09 -5.69
C LEU C 392 2.16 17.84 -4.81
N GLU C 393 3.15 16.98 -5.03
CA GLU C 393 3.32 15.78 -4.24
C GLU C 393 3.47 16.09 -2.76
N GLY C 394 4.21 17.16 -2.45
CA GLY C 394 4.43 17.56 -1.07
C GLY C 394 3.22 18.20 -0.45
N LYS C 395 2.45 18.91 -1.26
CA LYS C 395 1.20 19.49 -0.79
C LYS C 395 0.25 18.38 -0.39
N ASN C 396 0.20 17.32 -1.20
CA ASN C 396 -0.66 16.18 -0.92
C ASN C 396 -0.19 15.40 0.30
N ARG C 397 1.11 15.18 0.39
CA ARG C 397 1.70 14.43 1.49
C ARG C 397 1.35 15.08 2.83
N SER C 398 1.41 16.41 2.88
CA SER C 398 1.13 17.15 4.09
C SER C 398 -0.33 17.00 4.52
N VAL C 399 -1.24 17.02 3.54
CA VAL C 399 -2.66 16.88 3.83
C VAL C 399 -2.98 15.44 4.18
N GLU C 400 -2.40 14.50 3.44
CA GLU C 400 -2.62 13.08 3.68
C GLU C 400 -2.13 12.64 5.07
N ASP C 401 -0.92 13.03 5.42
CA ASP C 401 -0.36 12.69 6.73
C ASP C 401 -1.20 13.27 7.87
N SER C 402 -1.67 14.50 7.69
CA SER C 402 -2.54 15.14 8.68
C SER C 402 -3.84 14.38 8.84
N TYR C 403 -4.44 14.01 7.70
CA TYR C 403 -5.67 13.23 7.71
C TYR C 403 -5.45 11.90 8.43
N ASN C 404 -4.40 11.19 8.03
CA ASN C 404 -4.09 9.88 8.61
C ASN C 404 -3.81 9.95 10.11
N GLN C 405 -3.07 10.97 10.54
CA GLN C 405 -2.78 11.15 11.95
C GLN C 405 -4.04 11.42 12.76
N LEU C 406 -4.91 12.30 12.24
CA LEU C 406 -6.15 12.61 12.92
C LEU C 406 -6.94 11.34 13.20
N PHE C 407 -7.13 10.54 12.16
CA PHE C 407 -7.98 9.37 12.30
C PHE C 407 -7.36 8.24 13.11
N SER C 408 -6.03 8.22 13.21
CA SER C 408 -5.37 7.31 14.14
C SER C 408 -5.67 7.75 15.56
N VAL C 409 -5.61 9.05 15.78
CA VAL C 409 -5.96 9.64 17.07
C VAL C 409 -7.43 9.39 17.41
N ILE C 410 -8.32 9.67 16.46
CA ILE C 410 -9.75 9.46 16.66
C ILE C 410 -10.06 8.03 17.10
N GLU C 411 -9.41 7.06 16.47
CA GLU C 411 -9.58 5.66 16.81
C GLU C 411 -9.24 5.36 18.28
N GLN C 412 -8.15 5.94 18.79
CA GLN C 412 -7.79 5.72 20.18
C GLN C 412 -8.78 6.42 21.12
N VAL C 413 -9.15 7.65 20.78
CA VAL C 413 -10.08 8.43 21.59
C VAL C 413 -11.43 7.73 21.66
N ARG C 414 -11.86 7.17 20.53
CA ARG C 414 -13.17 6.53 20.43
C ARG C 414 -13.30 5.34 21.37
N ALA C 415 -12.17 4.69 21.65
CA ALA C 415 -12.16 3.52 22.53
C ALA C 415 -12.26 3.89 24.01
N GLN C 416 -11.99 5.15 24.34
CA GLN C 416 -11.92 5.55 25.75
C GLN C 416 -13.28 5.57 26.45
N SER C 417 -14.34 5.83 25.70
CA SER C 417 -15.70 5.78 26.25
C SER C 417 -16.75 5.74 25.15
N GLU C 418 -18.02 5.67 25.54
CA GLU C 418 -19.12 5.61 24.59
C GLU C 418 -19.33 6.91 23.83
N ASP C 419 -19.20 8.03 24.53
CA ASP C 419 -19.37 9.35 23.91
C ASP C 419 -18.02 10.01 23.64
N ILE C 420 -17.56 9.90 22.41
CA ILE C 420 -16.26 10.41 22.01
C ILE C 420 -16.10 11.91 22.28
N SER C 421 -17.21 12.64 22.27
CA SER C 421 -17.16 14.08 22.47
C SER C 421 -16.88 14.48 23.92
N THR C 422 -16.93 13.51 24.84
CA THR C 422 -16.69 13.79 26.25
C THR C 422 -15.34 13.28 26.77
N VAL C 423 -14.52 12.74 25.87
CA VAL C 423 -13.19 12.29 26.28
C VAL C 423 -12.22 13.47 26.28
N PRO C 424 -11.71 13.83 27.47
CA PRO C 424 -10.79 14.97 27.57
C PRO C 424 -9.38 14.60 27.12
N ILE C 425 -8.83 15.33 26.17
CA ILE C 425 -7.48 15.10 25.68
C ILE C 425 -6.55 16.21 26.13
N HIS C 426 -5.38 15.85 26.66
CA HIS C 426 -4.37 16.85 27.05
C HIS C 426 -3.16 16.74 26.15
N TYR C 427 -2.47 17.86 25.92
CA TYR C 427 -1.26 17.84 25.11
C TYR C 427 -0.04 18.28 25.90
N ALA C 428 1.09 17.63 25.63
CA ALA C 428 2.36 18.05 26.20
C ALA C 428 2.88 19.27 25.45
N TYR C 429 3.47 20.20 26.20
CA TYR C 429 4.11 21.39 25.64
C TYR C 429 5.53 21.50 26.18
N ASN C 430 6.38 22.25 25.49
CA ASN C 430 7.65 22.67 26.07
C ASN C 430 8.01 24.06 25.55
N MET C 431 8.91 24.74 26.26
CA MET C 431 9.39 26.03 25.84
C MET C 431 10.55 25.85 24.86
N THR C 432 10.51 26.54 23.74
CA THR C 432 11.60 26.48 22.78
C THR C 432 12.66 27.52 23.12
N ARG C 433 13.76 27.50 22.37
CA ARG C 433 14.89 28.41 22.54
C ARG C 433 14.47 29.88 22.49
N VAL C 434 13.40 30.16 21.75
CA VAL C 434 12.92 31.52 21.56
C VAL C 434 11.71 31.82 22.44
N GLY C 435 11.49 30.99 23.45
CA GLY C 435 10.46 31.27 24.44
C GLY C 435 9.02 31.03 24.01
N ARG C 436 8.83 30.25 22.95
CA ARG C 436 7.48 29.88 22.52
C ARG C 436 7.03 28.55 23.12
N MET C 437 5.75 28.48 23.48
CA MET C 437 5.16 27.26 24.03
C MET C 437 4.65 26.38 22.90
N GLN C 438 5.44 25.36 22.56
CA GLN C 438 5.13 24.53 21.40
C GLN C 438 4.56 23.18 21.81
N MET C 439 3.41 22.83 21.24
CA MET C 439 2.83 21.50 21.39
C MET C 439 3.78 20.47 20.83
N LEU C 440 4.08 19.44 21.61
CA LEU C 440 4.91 18.36 21.12
C LEU C 440 4.16 17.61 20.04
N GLY C 441 4.88 17.16 19.01
CA GLY C 441 4.27 16.39 17.94
C GLY C 441 4.12 17.13 16.64
N LYS C 442 4.13 16.39 15.54
CA LYS C 442 4.08 16.95 14.21
C LYS C 442 2.68 17.43 13.85
N TYR C 443 1.69 16.56 14.07
CA TYR C 443 0.31 16.84 13.66
C TYR C 443 -0.63 16.91 14.85
N ASN C 444 -0.78 18.13 15.38
CA ASN C 444 -1.61 18.38 16.54
C ASN C 444 -2.43 19.65 16.27
N PRO C 445 -3.39 19.99 17.15
CA PRO C 445 -4.19 21.21 16.93
C PRO C 445 -3.36 22.48 16.70
N GLN C 446 -2.25 22.64 17.39
CA GLN C 446 -1.44 23.84 17.23
C GLN C 446 -0.80 23.90 15.84
N SER C 447 -0.34 22.76 15.35
CA SER C 447 0.52 22.73 14.17
C SER C 447 -0.20 22.40 12.87
N ALA C 448 -1.36 21.76 12.97
CA ALA C 448 -2.00 21.21 11.78
C ALA C 448 -3.45 21.68 11.65
N LYS C 449 -3.72 22.40 10.57
CA LYS C 449 -5.00 23.05 10.36
C LYS C 449 -6.16 22.07 10.21
N LEU C 450 -5.88 20.90 9.64
CA LEU C 450 -6.91 19.88 9.50
C LEU C 450 -7.34 19.39 10.87
N VAL C 451 -6.36 19.18 11.74
CA VAL C 451 -6.58 18.66 13.08
C VAL C 451 -7.25 19.71 13.98
N ARG C 452 -6.86 20.97 13.75
CA ARG C 452 -7.36 22.10 14.54
C ARG C 452 -8.89 22.24 14.49
N GLU C 453 -9.50 21.76 13.41
CA GLU C 453 -10.94 21.92 13.25
C GLU C 453 -11.71 20.69 13.74
N ALA C 454 -10.99 19.66 14.18
CA ALA C 454 -11.60 18.42 14.67
C ALA C 454 -11.39 18.20 16.17
N ILE C 455 -10.33 18.78 16.71
CA ILE C 455 -9.96 18.62 18.13
C ILE C 455 -9.74 19.98 18.77
N LEU C 456 -10.71 20.43 19.56
CA LEU C 456 -10.81 21.82 20.00
C LEU C 456 -10.95 21.92 21.51
N PRO C 457 -10.36 22.97 22.11
CA PRO C 457 -10.55 23.25 23.54
C PRO C 457 -11.66 24.28 23.73
N THR C 458 -12.09 24.89 22.63
CA THR C 458 -13.05 25.98 22.65
C THR C 458 -14.48 25.43 22.70
N LYS C 459 -15.34 26.08 23.48
CA LYS C 459 -16.74 25.68 23.53
C LYS C 459 -17.60 26.83 24.01
N ALA C 460 -18.84 26.88 23.54
CA ALA C 460 -19.77 27.91 23.95
C ALA C 460 -21.21 27.41 23.88
N THR C 461 -22.05 27.98 24.73
CA THR C 461 -23.49 27.76 24.64
C THR C 461 -24.11 29.10 24.30
N LEU C 462 -24.78 29.15 23.15
CA LEU C 462 -25.28 30.42 22.63
C LEU C 462 -26.79 30.40 22.43
N ASP C 463 -27.43 31.53 22.73
CA ASP C 463 -28.82 31.73 22.39
C ASP C 463 -28.91 32.39 21.01
N LEU C 464 -29.21 31.59 19.99
CA LEU C 464 -29.25 32.10 18.63
C LEU C 464 -30.68 32.23 18.12
N SER C 465 -31.65 32.23 19.03
CA SER C 465 -33.04 32.33 18.64
C SER C 465 -33.34 33.74 18.13
N ASN C 466 -32.60 34.70 18.66
CA ASN C 466 -32.78 36.11 18.31
C ASN C 466 -31.53 36.66 17.63
N GLN C 467 -31.64 37.01 16.35
CA GLN C 467 -30.48 37.43 15.57
C GLN C 467 -29.98 38.84 15.91
N ASN C 468 -30.69 39.54 16.79
CA ASN C 468 -30.27 40.85 17.25
C ASN C 468 -29.42 40.80 18.51
N ASN C 469 -29.30 39.60 19.09
CA ASN C 469 -28.61 39.39 20.36
C ASN C 469 -27.09 39.42 20.26
N GLU C 470 -26.42 39.66 21.38
CA GLU C 470 -24.96 39.60 21.44
C GLU C 470 -24.41 38.21 21.12
N ASP C 471 -25.16 37.18 21.51
CA ASP C 471 -24.73 35.80 21.24
C ASP C 471 -24.64 35.57 19.73
N PHE C 472 -25.65 36.03 18.99
CA PHE C 472 -25.65 35.86 17.55
C PHE C 472 -24.55 36.68 16.89
N SER C 473 -24.25 37.84 17.46
CA SER C 473 -23.17 38.69 16.96
C SER C 473 -21.81 37.99 17.07
N ALA C 474 -21.60 37.32 18.20
CA ALA C 474 -20.38 36.53 18.43
C ALA C 474 -20.30 35.38 17.44
N PHE C 475 -21.43 34.71 17.22
CA PHE C 475 -21.53 33.64 16.23
C PHE C 475 -21.11 34.16 14.85
N GLN C 476 -21.66 35.31 14.45
CA GLN C 476 -21.32 35.92 13.16
C GLN C 476 -19.83 36.24 13.05
N LEU C 477 -19.28 36.83 14.10
CA LEU C 477 -17.86 37.19 14.12
C LEU C 477 -16.99 35.96 13.83
N GLY C 478 -17.33 34.85 14.48
CA GLY C 478 -16.62 33.60 14.27
C GLY C 478 -16.76 33.10 12.84
N LEU C 479 -17.97 33.12 12.33
CA LEU C 479 -18.25 32.64 10.98
C LEU C 479 -17.53 33.51 9.96
N ALA C 480 -17.68 34.82 10.09
CA ALA C 480 -17.08 35.78 9.16
C ALA C 480 -15.57 35.63 9.12
N GLN C 481 -14.94 35.52 10.28
CA GLN C 481 -13.49 35.36 10.33
C GLN C 481 -13.05 34.07 9.66
N ALA C 482 -13.77 32.98 9.92
CA ALA C 482 -13.45 31.69 9.31
C ALA C 482 -13.55 31.75 7.78
N LEU C 483 -14.43 32.61 7.29
CA LEU C 483 -14.70 32.71 5.86
C LEU C 483 -13.87 33.80 5.18
N ASP C 484 -12.82 34.24 5.86
CA ASP C 484 -11.84 35.17 5.30
C ASP C 484 -12.33 36.60 5.18
N ILE C 485 -13.41 36.95 5.87
CA ILE C 485 -13.75 38.35 6.05
C ILE C 485 -12.77 38.92 7.08
N LYS C 486 -12.10 40.01 6.74
CA LYS C 486 -11.08 40.59 7.62
C LYS C 486 -11.75 41.35 8.76
N VAL C 487 -12.18 40.61 9.76
CA VAL C 487 -13.05 41.13 10.82
C VAL C 487 -12.43 42.26 11.66
N HIS C 488 -11.11 42.30 11.73
CA HIS C 488 -10.47 43.32 12.56
C HIS C 488 -10.42 44.69 11.86
N THR C 489 -10.83 44.72 10.59
CA THR C 489 -10.73 45.94 9.79
C THR C 489 -12.05 46.68 9.67
N MET C 490 -13.09 46.16 10.32
CA MET C 490 -14.42 46.74 10.20
C MET C 490 -15.20 46.56 11.49
N THR C 491 -16.19 47.42 11.72
CA THR C 491 -17.02 47.29 12.91
C THR C 491 -17.91 46.06 12.82
N ARG C 492 -18.46 45.66 13.96
CA ARG C 492 -19.33 44.51 14.05
C ARG C 492 -20.56 44.67 13.12
N GLU C 493 -21.09 45.88 13.02
CA GLU C 493 -22.28 46.15 12.21
C GLU C 493 -22.00 45.99 10.72
N VAL C 494 -20.88 46.56 10.27
CA VAL C 494 -20.46 46.43 8.88
C VAL C 494 -20.12 44.97 8.57
N MET C 495 -19.50 44.29 9.54
CA MET C 495 -19.18 42.86 9.42
C MET C 495 -20.45 42.05 9.20
N SER C 496 -21.47 42.34 10.00
CA SER C 496 -22.75 41.62 9.92
C SER C 496 -23.33 41.68 8.50
N ASP C 497 -23.33 42.88 7.92
CA ASP C 497 -23.85 43.07 6.57
C ASP C 497 -23.07 42.29 5.50
N GLU C 498 -21.75 42.32 5.61
CA GLU C 498 -20.89 41.58 4.69
C GLU C 498 -21.13 40.07 4.77
N LEU C 499 -21.23 39.55 5.99
CA LEU C 499 -21.44 38.12 6.19
C LEU C 499 -22.78 37.67 5.64
N THR C 500 -23.83 38.44 5.94
CA THR C 500 -25.17 38.11 5.50
C THR C 500 -25.25 38.04 3.98
N LYS C 501 -24.60 38.99 3.32
CA LYS C 501 -24.65 39.03 1.86
C LYS C 501 -23.84 37.86 1.29
N LEU C 502 -22.80 37.46 2.01
CA LEU C 502 -21.99 36.30 1.61
C LEU C 502 -22.74 34.98 1.81
N LEU C 503 -23.44 34.84 2.93
CA LEU C 503 -24.21 33.63 3.22
C LEU C 503 -25.40 33.44 2.28
N GLU C 504 -26.08 34.54 1.96
CA GLU C 504 -27.22 34.50 1.06
C GLU C 504 -26.76 34.48 -0.40
N GLY C 505 -25.49 34.82 -0.61
CA GLY C 505 -24.95 34.92 -1.95
C GLY C 505 -24.18 33.69 -2.41
N ASN C 506 -22.86 33.83 -2.53
CA ASN C 506 -22.00 32.77 -3.05
C ASN C 506 -21.98 31.48 -2.25
N LEU C 507 -22.11 31.59 -0.94
CA LEU C 507 -22.00 30.41 -0.08
C LEU C 507 -23.26 29.57 -0.05
N LYS C 508 -24.39 30.15 -0.47
CA LYS C 508 -25.69 29.51 -0.29
C LYS C 508 -25.82 28.07 -0.82
N PRO C 509 -25.30 27.78 -2.03
CA PRO C 509 -25.36 26.38 -2.46
C PRO C 509 -24.57 25.44 -1.55
N ALA C 510 -23.41 25.90 -1.07
CA ALA C 510 -22.60 25.12 -0.15
C ALA C 510 -23.32 24.91 1.19
N ILE C 511 -23.98 25.97 1.67
CA ILE C 511 -24.73 25.92 2.91
C ILE C 511 -25.92 24.96 2.78
N ASP C 512 -26.62 25.05 1.66
CA ASP C 512 -27.73 24.15 1.40
C ASP C 512 -27.27 22.69 1.38
N MET C 513 -26.09 22.45 0.82
CA MET C 513 -25.52 21.11 0.84
C MET C 513 -25.21 20.63 2.26
N MET C 514 -24.67 21.53 3.08
CA MET C 514 -24.32 21.15 4.46
C MET C 514 -25.55 20.97 5.32
N VAL C 515 -26.62 21.69 5.01
CA VAL C 515 -27.89 21.53 5.70
C VAL C 515 -28.41 20.11 5.48
N GLU C 516 -28.33 19.64 4.24
CA GLU C 516 -28.74 18.28 3.91
C GLU C 516 -27.84 17.24 4.57
N PHE C 517 -26.54 17.50 4.59
CA PHE C 517 -25.61 16.62 5.27
C PHE C 517 -25.95 16.45 6.76
N ASN C 518 -26.23 17.55 7.43
CA ASN C 518 -26.57 17.51 8.85
C ASN C 518 -28.00 17.04 9.08
N THR C 519 -28.71 16.76 7.98
CA THR C 519 -30.06 16.22 8.06
C THR C 519 -30.07 14.71 7.79
N THR C 520 -29.37 14.28 6.74
CA THR C 520 -29.41 12.88 6.33
C THR C 520 -28.07 12.16 6.40
N GLY C 521 -26.99 12.90 6.64
CA GLY C 521 -25.67 12.30 6.72
C GLY C 521 -25.04 12.06 5.37
N SER C 522 -25.67 12.55 4.31
CA SER C 522 -25.20 12.29 2.95
C SER C 522 -24.60 13.51 2.27
N LEU C 523 -23.60 13.27 1.43
CA LEU C 523 -23.02 14.29 0.58
C LEU C 523 -23.21 13.89 -0.87
N PRO C 524 -23.44 14.87 -1.75
CA PRO C 524 -23.59 14.59 -3.18
C PRO C 524 -22.23 14.25 -3.81
N GLU C 525 -22.25 13.59 -4.96
CA GLU C 525 -21.00 13.20 -5.62
C GLU C 525 -20.21 14.41 -6.14
N ASN C 526 -20.87 15.55 -6.27
CA ASN C 526 -20.20 16.76 -6.70
C ASN C 526 -19.88 17.70 -5.54
N ALA C 527 -19.73 17.13 -4.35
CA ALA C 527 -19.48 17.90 -3.14
C ALA C 527 -18.24 18.79 -3.27
N VAL C 528 -17.18 18.25 -3.84
CA VAL C 528 -15.95 19.01 -4.00
C VAL C 528 -16.19 20.26 -4.84
N ASP C 529 -16.89 20.09 -5.95
CA ASP C 529 -17.14 21.18 -6.87
C ASP C 529 -18.04 22.25 -6.26
N VAL C 530 -19.06 21.81 -5.55
CA VAL C 530 -19.96 22.72 -4.84
C VAL C 530 -19.18 23.59 -3.87
N LEU C 531 -18.33 22.95 -3.06
CA LEU C 531 -17.51 23.66 -2.08
C LEU C 531 -16.52 24.61 -2.74
N ASN C 532 -15.83 24.11 -3.76
CA ASN C 532 -14.83 24.89 -4.50
C ASN C 532 -15.42 26.15 -5.12
N THR C 533 -16.54 25.99 -5.81
CA THR C 533 -17.18 27.10 -6.49
C THR C 533 -17.70 28.12 -5.49
N ALA C 534 -18.24 27.64 -4.38
CA ALA C 534 -18.84 28.51 -3.37
C ALA C 534 -17.80 29.30 -2.58
N LEU C 535 -16.71 28.63 -2.21
CA LEU C 535 -15.69 29.24 -1.36
C LEU C 535 -14.67 30.07 -2.14
N GLY C 536 -14.26 29.57 -3.30
CA GLY C 536 -13.23 30.24 -4.08
C GLY C 536 -11.96 30.37 -3.26
N ASP C 537 -11.45 31.60 -3.15
CA ASP C 537 -10.21 31.85 -2.42
C ASP C 537 -10.40 31.86 -0.90
N ARG C 538 -11.63 31.69 -0.44
CA ARG C 538 -11.91 31.64 1.00
C ARG C 538 -11.66 30.23 1.55
N LYS C 539 -11.38 29.30 0.65
CA LYS C 539 -11.25 27.90 1.00
C LYS C 539 -10.12 27.63 2.00
N SER C 540 -10.48 26.99 3.11
CA SER C 540 -9.55 26.57 4.13
C SER C 540 -10.27 25.55 5.01
N PHE C 541 -9.57 24.95 5.95
CA PHE C 541 -10.24 24.02 6.86
C PHE C 541 -11.19 24.76 7.80
N VAL C 542 -10.77 25.92 8.30
CA VAL C 542 -11.62 26.65 9.23
C VAL C 542 -12.88 27.16 8.53
N ALA C 543 -12.77 27.42 7.22
CA ALA C 543 -13.95 27.76 6.42
C ALA C 543 -14.97 26.61 6.40
N LEU C 544 -14.49 25.38 6.23
CA LEU C 544 -15.36 24.21 6.25
C LEU C 544 -16.05 24.07 7.62
N MET C 545 -15.34 24.44 8.68
CA MET C 545 -15.92 24.46 10.02
C MET C 545 -17.05 25.48 10.11
N ALA C 546 -16.85 26.64 9.48
CA ALA C 546 -17.87 27.67 9.45
C ALA C 546 -19.13 27.19 8.71
N LEU C 547 -18.94 26.53 7.58
CA LEU C 547 -20.07 26.01 6.81
C LEU C 547 -20.80 24.95 7.62
N MET C 548 -20.03 24.06 8.25
CA MET C 548 -20.58 23.02 9.09
C MET C 548 -21.42 23.60 10.22
N GLU C 549 -20.83 24.53 10.96
CA GLU C 549 -21.49 25.08 12.15
C GLU C 549 -22.69 25.95 11.81
N TYR C 550 -22.62 26.71 10.72
CA TYR C 550 -23.76 27.53 10.34
C TYR C 550 -24.94 26.63 9.94
N SER C 551 -24.65 25.58 9.18
CA SER C 551 -25.70 24.66 8.75
C SER C 551 -26.25 23.86 9.94
N ARG C 552 -25.40 23.57 10.92
CA ARG C 552 -25.86 22.89 12.12
C ARG C 552 -26.86 23.78 12.87
N TYR C 553 -26.55 25.07 12.94
CA TYR C 553 -27.45 26.05 13.55
C TYR C 553 -28.78 26.12 12.82
N LEU C 554 -28.75 26.07 11.48
CA LEU C 554 -29.98 26.12 10.70
C LEU C 554 -30.91 24.96 10.99
N VAL C 555 -30.35 23.77 11.23
CA VAL C 555 -31.18 22.59 11.47
C VAL C 555 -31.34 22.25 12.96
N ALA C 556 -30.73 23.06 13.83
CA ALA C 556 -30.81 22.82 15.26
C ALA C 556 -32.24 22.98 15.78
N GLU C 557 -32.70 21.98 16.53
CA GLU C 557 -34.03 22.01 17.10
C GLU C 557 -34.10 22.95 18.30
N ASP C 558 -32.94 23.23 18.90
CA ASP C 558 -32.88 24.15 20.03
C ASP C 558 -31.86 25.27 19.76
N LYS C 559 -32.29 26.26 18.98
CA LYS C 559 -31.43 27.39 18.67
C LYS C 559 -31.16 28.25 19.91
N SER C 560 -32.01 28.10 20.92
CA SER C 560 -31.90 28.90 22.15
C SER C 560 -30.73 28.48 23.05
N ALA C 561 -30.17 27.31 22.80
CA ALA C 561 -29.01 26.86 23.56
C ALA C 561 -28.08 26.08 22.65
N PHE C 562 -27.60 26.74 21.60
CA PHE C 562 -26.78 26.08 20.62
C PHE C 562 -25.36 25.92 21.14
N VAL C 563 -24.86 24.69 21.10
CA VAL C 563 -23.51 24.40 21.60
C VAL C 563 -22.53 24.23 20.43
N THR C 564 -21.45 24.99 20.46
CA THR C 564 -20.49 24.99 19.35
C THR C 564 -19.06 25.24 19.82
N PRO C 565 -18.08 24.63 19.13
CA PRO C 565 -16.67 24.91 19.39
C PRO C 565 -16.11 26.00 18.47
N LEU C 566 -16.95 26.53 17.57
CA LEU C 566 -16.53 27.62 16.68
C LEU C 566 -15.83 28.71 17.48
N TYR C 567 -14.71 29.18 16.97
CA TYR C 567 -13.92 30.12 17.76
C TYR C 567 -13.69 31.44 17.03
N VAL C 568 -13.22 32.43 17.78
CA VAL C 568 -12.68 33.64 17.19
C VAL C 568 -11.21 33.70 17.59
N GLU C 569 -10.33 33.93 16.63
CA GLU C 569 -8.94 34.10 16.97
C GLU C 569 -8.62 35.57 17.20
N ALA C 570 -8.22 35.90 18.42
CA ALA C 570 -7.63 37.19 18.70
C ALA C 570 -6.23 37.12 18.10
N ASP C 571 -5.98 37.91 17.06
CA ASP C 571 -4.80 37.72 16.24
C ASP C 571 -3.92 38.95 16.17
N GLY C 572 -2.62 38.75 16.34
CA GLY C 572 -1.68 39.85 16.38
C GLY C 572 -1.57 40.53 15.03
N VAL C 573 -1.71 41.84 15.01
CA VAL C 573 -1.60 42.61 13.77
C VAL C 573 -0.15 42.99 13.52
N THR C 574 0.47 42.37 12.51
CA THR C 574 1.89 42.55 12.21
C THR C 574 2.71 42.46 13.50
N ASN C 575 2.50 41.35 14.20
CA ASN C 575 2.94 41.19 15.59
C ASN C 575 4.44 41.36 15.85
N GLY C 576 5.26 40.64 15.09
CA GLY C 576 6.71 40.73 15.25
C GLY C 576 7.28 42.12 15.07
N PRO C 577 7.02 42.75 13.91
CA PRO C 577 7.52 44.10 13.68
C PRO C 577 7.04 45.13 14.70
N ILE C 578 5.77 45.05 15.09
CA ILE C 578 5.24 45.97 16.08
C ILE C 578 5.93 45.79 17.44
N ASN C 579 6.06 44.55 17.88
CA ASN C 579 6.77 44.25 19.12
C ASN C 579 8.19 44.80 19.08
N ALA C 580 8.86 44.63 17.95
CA ALA C 580 10.22 45.13 17.80
C ALA C 580 10.23 46.65 17.93
N MET C 581 9.28 47.31 17.27
CA MET C 581 9.18 48.77 17.33
C MET C 581 8.90 49.28 18.73
N MET C 582 8.07 48.56 19.49
CA MET C 582 7.76 48.98 20.86
C MET C 582 8.90 48.67 21.83
N LEU C 583 9.51 47.50 21.67
CA LEU C 583 10.50 47.04 22.63
C LEU C 583 11.90 47.58 22.41
N MET C 584 12.20 47.99 21.18
CA MET C 584 13.58 48.29 20.81
C MET C 584 13.82 49.65 20.15
N THR C 585 12.79 50.46 19.98
CA THR C 585 13.04 51.83 19.50
C THR C 585 13.52 52.66 20.68
N GLY C 586 14.66 53.34 20.52
CA GLY C 586 15.31 53.95 21.66
C GLY C 586 15.50 55.47 21.73
N GLY C 587 15.00 56.22 20.75
CA GLY C 587 15.24 57.66 20.76
C GLY C 587 14.13 58.46 21.42
N LEU C 588 14.07 59.75 21.08
CA LEU C 588 12.90 60.58 21.42
C LEU C 588 11.72 60.14 20.56
N PHE C 589 10.50 60.50 20.97
CA PHE C 589 9.32 60.15 20.19
C PHE C 589 9.24 60.99 18.92
N THR C 590 8.75 60.38 17.84
CA THR C 590 8.57 61.08 16.57
C THR C 590 7.16 60.85 16.07
N PRO C 591 6.62 61.82 15.31
CA PRO C 591 5.28 61.70 14.73
C PRO C 591 5.11 60.46 13.86
N ASP C 592 6.12 60.11 13.07
CA ASP C 592 6.03 58.94 12.20
C ASP C 592 5.85 57.65 13.00
N TRP C 593 6.60 57.54 14.10
CA TRP C 593 6.52 56.36 14.94
C TRP C 593 5.13 56.24 15.54
N ILE C 594 4.59 57.37 15.97
CA ILE C 594 3.24 57.40 16.54
C ILE C 594 2.21 56.88 15.53
N ARG C 595 2.31 57.33 14.29
CA ARG C 595 1.41 56.86 13.24
C ARG C 595 1.59 55.38 12.93
N ASN C 596 2.85 54.94 12.83
CA ASN C 596 3.14 53.57 12.45
C ASN C 596 2.83 52.56 13.56
N ILE C 597 3.09 52.93 14.81
CA ILE C 597 2.80 52.03 15.91
C ILE C 597 1.28 51.89 16.12
N ALA C 598 0.52 52.91 15.69
CA ALA C 598 -0.93 52.84 15.75
C ALA C 598 -1.45 51.74 14.81
N LYS C 599 -0.70 51.48 13.74
CA LYS C 599 -1.04 50.42 12.81
C LYS C 599 -1.01 49.05 13.51
N GLY C 600 -0.38 49.00 14.67
CA GLY C 600 -0.32 47.78 15.47
C GLY C 600 -1.16 47.79 16.72
N GLY C 601 -2.00 48.81 16.88
CA GLY C 601 -2.95 48.83 17.98
C GLY C 601 -2.50 49.52 19.24
N LEU C 602 -1.43 50.30 19.14
CA LEU C 602 -1.07 51.19 20.24
C LEU C 602 -1.69 52.56 19.96
N PHE C 603 -2.79 52.86 20.64
CA PHE C 603 -3.50 54.12 20.41
C PHE C 603 -3.26 55.11 21.54
N ILE C 604 -2.80 56.30 21.18
CA ILE C 604 -2.46 57.32 22.16
C ILE C 604 -3.50 58.41 22.15
N GLY C 605 -4.15 58.63 23.29
CA GLY C 605 -5.13 59.68 23.42
C GLY C 605 -6.44 59.39 22.72
N SER C 606 -6.82 58.12 22.67
CA SER C 606 -8.10 57.72 22.09
C SER C 606 -8.73 56.65 22.96
N PRO C 607 -9.40 57.07 24.04
CA PRO C 607 -9.97 56.13 25.02
C PRO C 607 -10.88 55.12 24.35
N ASN C 608 -10.63 53.83 24.61
CA ASN C 608 -11.49 52.74 24.12
C ASN C 608 -11.48 52.55 22.60
N LYS C 609 -10.51 53.15 21.92
CA LYS C 609 -10.37 52.94 20.49
C LYS C 609 -10.00 51.49 20.19
N THR C 610 -10.64 50.92 19.17
CA THR C 610 -10.39 49.55 18.76
C THR C 610 -9.65 49.53 17.43
N MET C 611 -9.08 48.39 17.07
CA MET C 611 -8.43 48.26 15.78
C MET C 611 -9.48 48.37 14.67
N ASN C 612 -10.69 47.87 14.95
CA ASN C 612 -11.80 47.95 14.00
C ASN C 612 -12.09 49.40 13.63
N GLU C 613 -12.10 50.27 14.63
CA GLU C 613 -12.30 51.71 14.40
C GLU C 613 -11.11 52.34 13.70
N HIS C 614 -9.90 51.97 14.14
CA HIS C 614 -8.70 52.52 13.51
C HIS C 614 -8.68 52.25 12.02
N ARG C 615 -8.92 50.99 11.64
CA ARG C 615 -8.86 50.59 10.23
C ARG C 615 -9.97 51.21 9.41
N SER C 616 -11.13 51.40 10.03
CA SER C 616 -12.28 51.90 9.27
C SER C 616 -12.32 53.44 9.17
N THR C 617 -11.66 54.16 10.06
CA THR C 617 -11.79 55.62 10.08
C THR C 617 -10.50 56.43 10.19
N ALA C 618 -9.38 55.79 10.46
CA ALA C 618 -8.15 56.54 10.69
C ALA C 618 -7.03 56.16 9.73
N ASP C 619 -6.84 54.86 9.51
CA ASP C 619 -5.73 54.38 8.73
C ASP C 619 -5.97 52.94 8.28
N ASN C 620 -6.28 52.76 6.99
CA ASN C 620 -6.58 51.44 6.45
C ASN C 620 -5.31 50.72 5.95
N ASN C 621 -4.17 51.35 6.14
CA ASN C 621 -2.89 50.76 5.74
C ASN C 621 -2.18 50.09 6.91
N ASP C 622 -2.03 48.78 6.88
CA ASP C 622 -1.20 48.13 7.88
C ASP C 622 0.27 48.38 7.58
N LEU C 623 1.14 47.86 8.44
CA LEU C 623 2.58 48.04 8.29
C LEU C 623 3.11 47.41 6.99
N TYR C 624 2.52 46.29 6.58
CA TYR C 624 2.92 45.63 5.34
C TYR C 624 2.63 46.55 4.15
N GLN C 625 1.42 47.10 4.15
CA GLN C 625 0.99 48.02 3.10
C GLN C 625 1.81 49.31 3.08
N ALA C 626 2.12 49.82 4.28
CA ALA C 626 2.97 51.01 4.39
C ALA C 626 4.32 50.75 3.73
N SER C 627 4.93 49.62 4.05
CA SER C 627 6.23 49.28 3.49
C SER C 627 6.17 49.16 1.96
N THR C 628 5.04 48.68 1.47
CA THR C 628 4.80 48.56 0.03
C THR C 628 4.76 49.92 -0.65
N ASN C 629 4.02 50.87 -0.07
CA ASN C 629 3.99 52.23 -0.58
C ASN C 629 5.37 52.87 -0.55
N ALA C 630 6.11 52.59 0.52
CA ALA C 630 7.47 53.10 0.65
C ALA C 630 8.39 52.45 -0.39
N LEU C 631 8.13 51.18 -0.71
CA LEU C 631 8.85 50.49 -1.78
C LEU C 631 8.65 51.19 -3.11
N MET C 632 7.42 51.61 -3.39
CA MET C 632 7.14 52.33 -4.64
C MET C 632 7.84 53.68 -4.72
N GLU C 633 7.97 54.37 -3.58
CA GLU C 633 8.74 55.60 -3.54
C GLU C 633 10.20 55.32 -3.89
N SER C 634 10.80 54.35 -3.21
CA SER C 634 12.21 54.03 -3.38
C SER C 634 12.53 53.50 -4.78
N LEU C 635 11.59 52.77 -5.35
CA LEU C 635 11.76 52.26 -6.71
C LEU C 635 11.64 53.40 -7.71
N GLY C 636 10.75 54.34 -7.42
CA GLY C 636 10.64 55.54 -8.22
C GLY C 636 11.92 56.35 -8.16
N LYS C 637 12.52 56.42 -6.98
CA LYS C 637 13.77 57.13 -6.79
C LYS C 637 14.90 56.46 -7.58
N LEU C 638 14.95 55.13 -7.54
CA LEU C 638 16.00 54.38 -8.23
C LEU C 638 15.95 54.62 -9.73
N ARG C 639 14.76 54.50 -10.31
CA ARG C 639 14.55 54.76 -11.74
C ARG C 639 15.03 56.15 -12.14
N SER C 640 14.70 57.15 -11.33
CA SER C 640 15.07 58.53 -11.61
C SER C 640 16.57 58.73 -11.62
N ASN C 641 17.26 58.08 -10.70
CA ASN C 641 18.71 58.15 -10.63
C ASN C 641 19.38 57.57 -11.87
N TYR C 642 18.65 56.70 -12.56
CA TYR C 642 19.16 56.05 -13.77
C TYR C 642 18.26 56.34 -14.97
N ALA C 643 17.60 57.51 -14.94
CA ALA C 643 16.61 57.86 -15.96
C ALA C 643 17.17 57.94 -17.37
N SER C 644 18.42 58.39 -17.48
CA SER C 644 19.08 58.51 -18.78
C SER C 644 19.61 57.17 -19.24
N ASN C 645 19.84 56.28 -18.28
CA ASN C 645 20.41 54.96 -18.57
C ASN C 645 19.37 53.97 -19.09
N MET C 646 19.24 53.89 -20.41
CA MET C 646 18.23 53.03 -21.03
C MET C 646 18.33 51.52 -20.75
N PRO C 647 19.55 50.95 -20.79
CA PRO C 647 19.66 49.52 -20.46
C PRO C 647 19.18 49.18 -19.04
N ILE C 648 19.53 50.02 -18.06
CA ILE C 648 19.08 49.80 -16.69
C ILE C 648 17.55 49.91 -16.60
N GLN C 649 17.00 50.93 -17.24
CA GLN C 649 15.56 51.13 -17.30
C GLN C 649 14.86 49.90 -17.89
N SER C 650 15.41 49.39 -18.98
CA SER C 650 14.84 48.22 -19.65
C SER C 650 15.00 46.96 -18.81
N GLN C 651 16.08 46.91 -18.03
CA GLN C 651 16.34 45.79 -17.16
C GLN C 651 15.30 45.75 -16.05
N ILE C 652 15.06 46.91 -15.42
CA ILE C 652 14.01 47.04 -14.42
C ILE C 652 12.64 46.70 -15.01
N ASP C 653 12.37 47.24 -16.20
CA ASP C 653 11.12 46.98 -16.89
C ASP C 653 10.85 45.50 -17.10
N SER C 654 11.89 44.76 -17.47
CA SER C 654 11.77 43.32 -17.70
C SER C 654 11.47 42.58 -16.41
N LEU C 655 12.13 42.99 -15.32
CA LEU C 655 11.91 42.37 -14.02
C LEU C 655 10.47 42.56 -13.56
N LEU C 656 9.97 43.79 -13.63
CA LEU C 656 8.62 44.11 -13.23
C LEU C 656 7.59 43.42 -14.14
N SER C 657 7.94 43.28 -15.42
CA SER C 657 7.06 42.64 -16.37
C SER C 657 6.96 41.14 -16.10
N LEU C 658 8.11 40.50 -15.85
CA LEU C 658 8.11 39.09 -15.54
C LEU C 658 7.32 38.80 -14.27
N MET C 659 7.49 39.64 -13.26
CA MET C 659 6.76 39.50 -12.01
C MET C 659 5.25 39.71 -12.22
N ASP C 660 4.91 40.67 -13.06
CA ASP C 660 3.51 40.96 -13.39
C ASP C 660 2.85 39.75 -14.06
N LEU C 661 3.62 39.06 -14.90
CA LEU C 661 3.14 37.87 -15.59
C LEU C 661 2.70 36.76 -14.65
N PHE C 662 3.40 36.61 -13.53
CA PHE C 662 3.24 35.39 -12.73
C PHE C 662 2.87 35.58 -11.26
N LEU C 663 3.04 36.79 -10.74
CA LEU C 663 2.76 37.07 -9.33
C LEU C 663 1.50 37.91 -9.17
N PRO C 664 0.61 37.49 -8.25
CA PRO C 664 -0.64 38.21 -8.05
C PRO C 664 -0.46 39.54 -7.31
N ASP C 665 0.54 39.61 -6.43
CA ASP C 665 0.74 40.79 -5.59
C ASP C 665 1.33 41.97 -6.35
N ILE C 666 1.77 41.75 -7.58
CA ILE C 666 2.33 42.82 -8.38
C ILE C 666 1.67 42.94 -9.75
N ASN C 667 1.16 44.13 -10.03
CA ASN C 667 0.49 44.41 -11.29
C ASN C 667 0.97 45.73 -11.86
N LEU C 668 1.34 45.73 -13.14
CA LEU C 668 1.62 47.00 -13.81
C LEU C 668 0.61 47.31 -14.91
N GLY C 669 0.26 48.58 -15.01
CA GLY C 669 -0.67 49.03 -16.03
C GLY C 669 0.01 49.22 -17.37
N GLU C 670 -0.76 49.68 -18.35
CA GLU C 670 -0.23 49.85 -19.70
C GLU C 670 0.71 51.03 -19.79
N ASN C 671 0.40 52.10 -19.06
CA ASN C 671 1.22 53.31 -19.07
C ASN C 671 2.51 53.18 -18.27
N GLY C 672 2.78 51.97 -17.78
CA GLY C 672 3.96 51.71 -16.98
C GLY C 672 3.69 51.85 -15.50
N ALA C 673 2.49 52.30 -15.16
CA ALA C 673 2.10 52.47 -13.77
C ALA C 673 2.29 51.17 -13.01
N LEU C 674 2.66 51.29 -11.74
CA LEU C 674 2.97 50.12 -10.93
C LEU C 674 2.03 50.01 -9.73
N GLU C 675 1.45 48.83 -9.55
CA GLU C 675 0.57 48.57 -8.42
C GLU C 675 1.04 47.36 -7.65
N LEU C 676 1.33 47.56 -6.37
CA LEU C 676 1.81 46.47 -5.52
C LEU C 676 0.85 46.25 -4.36
N LYS C 677 0.61 44.99 -4.03
CA LYS C 677 -0.27 44.65 -2.93
C LYS C 677 0.53 44.33 -1.67
N ARG C 678 -0.11 44.42 -0.51
CA ARG C 678 0.57 44.28 0.77
C ARG C 678 1.28 42.94 0.93
N GLY C 679 0.80 41.92 0.24
CA GLY C 679 1.33 40.58 0.38
C GLY C 679 2.79 40.44 -0.05
N ILE C 680 3.22 41.29 -0.98
CA ILE C 680 4.58 41.24 -1.49
C ILE C 680 5.61 41.57 -0.40
N ALA C 681 5.17 42.32 0.61
CA ALA C 681 6.08 42.82 1.63
C ALA C 681 5.98 42.05 2.95
N LYS C 682 4.98 41.19 3.09
CA LYS C 682 4.74 40.49 4.35
C LYS C 682 5.96 39.70 4.84
N ASN C 683 6.37 38.71 4.07
CA ASN C 683 7.53 37.91 4.43
C ASN C 683 8.81 38.77 4.58
N PRO C 684 9.15 39.58 3.55
CA PRO C 684 10.38 40.37 3.66
C PRO C 684 10.44 41.32 4.87
N LEU C 685 9.34 41.96 5.24
CA LEU C 685 9.34 42.88 6.38
C LEU C 685 9.80 42.16 7.65
N THR C 686 9.17 41.04 7.94
CA THR C 686 9.45 40.27 9.14
C THR C 686 10.92 39.85 9.22
N ILE C 687 11.35 39.08 8.23
CA ILE C 687 12.67 38.47 8.29
C ILE C 687 13.79 39.50 8.18
N THR C 688 13.51 40.64 7.57
CA THR C 688 14.49 41.72 7.48
C THR C 688 14.85 42.22 8.87
N ILE C 689 13.83 42.37 9.71
CA ILE C 689 14.01 42.76 11.09
C ILE C 689 14.85 41.72 11.81
N TYR C 690 14.64 40.46 11.47
CA TYR C 690 15.33 39.34 12.11
C TYR C 690 16.72 39.06 11.53
N GLY C 691 17.31 40.08 10.93
CA GLY C 691 18.69 40.00 10.48
C GLY C 691 18.89 39.31 9.15
N SER C 692 17.80 38.90 8.50
CA SER C 692 17.91 38.31 7.18
C SER C 692 18.59 39.26 6.21
N GLY C 693 19.50 38.72 5.41
CA GLY C 693 20.16 39.51 4.38
C GLY C 693 19.19 39.74 3.25
N ALA C 694 19.60 40.58 2.30
CA ALA C 694 18.74 40.93 1.18
C ALA C 694 18.76 39.84 0.11
N ARG C 695 19.87 39.13 -0.01
CA ARG C 695 19.98 38.04 -0.98
C ARG C 695 18.96 36.94 -0.70
N GLY C 696 18.77 36.62 0.58
CA GLY C 696 17.82 35.60 0.97
C GLY C 696 16.41 35.95 0.51
N ILE C 697 16.04 37.22 0.70
CA ILE C 697 14.73 37.70 0.30
C ILE C 697 14.57 37.63 -1.22
N ALA C 698 15.64 38.01 -1.93
CA ALA C 698 15.62 37.95 -3.38
C ALA C 698 15.45 36.51 -3.86
N GLY C 699 16.12 35.58 -3.19
CA GLY C 699 16.00 34.18 -3.53
C GLY C 699 14.57 33.69 -3.38
N LYS C 700 13.92 34.12 -2.30
CA LYS C 700 12.55 33.73 -2.02
C LYS C 700 11.60 34.28 -3.08
N LEU C 701 11.78 35.55 -3.43
CA LEU C 701 10.96 36.17 -4.46
C LEU C 701 11.14 35.48 -5.81
N VAL C 702 12.37 35.11 -6.13
CA VAL C 702 12.62 34.34 -7.36
C VAL C 702 11.92 32.99 -7.31
N SER C 703 11.98 32.34 -6.15
CA SER C 703 11.30 31.05 -5.95
C SER C 703 9.81 31.17 -6.25
N SER C 704 9.21 32.27 -5.81
CA SER C 704 7.79 32.51 -6.07
C SER C 704 7.50 32.61 -7.56
N VAL C 705 8.42 33.21 -8.29
CA VAL C 705 8.25 33.37 -9.73
C VAL C 705 8.42 32.05 -10.47
N THR C 706 9.51 31.34 -10.18
CA THR C 706 9.79 30.08 -10.86
C THR C 706 8.74 29.01 -10.54
N ASP C 707 8.19 29.07 -9.32
CA ASP C 707 7.09 28.19 -8.96
C ASP C 707 5.90 28.41 -9.88
N ALA C 708 5.54 29.68 -10.07
CA ALA C 708 4.39 30.04 -10.87
C ALA C 708 4.59 29.75 -12.37
N ILE C 709 5.83 29.83 -12.84
CA ILE C 709 6.06 29.54 -14.25
C ILE C 709 6.10 28.03 -14.49
N TYR C 710 6.52 27.27 -13.49
CA TYR C 710 6.47 25.81 -13.60
C TYR C 710 5.02 25.37 -13.61
N GLU C 711 4.20 26.03 -12.81
CA GLU C 711 2.77 25.75 -12.80
C GLU C 711 2.15 26.11 -14.14
N ARG C 712 2.62 27.19 -14.74
CA ARG C 712 2.10 27.61 -16.03
C ARG C 712 2.51 26.63 -17.13
N MET C 713 3.64 25.95 -16.92
CA MET C 713 4.10 24.95 -17.88
C MET C 713 3.18 23.73 -17.85
N SER C 714 2.69 23.40 -16.67
CA SER C 714 1.71 22.33 -16.53
C SER C 714 0.41 22.70 -17.24
N ASP C 715 0.00 23.96 -17.08
CA ASP C 715 -1.22 24.45 -17.71
C ASP C 715 -1.15 24.33 -19.23
N VAL C 716 0.06 24.51 -19.78
CA VAL C 716 0.28 24.36 -21.21
C VAL C 716 0.01 22.92 -21.64
N LEU C 717 0.66 21.97 -20.97
CA LEU C 717 0.46 20.55 -21.27
C LEU C 717 -1.01 20.15 -21.17
N LYS C 718 -1.66 20.61 -20.11
CA LYS C 718 -3.07 20.31 -19.90
C LYS C 718 -3.92 20.84 -21.06
N ALA C 719 -3.84 22.13 -21.31
CA ALA C 719 -4.65 22.77 -22.33
C ALA C 719 -4.28 22.32 -23.75
N ARG C 720 -3.04 21.85 -23.92
CA ARG C 720 -2.57 21.38 -25.22
C ARG C 720 -3.05 19.96 -25.51
N ALA C 721 -3.13 19.15 -24.46
CA ALA C 721 -3.62 17.78 -24.62
C ALA C 721 -5.11 17.78 -24.94
N LYS C 722 -5.83 18.73 -24.35
CA LYS C 722 -7.27 18.84 -24.54
C LYS C 722 -7.61 19.50 -25.87
N ASP C 723 -6.59 20.01 -26.55
CA ASP C 723 -6.77 20.70 -27.82
C ASP C 723 -5.41 20.95 -28.48
N PRO C 724 -4.88 19.94 -29.19
CA PRO C 724 -3.58 20.04 -29.87
C PRO C 724 -3.52 21.17 -30.89
N ASN C 725 -4.68 21.76 -31.18
CA ASN C 725 -4.76 22.91 -32.07
C ASN C 725 -4.13 24.16 -31.46
N ILE C 726 -4.51 24.44 -30.21
CA ILE C 726 -4.17 25.66 -29.49
C ILE C 726 -2.77 26.20 -29.77
N SER C 727 -2.69 27.51 -30.03
CA SER C 727 -1.40 28.18 -30.20
C SER C 727 -0.72 28.27 -28.85
N ALA C 728 0.62 28.33 -28.87
CA ALA C 728 1.40 28.36 -27.63
C ALA C 728 1.11 29.60 -26.78
N ALA C 729 0.77 30.71 -27.44
CA ALA C 729 0.42 31.93 -26.72
C ALA C 729 -0.85 31.72 -25.90
N MET C 730 -1.89 31.20 -26.52
CA MET C 730 -3.14 30.91 -25.81
C MET C 730 -2.97 29.70 -24.88
N ALA C 731 -2.01 28.83 -25.20
CA ALA C 731 -1.72 27.67 -24.37
C ALA C 731 -1.10 28.09 -23.03
N MET C 732 -0.29 29.15 -23.06
CA MET C 732 0.41 29.60 -21.85
C MET C 732 -0.28 30.78 -21.18
N PHE C 733 -1.06 31.54 -21.94
CA PHE C 733 -1.71 32.74 -21.40
C PHE C 733 -3.18 32.88 -21.81
N GLY C 734 -3.88 31.75 -21.88
CA GLY C 734 -5.30 31.77 -22.23
C GLY C 734 -6.15 32.38 -21.15
N LYS C 735 -6.05 31.84 -19.94
CA LYS C 735 -6.85 32.29 -18.81
C LYS C 735 -6.47 33.70 -18.38
N GLN C 736 -5.29 34.15 -18.81
CA GLN C 736 -4.75 35.43 -18.37
C GLN C 736 -5.04 36.56 -19.35
N ALA C 737 -5.51 36.20 -20.54
CA ALA C 737 -5.77 37.20 -21.57
C ALA C 737 -7.24 37.57 -21.63
N ALA C 738 -7.54 38.65 -22.35
CA ALA C 738 -8.91 39.02 -22.62
C ALA C 738 -9.33 38.42 -23.96
N SER C 739 -8.58 38.74 -25.00
CA SER C 739 -8.83 38.21 -26.33
C SER C 739 -7.62 37.45 -26.88
N GLU C 740 -7.49 37.42 -28.21
CA GLU C 740 -6.41 36.67 -28.85
C GLU C 740 -5.15 37.49 -29.07
N ALA C 741 -5.32 38.69 -29.62
CA ALA C 741 -4.18 39.56 -29.95
C ALA C 741 -3.26 39.79 -28.76
N HIS C 742 -3.85 40.14 -27.61
CA HIS C 742 -3.07 40.34 -26.39
C HIS C 742 -2.83 39.04 -25.64
N ALA C 743 -2.39 38.02 -26.38
CA ALA C 743 -1.95 36.76 -25.80
C ALA C 743 -0.57 36.43 -26.33
N GLU C 744 -0.37 36.66 -27.62
CA GLU C 744 0.97 36.57 -28.20
C GLU C 744 1.81 37.71 -27.66
N GLU C 745 1.16 38.78 -27.23
CA GLU C 745 1.82 39.86 -26.54
C GLU C 745 2.50 39.33 -25.29
N LEU C 746 1.76 38.54 -24.52
CA LEU C 746 2.25 38.02 -23.25
C LEU C 746 3.41 37.04 -23.42
N LEU C 747 3.32 36.20 -24.46
CA LEU C 747 4.38 35.23 -24.72
C LEU C 747 5.65 35.95 -25.13
N ALA C 748 5.50 37.01 -25.92
CA ALA C 748 6.62 37.83 -26.35
C ALA C 748 7.29 38.47 -25.14
N ARG C 749 6.49 38.98 -24.22
CA ARG C 749 7.01 39.55 -22.99
C ARG C 749 7.79 38.51 -22.21
N PHE C 750 7.22 37.32 -22.07
CA PHE C 750 7.85 36.26 -21.30
C PHE C 750 9.24 35.90 -21.82
N LEU C 751 9.33 35.68 -23.13
CA LEU C 751 10.60 35.30 -23.74
C LEU C 751 11.61 36.44 -23.67
N LYS C 752 11.16 37.67 -23.91
CA LYS C 752 12.03 38.84 -23.80
C LYS C 752 12.54 39.04 -22.37
N ASP C 753 11.63 38.98 -21.40
CA ASP C 753 11.99 39.18 -20.00
C ASP C 753 12.98 38.11 -19.54
N MET C 754 12.68 36.85 -19.85
CA MET C 754 13.55 35.76 -19.44
C MET C 754 14.95 35.90 -20.05
N GLU C 755 15.03 36.28 -21.31
CA GLU C 755 16.32 36.47 -21.96
C GLU C 755 17.09 37.64 -21.35
N THR C 756 16.41 38.76 -21.15
CA THR C 756 17.02 39.95 -20.58
C THR C 756 17.58 39.69 -19.19
N LEU C 757 16.79 39.06 -18.35
CA LEU C 757 17.12 38.89 -16.94
C LEU C 757 18.12 37.78 -16.68
N THR C 758 18.32 36.90 -17.65
CA THR C 758 19.29 35.82 -17.50
C THR C 758 20.60 36.11 -18.24
N SER C 759 20.55 36.97 -19.24
CA SER C 759 21.74 37.27 -20.02
C SER C 759 22.53 38.43 -19.43
N THR C 760 21.86 39.26 -18.64
CA THR C 760 22.48 40.44 -18.05
C THR C 760 22.11 40.57 -16.57
N VAL C 761 23.08 40.92 -15.74
CA VAL C 761 22.83 41.14 -14.33
C VAL C 761 23.38 42.49 -13.87
N PRO C 762 22.73 43.09 -12.86
CA PRO C 762 23.27 44.31 -12.26
C PRO C 762 24.33 43.99 -11.22
N VAL C 763 25.38 44.81 -11.19
CA VAL C 763 26.40 44.68 -10.16
C VAL C 763 26.58 46.05 -9.53
N LYS C 764 26.80 46.09 -8.22
CA LYS C 764 27.04 47.35 -7.55
C LYS C 764 28.52 47.68 -7.60
N ARG C 765 28.86 48.74 -8.30
CA ARG C 765 30.25 49.09 -8.56
C ARG C 765 30.56 50.52 -8.13
N LYS C 766 31.16 50.66 -6.94
CA LYS C 766 31.51 51.95 -6.38
C LYS C 766 30.27 52.83 -6.16
N GLY C 767 29.23 52.22 -5.61
CA GLY C 767 28.00 52.95 -5.28
C GLY C 767 27.04 53.11 -6.45
N VAL C 768 27.46 52.67 -7.63
CA VAL C 768 26.66 52.80 -8.84
C VAL C 768 26.28 51.44 -9.39
N LEU C 769 25.05 51.31 -9.87
CA LEU C 769 24.63 50.09 -10.54
C LEU C 769 25.15 50.06 -11.98
N GLU C 770 25.76 48.94 -12.35
CA GLU C 770 26.30 48.74 -13.70
C GLU C 770 25.85 47.37 -14.20
N LEU C 771 25.61 47.26 -15.51
CA LEU C 771 25.19 45.97 -16.07
C LEU C 771 26.35 45.14 -16.61
N GLN C 772 26.32 43.84 -16.30
CA GLN C 772 27.32 42.88 -16.73
C GLN C 772 26.64 41.69 -17.39
N SER C 773 27.27 41.16 -18.45
CA SER C 773 26.73 39.96 -19.11
C SER C 773 26.96 38.73 -18.25
N THR C 774 26.15 37.71 -18.46
CA THR C 774 26.35 36.41 -17.84
C THR C 774 26.83 35.43 -18.89
N GLY C 775 26.41 35.67 -20.12
CA GLY C 775 26.75 34.82 -21.24
C GLY C 775 26.04 33.48 -21.19
N THR C 776 24.94 33.42 -20.46
CA THR C 776 24.19 32.18 -20.30
C THR C 776 22.68 32.41 -20.37
N GLY C 777 22.26 33.34 -21.24
CA GLY C 777 20.87 33.71 -21.36
C GLY C 777 19.93 32.58 -21.75
N ALA C 778 18.64 32.80 -21.55
CA ALA C 778 17.62 31.81 -21.90
C ALA C 778 17.42 31.74 -23.41
N LYS C 779 17.59 30.55 -23.97
CA LYS C 779 17.51 30.35 -25.42
C LYS C 779 16.92 28.98 -25.75
N GLY C 780 16.28 28.87 -26.91
CA GLY C 780 15.74 27.61 -27.37
C GLY C 780 14.25 27.44 -27.09
N LYS C 781 13.63 26.50 -27.79
CA LYS C 781 12.20 26.25 -27.64
C LYS C 781 11.89 25.61 -26.28
N ILE C 782 10.76 25.99 -25.70
CA ILE C 782 10.35 25.48 -24.41
C ILE C 782 9.78 24.07 -24.51
N ASN C 783 10.26 23.17 -23.66
CA ASN C 783 9.61 21.89 -23.46
C ASN C 783 8.90 21.90 -22.12
N PRO C 784 7.58 22.16 -22.14
CA PRO C 784 6.77 22.44 -20.93
C PRO C 784 6.90 21.36 -19.87
N LYS C 785 7.10 20.12 -20.28
CA LYS C 785 7.18 19.02 -19.33
C LYS C 785 8.50 19.00 -18.56
N THR C 786 9.60 19.33 -19.23
CA THR C 786 10.91 19.22 -18.61
C THR C 786 11.48 20.57 -18.19
N TYR C 787 10.84 21.64 -18.65
CA TYR C 787 11.31 23.01 -18.42
C TYR C 787 11.78 23.26 -17.00
N THR C 788 13.00 23.78 -16.88
CA THR C 788 13.63 23.99 -15.59
C THR C 788 14.62 25.13 -15.67
N ILE C 789 14.42 26.14 -14.82
CA ILE C 789 15.38 27.23 -14.71
C ILE C 789 16.51 26.79 -13.80
N LYS C 790 17.67 26.52 -14.39
CA LYS C 790 18.78 25.92 -13.64
C LYS C 790 19.76 26.96 -13.09
N GLY C 791 20.72 26.45 -12.32
CA GLY C 791 21.68 27.25 -11.56
C GLY C 791 22.04 28.64 -12.01
N GLU C 792 22.86 28.74 -13.05
CA GLU C 792 23.37 30.01 -13.54
C GLU C 792 22.25 31.01 -13.82
N GLN C 793 21.17 30.51 -14.39
CA GLN C 793 20.03 31.36 -14.73
C GLN C 793 19.28 31.83 -13.50
N LEU C 794 19.19 30.96 -12.48
CA LEU C 794 18.56 31.32 -11.22
C LEU C 794 19.36 32.41 -10.50
N LYS C 795 20.68 32.30 -10.55
CA LYS C 795 21.55 33.29 -9.93
C LYS C 795 21.32 34.65 -10.56
N ALA C 796 21.11 34.66 -11.87
CA ALA C 796 20.94 35.88 -12.62
C ALA C 796 19.61 36.57 -12.28
N LEU C 797 18.54 35.79 -12.21
CA LEU C 797 17.24 36.31 -11.79
C LEU C 797 17.35 36.91 -10.40
N GLN C 798 18.09 36.21 -9.53
CA GLN C 798 18.33 36.64 -8.15
C GLN C 798 19.01 37.99 -8.08
N GLU C 799 20.04 38.16 -8.90
CA GLU C 799 20.82 39.39 -8.85
C GLU C 799 20.01 40.57 -9.34
N ASN C 800 19.24 40.36 -10.40
CA ASN C 800 18.31 41.37 -10.89
C ASN C 800 17.26 41.71 -9.83
N MET C 801 16.70 40.68 -9.21
CA MET C 801 15.69 40.86 -8.17
C MET C 801 16.29 41.61 -6.98
N LEU C 802 17.53 41.26 -6.63
CA LEU C 802 18.22 41.90 -5.52
C LEU C 802 18.34 43.41 -5.69
N HIS C 803 18.97 43.84 -6.79
CA HIS C 803 19.28 45.25 -6.94
C HIS C 803 18.13 46.12 -7.42
N PHE C 804 17.18 45.53 -8.15
CA PHE C 804 16.12 46.34 -8.74
C PHE C 804 14.79 46.27 -7.97
N PHE C 805 14.71 45.41 -6.96
CA PHE C 805 13.44 45.26 -6.23
C PHE C 805 13.64 45.13 -4.73
N VAL C 806 14.49 44.20 -4.31
CA VAL C 806 14.69 43.93 -2.89
C VAL C 806 15.36 45.08 -2.15
N GLU C 807 16.41 45.65 -2.73
CA GLU C 807 17.07 46.80 -2.11
C GLU C 807 16.15 48.03 -1.94
N PRO C 808 15.35 48.35 -2.97
CA PRO C 808 14.32 49.36 -2.73
C PRO C 808 13.35 48.97 -1.61
N LEU C 809 13.01 47.68 -1.52
CA LEU C 809 12.08 47.21 -0.51
C LEU C 809 12.67 47.37 0.90
N ARG C 810 13.96 47.07 1.04
CA ARG C 810 14.65 47.19 2.33
C ARG C 810 14.68 48.64 2.79
N ASN C 811 14.92 49.55 1.83
CA ASN C 811 14.87 50.98 2.11
C ASN C 811 13.50 51.39 2.61
N GLY C 812 12.46 50.89 1.95
CA GLY C 812 11.08 51.16 2.34
C GLY C 812 10.74 50.59 3.71
N ILE C 813 11.22 49.38 3.99
CA ILE C 813 11.03 48.76 5.29
C ILE C 813 11.67 49.59 6.42
N THR C 814 12.93 49.99 6.21
CA THR C 814 13.67 50.78 7.18
C THR C 814 12.96 52.11 7.48
N GLN C 815 12.40 52.71 6.44
CA GLN C 815 11.67 53.96 6.57
C GLN C 815 10.37 53.76 7.35
N THR C 816 9.78 52.59 7.20
CA THR C 816 8.52 52.28 7.85
C THR C 816 8.69 51.93 9.33
N VAL C 817 9.63 51.04 9.64
CA VAL C 817 9.82 50.61 11.02
C VAL C 817 10.72 51.57 11.79
N GLY C 818 11.47 52.39 11.06
CA GLY C 818 12.29 53.42 11.69
C GLY C 818 13.77 53.07 11.77
N GLU C 819 14.62 54.06 11.52
CA GLU C 819 16.07 53.85 11.58
C GLU C 819 16.54 53.56 12.99
N SER C 820 15.83 54.08 13.99
CA SER C 820 16.19 53.85 15.37
C SER C 820 16.11 52.38 15.73
N LEU C 821 15.03 51.72 15.31
CA LEU C 821 14.87 50.28 15.52
C LEU C 821 15.99 49.50 14.83
N VAL C 822 16.29 49.86 13.59
CA VAL C 822 17.34 49.18 12.83
C VAL C 822 18.67 49.32 13.55
N TYR C 823 18.96 50.52 14.02
CA TYR C 823 20.18 50.75 14.81
C TYR C 823 20.22 49.84 16.04
N SER C 824 19.12 49.76 16.79
CA SER C 824 19.05 48.89 17.96
C SER C 824 19.34 47.43 17.63
N THR C 825 18.72 46.92 16.58
CA THR C 825 18.91 45.53 16.20
C THR C 825 20.36 45.29 15.79
N GLU C 826 21.00 46.28 15.18
CA GLU C 826 22.39 46.12 14.77
C GLU C 826 23.33 45.98 15.97
N GLN C 827 23.10 46.81 17.00
CA GLN C 827 23.90 46.75 18.22
C GLN C 827 23.64 45.46 19.00
N LEU C 828 22.37 45.08 19.08
CA LEU C 828 21.96 43.81 19.68
C LEU C 828 22.65 42.63 19.00
N GLN C 829 22.68 42.65 17.67
CA GLN C 829 23.30 41.58 16.89
C GLN C 829 24.81 41.53 17.12
N LYS C 830 25.47 42.69 17.04
CA LYS C 830 26.90 42.76 17.29
C LYS C 830 27.28 42.25 18.68
N ALA C 831 26.58 42.71 19.70
CA ALA C 831 26.91 42.35 21.08
C ALA C 831 26.82 40.85 21.29
N THR C 832 25.70 40.27 20.85
CA THR C 832 25.48 38.84 21.05
C THR C 832 26.39 37.99 20.19
N GLN C 833 26.70 38.45 18.99
CA GLN C 833 27.66 37.76 18.14
C GLN C 833 29.05 37.78 18.74
N ILE C 834 29.50 38.97 19.14
CA ILE C 834 30.82 39.12 19.77
C ILE C 834 30.95 38.19 20.96
N GLN C 835 29.94 38.20 21.82
CA GLN C 835 29.93 37.36 23.01
C GLN C 835 29.95 35.88 22.63
N SER C 836 29.17 35.51 21.62
CA SER C 836 29.11 34.12 21.21
C SER C 836 30.46 33.64 20.67
N VAL C 837 31.17 34.53 19.97
CA VAL C 837 32.50 34.21 19.47
C VAL C 837 33.44 33.82 20.61
N VAL C 838 33.42 34.61 21.68
CA VAL C 838 34.28 34.35 22.82
C VAL C 838 33.90 33.06 23.53
N LEU C 839 32.61 32.87 23.79
CA LEU C 839 32.13 31.64 24.43
C LEU C 839 32.55 30.41 23.65
N GLU C 840 32.32 30.42 22.35
CA GLU C 840 32.73 29.33 21.48
C GLU C 840 34.23 29.08 21.56
N ASP C 841 35.02 30.14 21.47
CA ASP C 841 36.48 29.98 21.49
C ASP C 841 36.98 29.46 22.83
N MET C 842 36.45 29.98 23.93
CA MET C 842 36.90 29.58 25.26
C MET C 842 36.54 28.14 25.55
N PHE C 843 35.37 27.71 25.10
CA PHE C 843 34.93 26.34 25.27
C PHE C 843 35.89 25.41 24.54
N LYS C 844 36.20 25.73 23.29
CA LYS C 844 37.08 24.91 22.48
C LYS C 844 38.50 24.84 23.03
N GLN C 845 39.03 25.97 23.49
CA GLN C 845 40.35 25.98 24.09
C GLN C 845 40.38 25.12 25.36
N ARG C 846 39.32 25.18 26.16
CA ARG C 846 39.29 24.42 27.41
C ARG C 846 39.10 22.93 27.18
N VAL C 847 38.38 22.58 26.12
CA VAL C 847 38.26 21.19 25.71
C VAL C 847 39.61 20.65 25.27
N GLN C 848 40.33 21.40 24.45
CA GLN C 848 41.61 20.91 23.95
C GLN C 848 42.66 20.85 25.05
N GLU C 849 42.63 21.79 25.98
CA GLU C 849 43.49 21.72 27.17
C GLU C 849 43.22 20.45 27.96
N LYS C 850 41.94 20.12 28.14
CA LYS C 850 41.56 18.93 28.88
C LYS C 850 42.00 17.67 28.14
N LEU C 851 41.83 17.68 26.82
CA LEU C 851 42.24 16.54 25.99
C LEU C 851 43.75 16.34 26.00
N ALA C 852 44.49 17.43 26.22
CA ALA C 852 45.94 17.37 26.31
C ALA C 852 46.39 16.65 27.58
N GLU C 853 45.70 16.88 28.69
CA GLU C 853 46.06 16.19 29.92
C GLU C 853 45.53 14.76 29.98
N LYS C 854 44.49 14.46 29.20
CA LYS C 854 43.99 13.10 29.09
C LYS C 854 44.99 12.23 28.32
N ALA C 855 45.68 12.84 27.36
CA ALA C 855 46.72 12.16 26.60
C ALA C 855 47.80 11.59 27.53
N LYS C 856 47.99 12.25 28.67
CA LYS C 856 48.95 11.80 29.68
C LYS C 856 48.39 10.67 30.54
N ASP C 857 47.10 10.38 30.39
CA ASP C 857 46.43 9.34 31.15
C ASP C 857 46.51 8.01 30.40
N PRO C 858 47.19 7.02 30.98
CA PRO C 858 47.35 5.72 30.34
C PRO C 858 46.02 4.97 30.13
N THR C 859 45.03 5.25 30.96
CA THR C 859 43.73 4.59 30.84
C THR C 859 42.90 5.19 29.70
N TRP C 860 43.23 6.42 29.33
CA TRP C 860 42.47 7.13 28.30
C TRP C 860 43.01 6.84 26.90
N LYS C 861 42.08 6.70 25.95
CA LYS C 861 42.43 6.49 24.56
C LYS C 861 41.81 7.58 23.71
N LYS C 862 42.54 8.07 22.71
CA LYS C 862 42.00 9.11 21.84
C LYS C 862 40.77 8.58 21.12
N GLY C 863 39.65 9.28 21.28
CA GLY C 863 38.37 8.79 20.81
C GLY C 863 37.37 8.68 21.94
N ASP C 864 37.87 8.51 23.17
CA ASP C 864 37.00 8.42 24.33
C ASP C 864 36.36 9.77 24.65
N PHE C 865 37.04 10.85 24.29
CA PHE C 865 36.60 12.22 24.59
C PHE C 865 36.47 12.44 26.10
N LEU C 866 35.72 13.47 26.50
CA LEU C 866 35.64 13.85 27.90
C LEU C 866 34.46 13.17 28.58
N THR C 867 34.46 13.18 29.92
CA THR C 867 33.31 12.70 30.68
C THR C 867 32.28 13.81 30.78
N GLN C 868 31.08 13.47 31.28
CA GLN C 868 30.06 14.51 31.48
C GLN C 868 30.46 15.49 32.58
N LYS C 869 31.10 15.00 33.63
CA LYS C 869 31.57 15.89 34.70
C LYS C 869 32.59 16.89 34.19
N GLU C 870 33.49 16.42 33.34
CA GLU C 870 34.48 17.29 32.72
C GLU C 870 33.83 18.33 31.79
N LEU C 871 32.84 17.90 31.01
CA LEU C 871 32.13 18.82 30.13
C LEU C 871 31.28 19.82 30.93
N ASN C 872 30.69 19.36 32.04
CA ASN C 872 29.91 20.23 32.91
C ASN C 872 30.79 21.31 33.53
N ASP C 873 32.01 20.92 33.91
CA ASP C 873 32.95 21.86 34.51
C ASP C 873 33.36 22.94 33.51
N ILE C 874 33.62 22.54 32.27
CA ILE C 874 33.96 23.49 31.21
C ILE C 874 32.81 24.45 30.94
N GLN C 875 31.59 23.91 30.86
CA GLN C 875 30.41 24.75 30.70
C GLN C 875 30.32 25.77 31.83
N ALA C 876 30.54 25.32 33.06
CA ALA C 876 30.45 26.18 34.24
C ALA C 876 31.51 27.28 34.23
N SER C 877 32.65 26.99 33.60
CA SER C 877 33.76 27.94 33.55
C SER C 877 33.42 29.15 32.69
N LEU C 878 32.35 29.05 31.90
CA LEU C 878 31.91 30.16 31.05
C LEU C 878 30.92 31.07 31.77
N ASN C 879 30.47 30.66 32.96
CA ASN C 879 29.47 31.43 33.69
C ASN C 879 29.85 32.90 33.95
N ASN C 880 31.14 33.15 34.20
CA ASN C 880 31.61 34.51 34.46
C ASN C 880 31.53 35.42 33.22
N LEU C 881 31.26 34.82 32.07
CA LEU C 881 31.07 35.57 30.83
C LEU C 881 29.59 35.83 30.55
N ALA C 882 28.73 35.39 31.46
CA ALA C 882 27.28 35.61 31.37
C ALA C 882 26.62 35.14 30.07
N PRO C 883 26.70 33.83 29.79
CA PRO C 883 26.13 33.34 28.53
C PRO C 883 24.61 33.38 28.52
N MET C 884 24.00 33.47 29.69
CA MET C 884 22.53 33.50 29.80
C MET C 884 21.99 34.91 29.92
N ILE C 885 20.99 35.22 29.10
CA ILE C 885 20.28 36.49 29.21
C ILE C 885 19.02 36.28 30.05
N GLU C 886 18.91 37.05 31.12
CA GLU C 886 17.80 36.91 32.06
C GLU C 886 16.88 38.11 31.98
N THR C 887 15.57 37.87 31.97
CA THR C 887 14.61 38.96 31.93
C THR C 887 13.86 39.09 33.26
N GLY C 888 13.99 38.09 34.11
CA GLY C 888 13.22 38.04 35.33
C GLY C 888 12.15 36.96 35.27
N SER C 889 11.69 36.65 34.06
CA SER C 889 10.67 35.63 33.88
C SER C 889 11.01 34.68 32.72
N GLN C 890 12.05 35.02 31.97
CA GLN C 890 12.49 34.19 30.85
C GLN C 890 14.00 34.08 30.85
N THR C 891 14.52 33.01 30.25
CA THR C 891 15.96 32.85 30.08
C THR C 891 16.29 32.46 28.65
N PHE C 892 17.29 33.14 28.08
CA PHE C 892 17.70 32.87 26.71
C PHE C 892 19.20 32.55 26.66
N TYR C 893 19.55 31.56 25.85
CA TYR C 893 20.93 31.16 25.67
C TYR C 893 21.20 31.20 24.17
N ILE C 894 21.50 32.40 23.67
CA ILE C 894 21.62 32.63 22.24
C ILE C 894 22.70 31.79 21.55
N ALA C 895 23.81 31.56 22.25
CA ALA C 895 24.94 30.83 21.65
C ALA C 895 24.78 29.32 21.69
N GLY C 896 23.86 28.84 22.52
CA GLY C 896 23.73 27.42 22.78
C GLY C 896 23.40 26.61 21.53
N SER C 897 24.13 25.53 21.32
CA SER C 897 23.88 24.66 20.18
C SER C 897 24.41 23.27 20.45
N GLU C 898 24.26 22.41 19.45
CA GLU C 898 24.88 21.09 19.49
C GLU C 898 25.61 20.89 18.17
N ASN C 899 26.93 20.83 18.21
CA ASN C 899 27.68 20.73 16.97
C ASN C 899 28.74 19.64 16.99
N ALA C 900 29.18 19.25 15.80
CA ALA C 900 30.18 18.20 15.63
C ALA C 900 31.58 18.78 15.59
N GLU C 901 31.67 20.10 15.69
CA GLU C 901 32.95 20.79 15.54
C GLU C 901 33.82 20.73 16.79
N VAL C 902 33.17 20.59 17.95
CA VAL C 902 33.88 20.52 19.22
C VAL C 902 34.76 19.27 19.35
N ALA C 903 34.19 18.10 19.08
CA ALA C 903 34.92 16.84 19.24
C ALA C 903 35.67 16.44 17.97
N ASN C 904 35.11 16.81 16.83
CA ASN C 904 35.71 16.51 15.53
C ASN C 904 36.11 15.04 15.40
N GLN C 905 35.17 14.14 15.62
CA GLN C 905 35.46 12.71 15.56
C GLN C 905 34.19 11.90 15.36
N VAL C 906 34.35 10.69 14.86
CA VAL C 906 33.22 9.78 14.72
C VAL C 906 32.84 9.25 16.10
N LEU C 907 31.55 9.21 16.40
CA LEU C 907 31.08 8.64 17.66
C LEU C 907 30.96 7.13 17.53
N ALA C 908 30.32 6.67 16.48
CA ALA C 908 30.15 5.24 16.26
C ALA C 908 29.84 4.97 14.80
N THR C 909 30.05 3.74 14.37
CA THR C 909 29.62 3.30 13.04
C THR C 909 28.87 1.99 13.21
N ASN C 910 28.21 1.52 12.16
CA ASN C 910 27.67 0.17 12.19
C ASN C 910 28.80 -0.85 11.98
N LEU C 911 28.46 -2.13 12.03
CA LEU C 911 29.46 -3.19 11.92
C LEU C 911 29.98 -3.38 10.50
N ASP C 912 29.46 -2.60 9.57
CA ASP C 912 29.97 -2.60 8.20
C ASP C 912 30.86 -1.41 7.90
N ASP C 913 31.30 -0.72 8.95
CA ASP C 913 32.12 0.49 8.80
C ASP C 913 31.38 1.58 8.02
N ARG C 914 30.06 1.58 8.10
CA ARG C 914 29.23 2.62 7.47
C ARG C 914 28.34 3.26 8.54
N MET C 915 27.43 4.13 8.11
CA MET C 915 26.59 4.86 9.04
C MET C 915 27.44 5.52 10.13
N ARG C 916 28.42 6.29 9.70
CA ARG C 916 29.36 6.90 10.63
C ARG C 916 28.76 8.16 11.23
N VAL C 917 28.33 8.03 12.49
CA VAL C 917 27.70 9.13 13.18
C VAL C 917 28.75 10.01 13.85
N PRO C 918 28.78 11.31 13.52
CA PRO C 918 29.72 12.21 14.19
C PRO C 918 29.37 12.41 15.66
N MET C 919 30.38 12.66 16.48
CA MET C 919 30.14 12.99 17.88
C MET C 919 29.70 14.44 18.01
N SER C 920 28.45 14.65 18.42
CA SER C 920 27.93 16.00 18.65
C SER C 920 27.88 16.31 20.13
N ILE C 921 28.22 17.54 20.48
CA ILE C 921 28.35 17.96 21.87
C ILE C 921 27.55 19.24 22.06
N TYR C 922 26.83 19.36 23.18
CA TYR C 922 26.18 20.62 23.52
C TYR C 922 27.25 21.65 23.90
N ALA C 923 27.28 22.76 23.16
CA ALA C 923 28.34 23.75 23.33
C ALA C 923 27.93 25.06 22.68
N PRO C 924 28.53 26.17 23.12
CA PRO C 924 28.23 27.45 22.48
C PRO C 924 28.84 27.51 21.09
N ALA C 925 28.10 28.08 20.14
CA ALA C 925 28.63 28.35 18.81
C ALA C 925 28.27 29.78 18.46
N GLN C 926 28.87 30.32 17.40
CA GLN C 926 28.60 31.71 17.00
C GLN C 926 27.10 31.94 16.78
N ALA C 927 26.63 33.10 17.20
CA ALA C 927 25.20 33.45 17.12
C ALA C 927 24.76 33.83 15.71
N GLY C 928 25.64 34.47 14.95
CA GLY C 928 25.24 35.07 13.69
C GLY C 928 24.26 36.19 13.98
N VAL C 929 23.08 36.13 13.38
CA VAL C 929 22.05 37.14 13.61
C VAL C 929 20.98 36.65 14.57
N ALA C 930 21.17 35.47 15.14
CA ALA C 930 20.15 34.82 15.98
C ALA C 930 19.66 35.67 17.14
N GLY C 931 20.51 36.58 17.60
CA GLY C 931 20.16 37.45 18.71
C GLY C 931 18.89 38.26 18.49
N ILE C 932 18.68 38.73 17.26
CA ILE C 932 17.50 39.53 16.97
C ILE C 932 16.20 38.73 17.14
N PRO C 933 16.02 37.64 16.38
CA PRO C 933 14.75 36.91 16.56
C PRO C 933 14.61 36.30 17.95
N PHE C 934 15.70 35.84 18.56
CA PHE C 934 15.64 35.31 19.92
C PHE C 934 14.97 36.31 20.86
N MET C 935 15.53 37.51 20.96
CA MET C 935 14.99 38.54 21.84
C MET C 935 13.64 39.10 21.38
N THR C 936 13.46 39.26 20.08
CA THR C 936 12.22 39.84 19.55
C THR C 936 11.03 38.90 19.68
N ILE C 937 11.21 37.66 19.24
CA ILE C 937 10.19 36.65 19.44
C ILE C 937 10.01 36.36 20.93
N GLY C 938 11.14 36.21 21.62
CA GLY C 938 11.14 35.87 23.02
C GLY C 938 10.43 36.87 23.91
N THR C 939 10.87 38.12 23.89
CA THR C 939 10.27 39.14 24.76
C THR C 939 9.01 39.74 24.16
N GLY C 940 8.73 39.41 22.91
CA GLY C 940 7.51 39.83 22.25
C GLY C 940 6.38 38.84 22.45
N ASP C 941 6.07 38.05 21.43
CA ASP C 941 4.94 37.13 21.53
C ASP C 941 5.17 36.04 22.58
N GLY C 942 6.43 35.72 22.84
CA GLY C 942 6.75 34.70 23.82
C GLY C 942 6.31 35.11 25.21
N MET C 943 6.74 36.31 25.62
CA MET C 943 6.36 36.85 26.90
C MET C 943 4.84 37.08 26.99
N MET C 944 4.24 37.51 25.89
CA MET C 944 2.79 37.74 25.87
C MET C 944 2.02 36.46 26.18
N MET C 945 2.34 35.38 25.49
CA MET C 945 1.61 34.14 25.66
C MET C 945 1.82 33.54 27.04
N GLN C 946 3.06 33.64 27.54
CA GLN C 946 3.42 33.16 28.86
C GLN C 946 2.66 33.94 29.94
N THR C 947 2.57 35.25 29.74
CA THR C 947 1.83 36.13 30.63
C THR C 947 0.35 35.79 30.58
N LEU C 948 -0.15 35.60 29.36
CA LEU C 948 -1.55 35.29 29.12
C LEU C 948 -1.98 33.98 29.78
N SER C 949 -1.07 33.02 29.88
CA SER C 949 -1.36 31.74 30.52
C SER C 949 -1.34 31.82 32.05
N THR C 950 -0.65 32.81 32.59
CA THR C 950 -0.39 32.85 34.04
C THR C 950 -1.00 34.05 34.76
N MET C 951 -1.37 35.08 34.01
CA MET C 951 -1.86 36.32 34.60
C MET C 951 -3.12 36.12 35.42
N LYS C 952 -3.42 37.10 36.27
CA LYS C 952 -4.69 37.10 36.99
C LYS C 952 -5.84 37.06 35.99
N GLY C 953 -6.75 36.10 36.15
CA GLY C 953 -7.88 35.98 35.25
C GLY C 953 -7.49 35.48 33.87
N ALA C 954 -6.44 34.67 33.82
CA ALA C 954 -5.99 34.08 32.57
C ALA C 954 -7.13 33.32 31.89
N PRO C 955 -7.34 33.59 30.59
CA PRO C 955 -8.41 32.92 29.85
C PRO C 955 -8.13 31.43 29.77
N LYS C 956 -9.15 30.62 30.00
CA LYS C 956 -8.97 29.17 29.90
C LYS C 956 -9.68 28.63 28.67
N ASN C 957 -9.42 27.38 28.34
CA ASN C 957 -10.04 26.72 27.20
C ASN C 957 -9.73 27.41 25.87
N THR C 958 -8.48 27.85 25.72
CA THR C 958 -8.04 28.48 24.48
C THR C 958 -7.00 27.62 23.78
N LEU C 959 -6.70 27.95 22.53
CA LEU C 959 -5.57 27.35 21.84
C LEU C 959 -4.64 28.47 21.42
N LYS C 960 -3.42 28.48 21.96
CA LYS C 960 -2.46 29.53 21.67
C LYS C 960 -1.53 29.11 20.53
N ILE C 961 -1.44 29.96 19.51
CA ILE C 961 -0.60 29.67 18.36
C ILE C 961 0.37 30.83 18.17
N PHE C 962 1.13 31.12 19.23
CA PHE C 962 2.25 32.06 19.18
C PHE C 962 1.83 33.54 19.14
N ASP C 963 1.27 34.02 18.04
CA ASP C 963 0.81 35.40 18.01
C ASP C 963 -0.70 35.51 17.83
N GLY C 964 -1.38 34.38 17.93
CA GLY C 964 -2.83 34.35 17.88
C GLY C 964 -3.40 33.37 18.89
N MET C 965 -4.64 33.61 19.32
CA MET C 965 -5.28 32.75 20.32
C MET C 965 -6.74 32.49 19.97
N ASN C 966 -7.10 31.21 19.83
CA ASN C 966 -8.49 30.82 19.56
C ASN C 966 -9.31 30.83 20.84
N ILE C 967 -10.44 31.54 20.81
CA ILE C 967 -11.27 31.76 21.99
C ILE C 967 -12.69 31.29 21.74
N GLY C 968 -13.27 30.59 22.71
CA GLY C 968 -14.67 30.17 22.65
C GLY C 968 -15.60 31.37 22.59
N LEU C 969 -16.79 31.21 22.00
CA LEU C 969 -17.63 32.36 21.67
C LEU C 969 -18.26 33.08 22.86
N ASN C 970 -18.36 32.40 24.01
CA ASN C 970 -18.85 33.05 25.21
C ASN C 970 -17.83 33.99 25.86
N ASP C 971 -16.56 33.85 25.48
CA ASP C 971 -15.49 34.56 26.20
C ASP C 971 -14.66 35.49 25.32
N ILE C 972 -15.14 35.77 24.10
CA ILE C 972 -14.34 36.54 23.14
C ILE C 972 -13.95 37.93 23.65
N THR C 973 -14.87 38.61 24.32
CA THR C 973 -14.59 39.97 24.80
C THR C 973 -13.55 39.96 25.92
N ASP C 974 -13.81 39.19 26.97
CA ASP C 974 -12.94 39.19 28.14
C ASP C 974 -11.55 38.62 27.85
N ALA C 975 -11.50 37.55 27.07
CA ALA C 975 -10.23 36.93 26.72
C ALA C 975 -9.39 37.82 25.80
N SER C 976 -10.05 38.56 24.92
CA SER C 976 -9.34 39.49 24.04
C SER C 976 -8.76 40.67 24.82
N ARG C 977 -9.51 41.15 25.81
CA ARG C 977 -9.02 42.24 26.63
C ARG C 977 -7.82 41.78 27.45
N LYS C 978 -7.85 40.54 27.92
CA LYS C 978 -6.72 39.97 28.64
C LYS C 978 -5.50 39.82 27.73
N ALA C 979 -5.74 39.39 26.49
CA ALA C 979 -4.66 39.25 25.51
C ALA C 979 -3.99 40.60 25.28
N ASN C 980 -4.81 41.64 25.14
CA ASN C 980 -4.27 42.98 24.96
C ASN C 980 -3.58 43.49 26.22
N GLU C 981 -4.05 43.06 27.38
CA GLU C 981 -3.35 43.39 28.63
C GLU C 981 -1.99 42.71 28.66
N ALA C 982 -1.93 41.47 28.19
CA ALA C 982 -0.68 40.71 28.18
C ALA C 982 0.30 41.33 27.20
N VAL C 983 -0.24 41.86 26.10
CA VAL C 983 0.61 42.59 25.15
C VAL C 983 1.25 43.78 25.84
N TYR C 984 0.45 44.56 26.55
CA TYR C 984 0.95 45.73 27.25
C TYR C 984 2.01 45.37 28.29
N THR C 985 1.78 44.27 29.01
CA THR C 985 2.75 43.77 29.97
C THR C 985 4.07 43.46 29.27
N SER C 986 3.99 42.77 28.13
CA SER C 986 5.20 42.44 27.39
C SER C 986 5.90 43.71 26.94
N TRP C 987 5.13 44.76 26.67
CA TRP C 987 5.69 46.01 26.17
C TRP C 987 6.36 46.85 27.25
N GLN C 988 6.36 46.34 28.49
CA GLN C 988 7.10 46.96 29.57
C GLN C 988 8.51 46.40 29.59
N GLY C 989 8.74 45.39 28.76
CA GLY C 989 10.03 44.73 28.70
C GLY C 989 11.11 45.59 28.10
N ASN C 990 12.35 45.15 28.21
CA ASN C 990 13.47 45.91 27.70
C ASN C 990 14.60 44.94 27.36
N PRO C 991 14.46 44.24 26.23
CA PRO C 991 15.42 43.21 25.82
C PRO C 991 16.84 43.75 25.64
N ILE C 992 16.96 44.98 25.16
CA ILE C 992 18.29 45.59 25.01
C ILE C 992 18.95 45.76 26.37
N LYS C 993 18.17 46.14 27.38
CA LYS C 993 18.70 46.22 28.75
C LYS C 993 19.16 44.84 29.22
N ASN C 994 18.38 43.81 28.92
CA ASN C 994 18.75 42.45 29.32
C ASN C 994 20.06 42.03 28.67
N VAL C 995 20.19 42.37 27.38
CA VAL C 995 21.40 42.05 26.63
C VAL C 995 22.58 42.86 27.16
N TYR C 996 22.33 44.14 27.45
CA TYR C 996 23.34 45.01 28.03
C TYR C 996 23.90 44.44 29.34
N GLU C 997 23.00 44.00 30.22
CA GLU C 997 23.41 43.45 31.52
C GLU C 997 24.37 42.26 31.36
N SER C 998 24.06 41.37 30.42
CA SER C 998 24.90 40.23 30.12
C SER C 998 26.22 40.66 29.49
N TYR C 999 26.13 41.54 28.50
CA TYR C 999 27.30 42.01 27.78
C TYR C 999 28.26 42.79 28.69
N ALA C 1000 27.69 43.55 29.63
CA ALA C 1000 28.50 44.32 30.58
C ALA C 1000 29.32 43.38 31.47
N LYS C 1001 28.68 42.33 31.98
CA LYS C 1001 29.38 41.33 32.76
C LYS C 1001 30.44 40.67 31.90
N PHE C 1002 30.07 40.32 30.67
CA PHE C 1002 31.00 39.74 29.72
C PHE C 1002 32.28 40.58 29.54
N MET C 1003 32.13 41.89 29.37
CA MET C 1003 33.28 42.77 29.17
C MET C 1003 34.20 42.84 30.39
N LYS C 1004 33.67 42.45 31.54
CA LYS C 1004 34.43 42.46 32.79
C LYS C 1004 35.22 41.16 32.97
N ASN C 1005 34.93 40.16 32.17
CA ASN C 1005 35.57 38.87 32.38
C ASN C 1005 36.28 38.31 31.17
N VAL C 1006 36.09 38.98 30.04
CA VAL C 1006 36.70 38.54 28.80
C VAL C 1006 38.22 38.80 28.84
N ASP C 1007 38.97 37.84 28.34
CA ASP C 1007 40.42 37.99 28.21
C ASP C 1007 40.70 37.93 26.72
N PHE C 1008 40.83 39.10 26.09
CA PHE C 1008 41.02 39.16 24.64
C PHE C 1008 42.36 38.56 24.24
N SER C 1009 43.34 38.66 25.12
CA SER C 1009 44.68 38.18 24.84
C SER C 1009 44.74 36.65 24.83
N LYS C 1010 43.66 36.01 25.27
CA LYS C 1010 43.61 34.55 25.31
C LYS C 1010 43.01 33.98 24.03
N LEU C 1011 42.29 34.81 23.30
CA LEU C 1011 41.53 34.34 22.15
C LEU C 1011 42.44 33.93 21.00
N SER C 1012 41.98 32.97 20.20
CA SER C 1012 42.68 32.57 19.00
C SER C 1012 42.58 33.68 17.96
N PRO C 1013 43.50 33.70 16.99
CA PRO C 1013 43.46 34.71 15.92
C PRO C 1013 42.14 34.69 15.14
N GLU C 1014 41.57 33.51 14.92
CA GLU C 1014 40.31 33.40 14.20
C GLU C 1014 39.17 34.03 14.99
N ALA C 1015 39.26 33.97 16.31
CA ALA C 1015 38.25 34.57 17.17
C ALA C 1015 38.38 36.09 17.20
N LEU C 1016 39.61 36.60 17.29
CA LEU C 1016 39.85 38.03 17.19
C LEU C 1016 39.32 38.60 15.87
N GLU C 1017 39.62 37.91 14.78
CA GLU C 1017 39.13 38.29 13.46
C GLU C 1017 37.61 38.43 13.46
N ALA C 1018 36.92 37.43 13.99
CA ALA C 1018 35.46 37.40 13.99
C ALA C 1018 34.88 38.56 14.79
N ILE C 1019 35.53 38.92 15.89
CA ILE C 1019 35.08 40.03 16.72
C ILE C 1019 35.31 41.36 16.00
N GLY C 1020 36.43 41.45 15.28
CA GLY C 1020 36.73 42.62 14.49
C GLY C 1020 35.70 42.88 13.41
N LYS C 1021 35.18 41.82 12.79
CA LYS C 1021 34.15 41.95 11.77
C LYS C 1021 32.85 42.56 12.33
N SER C 1022 32.59 42.33 13.60
CA SER C 1022 31.39 42.87 14.24
C SER C 1022 31.64 44.25 14.86
N ALA C 1023 32.82 44.41 15.46
CA ALA C 1023 33.12 45.61 16.24
C ALA C 1023 33.75 46.74 15.43
N LEU C 1024 34.46 46.39 14.36
CA LEU C 1024 35.19 47.37 13.55
C LEU C 1024 34.63 47.46 12.14
N GLU C 1025 34.86 48.59 11.48
CA GLU C 1025 34.46 48.74 10.09
C GLU C 1025 35.52 48.11 9.19
N TYR C 1026 35.13 47.84 7.95
CA TYR C 1026 35.97 47.19 6.95
C TYR C 1026 37.40 47.72 6.95
N ASP C 1027 37.54 49.04 6.78
CA ASP C 1027 38.84 49.67 6.57
C ASP C 1027 39.87 49.38 7.68
N GLN C 1028 39.40 49.23 8.91
CA GLN C 1028 40.33 49.11 10.04
C GLN C 1028 40.36 47.74 10.70
N ARG C 1029 39.98 46.70 9.96
CA ARG C 1029 40.05 45.34 10.47
C ARG C 1029 41.44 44.76 10.23
N GLU C 1030 41.97 44.97 9.03
CA GLU C 1030 43.34 44.60 8.76
C GLU C 1030 44.28 45.47 9.60
N ASN C 1031 45.25 44.84 10.24
CA ASN C 1031 46.20 45.54 11.11
C ASN C 1031 45.59 46.07 12.42
N ALA C 1032 44.38 45.62 12.72
CA ALA C 1032 43.77 45.95 14.01
C ALA C 1032 44.51 45.19 15.09
N THR C 1033 44.81 45.86 16.19
CA THR C 1033 45.48 45.21 17.32
C THR C 1033 44.46 44.63 18.27
N VAL C 1034 44.91 43.78 19.18
CA VAL C 1034 44.05 43.25 20.22
C VAL C 1034 43.41 44.37 21.03
N ASP C 1035 44.20 45.41 21.32
CA ASP C 1035 43.67 46.58 22.03
C ASP C 1035 42.62 47.32 21.19
N ASP C 1036 42.86 47.45 19.89
CA ASP C 1036 41.87 48.06 19.00
C ASP C 1036 40.55 47.33 19.06
N ILE C 1037 40.61 46.02 18.96
CA ILE C 1037 39.40 45.20 18.94
C ILE C 1037 38.68 45.27 20.29
N ALA C 1038 39.45 45.30 21.38
CA ALA C 1038 38.87 45.40 22.71
C ALA C 1038 38.12 46.69 22.92
N ASN C 1039 38.73 47.80 22.53
CA ASN C 1039 38.11 49.12 22.65
C ASN C 1039 36.84 49.21 21.81
N ALA C 1040 36.88 48.60 20.63
CA ALA C 1040 35.71 48.54 19.75
C ALA C 1040 34.58 47.76 20.42
N ALA C 1041 34.91 46.60 20.97
CA ALA C 1041 33.93 45.79 21.68
C ALA C 1041 33.37 46.56 22.88
N SER C 1042 34.24 47.29 23.56
CA SER C 1042 33.87 48.06 24.74
C SER C 1042 32.88 49.18 24.42
N LEU C 1043 33.05 49.79 23.25
CA LEU C 1043 32.19 50.89 22.81
C LEU C 1043 30.77 50.39 22.55
N ILE C 1044 30.65 49.15 22.11
CA ILE C 1044 29.34 48.55 21.88
C ILE C 1044 28.55 48.47 23.19
N GLU C 1045 29.26 48.26 24.29
CA GLU C 1045 28.59 48.27 25.59
C GLU C 1045 27.95 49.63 25.87
N ARG C 1046 28.66 50.70 25.52
CA ARG C 1046 28.14 52.04 25.74
C ARG C 1046 26.93 52.29 24.85
N ASN C 1047 27.01 51.83 23.60
CA ASN C 1047 25.90 51.93 22.68
C ASN C 1047 24.65 51.27 23.24
N LEU C 1048 24.82 50.04 23.72
CA LEU C 1048 23.72 49.28 24.32
C LEU C 1048 23.14 49.98 25.54
N ARG C 1049 24.00 50.54 26.37
CA ARG C 1049 23.56 51.18 27.60
C ARG C 1049 22.62 52.36 27.33
N ASN C 1050 22.93 53.12 26.28
CA ASN C 1050 22.13 54.31 25.97
C ASN C 1050 20.79 53.96 25.32
N ILE C 1051 20.79 52.94 24.46
CA ILE C 1051 19.55 52.45 23.89
C ILE C 1051 18.65 51.97 25.02
N ALA C 1052 19.22 51.19 25.92
CA ALA C 1052 18.48 50.61 27.02
C ALA C 1052 17.82 51.68 27.90
N LEU C 1053 18.59 52.69 28.26
CA LEU C 1053 18.06 53.80 29.04
C LEU C 1053 16.93 54.49 28.28
N GLY C 1054 17.14 54.71 26.99
CA GLY C 1054 16.13 55.30 26.14
C GLY C 1054 14.83 54.54 26.15
N VAL C 1055 14.91 53.23 25.92
CA VAL C 1055 13.73 52.35 25.94
C VAL C 1055 12.99 52.41 27.28
N ASP C 1056 13.77 52.41 28.36
CA ASP C 1056 13.19 52.44 29.70
C ASP C 1056 12.36 53.71 29.93
N ILE C 1057 12.92 54.85 29.55
CA ILE C 1057 12.22 56.14 29.70
C ILE C 1057 10.96 56.19 28.85
N ARG C 1058 11.08 55.79 27.59
CA ARG C 1058 9.94 55.77 26.68
C ARG C 1058 8.76 55.00 27.26
N HIS C 1059 9.05 53.82 27.79
CA HIS C 1059 8.02 52.97 28.38
C HIS C 1059 7.38 53.60 29.61
N LYS C 1060 8.20 54.21 30.47
CA LYS C 1060 7.68 54.87 31.66
C LYS C 1060 6.81 56.09 31.31
N VAL C 1061 7.21 56.82 30.28
CA VAL C 1061 6.44 57.96 29.78
C VAL C 1061 5.10 57.53 29.18
N LEU C 1062 5.15 56.54 28.30
CA LEU C 1062 3.95 56.01 27.66
C LEU C 1062 2.96 55.52 28.72
N ASP C 1063 3.47 54.99 29.81
CA ASP C 1063 2.62 54.46 30.87
C ASP C 1063 1.85 55.55 31.60
N LYS C 1064 2.33 56.80 31.50
CA LYS C 1064 1.71 57.92 32.19
C LYS C 1064 0.60 58.53 31.35
N VAL C 1065 0.55 58.11 30.08
CA VAL C 1065 -0.38 58.66 29.12
C VAL C 1065 -1.55 57.68 28.89
N ASN C 1066 -2.72 58.21 28.52
CA ASN C 1066 -3.87 57.36 28.25
C ASN C 1066 -3.75 56.55 26.96
N LEU C 1067 -3.62 55.23 27.10
CA LEU C 1067 -3.44 54.34 25.97
C LEU C 1067 -4.60 53.36 25.85
N SER C 1068 -5.01 53.10 24.61
CA SER C 1068 -5.89 51.98 24.31
C SER C 1068 -5.12 50.99 23.44
N ILE C 1069 -5.07 49.74 23.87
CA ILE C 1069 -4.26 48.74 23.17
C ILE C 1069 -5.14 47.66 22.55
N ASP C 1070 -5.08 47.55 21.24
CA ASP C 1070 -5.80 46.50 20.52
C ASP C 1070 -4.89 45.85 19.47
N GLN C 1071 -3.80 45.28 19.94
CA GLN C 1071 -2.88 44.55 19.06
C GLN C 1071 -3.41 43.15 18.73
N MET C 1072 -4.08 42.53 19.69
CA MET C 1072 -4.64 41.20 19.49
C MET C 1072 -6.08 41.34 19.00
N ALA C 1073 -6.20 41.75 17.75
CA ALA C 1073 -7.45 42.30 17.23
C ALA C 1073 -8.40 41.26 16.66
N ALA C 1074 -9.68 41.67 16.61
CA ALA C 1074 -10.79 41.01 15.92
C ALA C 1074 -12.08 41.40 16.62
N VAL C 1075 -12.09 41.25 17.95
CA VAL C 1075 -13.31 41.39 18.74
C VAL C 1075 -13.65 42.84 19.06
N GLY C 1076 -12.64 43.69 19.17
CA GLY C 1076 -12.85 45.07 19.55
C GLY C 1076 -12.95 45.20 21.06
N ALA C 1077 -12.02 44.57 21.77
CA ALA C 1077 -11.97 44.67 23.22
C ALA C 1077 -10.60 45.17 23.65
N PRO C 1078 -10.37 46.49 23.53
CA PRO C 1078 -9.03 47.02 23.81
C PRO C 1078 -8.75 47.12 25.30
N TYR C 1079 -7.48 46.94 25.67
CA TYR C 1079 -7.08 47.16 27.05
C TYR C 1079 -6.74 48.63 27.26
N GLN C 1080 -7.24 49.20 28.35
CA GLN C 1080 -6.95 50.58 28.72
C GLN C 1080 -5.93 50.59 29.86
N ASN C 1081 -4.86 51.38 29.71
CA ASN C 1081 -3.84 51.43 30.75
C ASN C 1081 -4.18 52.42 31.86
N ASN C 1082 -5.26 53.17 31.67
CA ASN C 1082 -5.69 54.18 32.64
C ASN C 1082 -4.57 55.15 33.03
N GLY C 1083 -3.71 55.50 32.08
CA GLY C 1083 -2.74 56.55 32.28
C GLY C 1083 -3.49 57.86 32.44
N LYS C 1084 -2.96 58.76 33.25
CA LYS C 1084 -3.70 59.97 33.63
C LYS C 1084 -3.49 61.17 32.73
N ILE C 1085 -2.37 61.22 32.02
CA ILE C 1085 -2.11 62.34 31.11
C ILE C 1085 -2.93 62.19 29.83
N ASP C 1086 -3.77 63.19 29.55
CA ASP C 1086 -4.72 63.13 28.46
C ASP C 1086 -4.14 63.71 27.18
N LEU C 1087 -3.83 62.85 26.21
CA LEU C 1087 -3.31 63.31 24.94
C LEU C 1087 -4.34 63.24 23.80
N SER C 1088 -5.61 63.25 24.16
CA SER C 1088 -6.68 63.30 23.16
C SER C 1088 -6.76 64.69 22.53
N ASN C 1089 -7.41 64.78 21.38
CA ASN C 1089 -7.54 66.03 20.63
C ASN C 1089 -6.20 66.66 20.26
N MET C 1090 -5.24 65.80 19.91
CA MET C 1090 -3.91 66.27 19.52
C MET C 1090 -3.45 65.54 18.26
N THR C 1091 -2.66 66.23 17.45
CA THR C 1091 -2.07 65.61 16.26
C THR C 1091 -0.88 64.76 16.68
N PRO C 1092 -0.43 63.84 15.81
CA PRO C 1092 0.80 63.10 16.11
C PRO C 1092 1.96 64.02 16.44
N GLU C 1093 2.05 65.17 15.78
CA GLU C 1093 3.13 66.12 16.06
C GLU C 1093 3.02 66.68 17.46
N GLN C 1094 1.81 67.08 17.84
CA GLN C 1094 1.55 67.61 19.17
C GLN C 1094 1.80 66.57 20.27
N GLN C 1095 1.40 65.33 20.01
CA GLN C 1095 1.59 64.26 20.98
C GLN C 1095 3.07 63.97 21.17
N ALA C 1096 3.80 63.89 20.06
CA ALA C 1096 5.24 63.67 20.10
C ALA C 1096 5.94 64.73 20.97
N ASP C 1097 5.53 65.99 20.82
CA ASP C 1097 6.13 67.07 21.59
C ASP C 1097 5.89 66.90 23.10
N GLU C 1098 4.67 66.52 23.46
CA GLU C 1098 4.34 66.35 24.87
C GLU C 1098 5.00 65.12 25.48
N LEU C 1099 5.08 64.05 24.71
CA LEU C 1099 5.79 62.85 25.15
C LEU C 1099 7.27 63.15 25.39
N ASN C 1100 7.84 63.97 24.52
CA ASN C 1100 9.25 64.35 24.66
C ASN C 1100 9.51 65.27 25.84
N LYS C 1101 8.55 66.12 26.17
CA LYS C 1101 8.64 66.92 27.39
C LYS C 1101 8.67 66.00 28.60
N LEU C 1102 7.82 64.97 28.58
CA LEU C 1102 7.80 63.96 29.63
C LEU C 1102 9.10 63.15 29.65
N PHE C 1103 9.64 62.89 28.46
CA PHE C 1103 10.91 62.19 28.32
C PHE C 1103 12.02 62.96 29.03
N ARG C 1104 12.18 64.22 28.68
CA ARG C 1104 13.23 65.06 29.27
C ARG C 1104 13.01 65.22 30.77
N GLU C 1105 11.74 65.29 31.15
CA GLU C 1105 11.35 65.44 32.54
C GLU C 1105 11.69 64.17 33.34
N GLU C 1106 11.48 63.02 32.71
CA GLU C 1106 11.80 61.75 33.34
C GLU C 1106 13.31 61.55 33.39
N LEU C 1107 13.99 62.02 32.36
CA LEU C 1107 15.45 61.94 32.27
C LEU C 1107 16.09 62.73 33.40
N GLU C 1108 15.45 63.82 33.80
CA GLU C 1108 15.95 64.67 34.87
C GLU C 1108 15.62 64.13 36.25
N ALA C 1109 14.57 63.31 36.33
CA ALA C 1109 14.19 62.67 37.57
C ALA C 1109 15.26 61.66 37.97
N ARG C 1110 16.00 61.19 36.98
CA ARG C 1110 17.06 60.22 37.19
C ARG C 1110 18.42 60.88 37.30
N LYS C 1111 18.65 61.93 36.50
CA LYS C 1111 19.87 62.72 36.61
C LYS C 1111 19.84 63.53 37.90
N GLN C 1112 19.51 62.86 39.00
CA GLN C 1112 19.27 63.51 40.28
C GLN C 1112 19.03 62.44 41.33
#